data_2N5H
#
_entry.id   2N5H
#
loop_
_entity.id
_entity.type
_entity.pdbx_description
1 polymer 'Peptidyl carrier protein PltL'
2 non-polymer "4'-PHOSPHOPANTETHEINE"
#
_entity_poly.entity_id   1
_entity_poly.type   'polypeptide(L)'
_entity_poly.pdbx_seq_one_letter_code
;MDGEEVKEKIRRYIMEDLIGPSAKEDELDDQTPLLEWGILNSMNIVKLMVYIRDEMGVSIPSTHITGKYFKDLNAISRTV
EQLKAESALE
;
_entity_poly.pdbx_strand_id   A
#
# COMPACT_ATOMS: atom_id res chain seq x y z
N MET A 1 8.24 10.37 3.48
CA MET A 1 9.70 10.42 3.74
C MET A 1 9.94 10.03 5.20
N ASP A 2 9.67 8.75 5.48
CA ASP A 2 9.55 8.20 6.83
C ASP A 2 9.55 6.66 6.77
N GLY A 3 8.80 6.11 5.78
CA GLY A 3 8.61 4.68 5.61
C GLY A 3 7.55 4.13 6.55
N GLU A 4 7.87 4.19 7.86
CA GLU A 4 7.06 3.60 8.96
C GLU A 4 5.62 4.16 9.07
N GLU A 5 5.48 5.50 8.95
CA GLU A 5 4.18 6.19 9.10
C GLU A 5 3.25 5.78 7.95
N VAL A 6 3.82 5.79 6.74
CA VAL A 6 3.17 5.33 5.50
C VAL A 6 2.68 3.89 5.66
N LYS A 7 3.60 3.00 6.08
CA LYS A 7 3.35 1.54 6.20
C LYS A 7 2.22 1.21 7.17
N GLU A 8 2.27 1.80 8.37
CA GLU A 8 1.33 1.53 9.45
C GLU A 8 -0.10 1.97 9.05
N LYS A 9 -0.19 3.11 8.35
CA LYS A 9 -1.47 3.61 7.79
C LYS A 9 -2.10 2.59 6.82
N ILE A 10 -1.32 2.20 5.82
CA ILE A 10 -1.77 1.34 4.71
C ILE A 10 -2.16 -0.05 5.21
N ARG A 11 -1.24 -0.64 6.03
CA ARG A 11 -1.34 -2.02 6.52
C ARG A 11 -2.62 -2.18 7.34
N ARG A 12 -2.94 -1.13 8.12
CA ARG A 12 -4.08 -1.13 9.03
C ARG A 12 -5.38 -0.96 8.24
N TYR A 13 -5.33 -0.18 7.14
CA TYR A 13 -6.48 -0.01 6.22
C TYR A 13 -6.84 -1.34 5.52
N ILE A 14 -5.79 -2.15 5.25
CA ILE A 14 -5.97 -3.50 4.69
C ILE A 14 -6.75 -4.39 5.68
N MET A 15 -6.53 -4.14 6.98
CA MET A 15 -7.19 -4.86 8.07
C MET A 15 -8.63 -4.37 8.29
N GLU A 16 -8.83 -3.04 8.16
CA GLU A 16 -10.14 -2.38 8.40
C GLU A 16 -11.11 -2.70 7.28
N ASP A 17 -10.78 -2.20 6.08
CA ASP A 17 -11.67 -2.17 4.92
C ASP A 17 -11.55 -3.45 4.09
N LEU A 18 -10.33 -3.73 3.61
CA LEU A 18 -10.07 -4.68 2.52
C LEU A 18 -10.42 -6.14 2.87
N ILE A 19 -9.76 -6.69 3.91
CA ILE A 19 -9.92 -8.11 4.27
C ILE A 19 -11.17 -8.31 5.14
N GLY A 20 -11.01 -8.23 6.47
CA GLY A 20 -12.12 -8.49 7.40
C GLY A 20 -11.77 -9.62 8.38
N PRO A 21 -11.79 -10.94 7.94
CA PRO A 21 -11.57 -12.08 8.84
C PRO A 21 -10.08 -12.37 9.11
N SER A 22 -9.27 -12.48 8.03
CA SER A 22 -7.81 -12.75 8.10
C SER A 22 -7.04 -11.43 8.36
N ALA A 23 -7.44 -10.71 9.42
CA ALA A 23 -6.91 -9.38 9.74
C ALA A 23 -6.91 -9.12 11.25
N LYS A 24 -6.40 -10.11 11.99
CA LYS A 24 -6.12 -10.01 13.44
C LYS A 24 -4.96 -9.00 13.68
N GLU A 25 -4.74 -8.62 14.96
CA GLU A 25 -3.79 -7.57 15.42
C GLU A 25 -2.42 -7.56 14.69
N ASP A 26 -1.91 -8.75 14.35
CA ASP A 26 -0.58 -8.93 13.69
C ASP A 26 -0.65 -9.94 12.54
N GLU A 27 -1.83 -10.04 11.90
CA GLU A 27 -1.98 -10.83 10.67
C GLU A 27 -1.20 -10.15 9.54
N LEU A 28 -1.50 -8.86 9.32
CA LEU A 28 -0.77 -8.05 8.34
C LEU A 28 0.50 -7.53 9.03
N ASP A 29 1.62 -8.08 8.59
CA ASP A 29 2.96 -7.72 9.05
C ASP A 29 3.61 -6.76 8.05
N ASP A 30 4.74 -6.21 8.48
CA ASP A 30 5.56 -5.26 7.73
C ASP A 30 6.11 -5.90 6.42
N GLN A 31 6.33 -7.22 6.43
CA GLN A 31 6.95 -7.94 5.30
C GLN A 31 5.98 -9.00 4.73
N THR A 32 4.70 -8.96 5.17
CA THR A 32 3.67 -9.92 4.71
C THR A 32 3.56 -9.95 3.17
N PRO A 33 3.63 -11.17 2.55
CA PRO A 33 3.47 -11.35 1.11
C PRO A 33 2.00 -11.11 0.67
N LEU A 34 1.69 -9.84 0.40
CA LEU A 34 0.34 -9.35 0.10
C LEU A 34 -0.25 -10.05 -1.15
N LEU A 35 0.62 -10.31 -2.15
CA LEU A 35 0.22 -10.97 -3.41
C LEU A 35 0.03 -12.48 -3.23
N GLU A 36 0.80 -13.10 -2.31
CA GLU A 36 0.70 -14.55 -2.04
C GLU A 36 -0.57 -14.85 -1.23
N TRP A 37 -0.99 -13.86 -0.42
CA TRP A 37 -2.29 -13.86 0.25
C TRP A 37 -3.42 -13.61 -0.78
N GLY A 38 -3.05 -12.97 -1.91
CA GLY A 38 -3.97 -12.71 -3.03
C GLY A 38 -5.00 -11.66 -2.71
N ILE A 39 -4.72 -10.89 -1.64
CA ILE A 39 -5.61 -9.83 -1.14
C ILE A 39 -5.56 -8.62 -2.08
N LEU A 40 -4.47 -8.49 -2.88
CA LEU A 40 -4.28 -7.34 -3.79
C LEU A 40 -4.46 -7.79 -5.25
N ASN A 41 -5.55 -7.31 -5.84
CA ASN A 41 -5.92 -7.50 -7.26
C ASN A 41 -6.76 -6.26 -7.64
N SER A 42 -6.99 -6.02 -8.95
CA SER A 42 -7.65 -4.79 -9.50
C SER A 42 -8.91 -4.32 -8.70
N MET A 43 -9.68 -5.27 -8.14
CA MET A 43 -10.87 -4.98 -7.30
C MET A 43 -10.49 -4.23 -6.00
N ASN A 44 -9.46 -4.73 -5.32
CA ASN A 44 -9.02 -4.25 -3.99
C ASN A 44 -8.03 -3.08 -4.12
N ILE A 45 -7.04 -3.25 -5.01
CA ILE A 45 -5.81 -2.44 -5.04
C ILE A 45 -6.09 -0.93 -5.27
N VAL A 46 -7.26 -0.65 -5.86
CA VAL A 46 -7.72 0.70 -6.17
C VAL A 46 -8.13 1.48 -4.89
N LYS A 47 -8.63 0.75 -3.86
CA LYS A 47 -8.96 1.34 -2.55
C LYS A 47 -7.70 1.74 -1.78
N LEU A 48 -6.58 1.03 -2.05
CA LEU A 48 -5.26 1.44 -1.56
C LEU A 48 -4.75 2.62 -2.38
N MET A 49 -4.87 2.53 -3.71
CA MET A 49 -4.39 3.56 -4.64
C MET A 49 -4.96 4.95 -4.31
N VAL A 50 -6.23 4.99 -3.87
CA VAL A 50 -6.91 6.24 -3.45
C VAL A 50 -6.53 6.60 -2.00
N TYR A 51 -6.27 5.58 -1.16
CA TYR A 51 -5.89 5.77 0.25
C TYR A 51 -4.53 6.51 0.34
N ILE A 52 -3.51 5.97 -0.37
CA ILE A 52 -2.18 6.59 -0.48
C ILE A 52 -2.28 7.97 -1.17
N ARG A 53 -3.22 8.08 -2.12
CA ARG A 53 -3.45 9.31 -2.90
C ARG A 53 -3.85 10.48 -1.98
N ASP A 54 -4.83 10.23 -1.09
CA ASP A 54 -5.35 11.26 -0.17
C ASP A 54 -4.44 11.42 1.08
N GLU A 55 -4.26 10.31 1.81
CA GLU A 55 -3.59 10.29 3.13
C GLU A 55 -2.09 10.63 3.02
N MET A 56 -1.38 9.92 2.13
CA MET A 56 0.07 10.15 1.88
C MET A 56 0.27 11.32 0.90
N GLY A 57 -0.78 11.68 0.15
CA GLY A 57 -0.72 12.79 -0.82
C GLY A 57 0.03 12.41 -2.09
N VAL A 58 -0.01 11.11 -2.45
CA VAL A 58 0.83 10.53 -3.50
C VAL A 58 -0.03 9.92 -4.62
N SER A 59 0.05 10.51 -5.81
CA SER A 59 -0.67 10.02 -7.00
C SER A 59 0.09 8.81 -7.59
N ILE A 60 -0.46 7.60 -7.41
CA ILE A 60 0.12 6.37 -7.97
C ILE A 60 -0.47 6.17 -9.38
N PRO A 61 0.36 6.30 -10.47
CA PRO A 61 -0.12 6.04 -11.84
C PRO A 61 -0.48 4.54 -12.03
N SER A 62 -1.45 4.26 -12.89
CA SER A 62 -1.91 2.89 -13.18
C SER A 62 -0.78 2.01 -13.75
N THR A 63 0.13 2.65 -14.51
CA THR A 63 1.30 1.99 -15.09
C THR A 63 2.31 1.54 -14.01
N HIS A 64 2.19 2.14 -12.80
CA HIS A 64 3.04 1.79 -11.64
C HIS A 64 2.59 0.45 -11.01
N ILE A 65 1.32 0.07 -11.24
CA ILE A 65 0.70 -1.13 -10.63
C ILE A 65 1.34 -2.40 -11.24
N THR A 66 2.33 -2.92 -10.51
CA THR A 66 3.02 -4.16 -10.83
C THR A 66 3.43 -4.86 -9.52
N GLY A 67 3.69 -6.17 -9.63
CA GLY A 67 3.85 -7.05 -8.50
C GLY A 67 4.93 -6.65 -7.49
N LYS A 68 6.10 -6.27 -8.02
CA LYS A 68 7.32 -5.96 -7.22
C LYS A 68 7.09 -4.92 -6.09
N TYR A 69 6.23 -3.93 -6.37
CA TYR A 69 5.95 -2.80 -5.44
C TYR A 69 4.77 -3.13 -4.52
N PHE A 70 3.85 -3.99 -5.00
CA PHE A 70 2.65 -4.40 -4.22
C PHE A 70 2.83 -5.80 -3.61
N LYS A 71 4.11 -6.24 -3.59
CA LYS A 71 4.55 -7.54 -3.11
C LYS A 71 4.49 -7.60 -1.58
N ASP A 72 5.09 -6.60 -0.92
CA ASP A 72 5.07 -6.46 0.54
C ASP A 72 4.99 -4.98 0.92
N LEU A 73 4.74 -4.73 2.21
CA LEU A 73 4.41 -3.40 2.75
C LEU A 73 5.62 -2.43 2.69
N ASN A 74 6.85 -2.96 2.79
CA ASN A 74 8.08 -2.15 2.63
C ASN A 74 8.23 -1.69 1.17
N ALA A 75 7.92 -2.59 0.23
CA ALA A 75 7.98 -2.31 -1.21
C ALA A 75 6.88 -1.32 -1.62
N ILE A 76 5.75 -1.36 -0.89
CA ILE A 76 4.65 -0.37 -1.01
C ILE A 76 5.19 1.03 -0.69
N SER A 77 5.76 1.16 0.51
CA SER A 77 6.12 2.47 1.08
C SER A 77 7.31 3.10 0.35
N ARG A 78 8.33 2.27 0.02
CA ARG A 78 9.58 2.75 -0.61
C ARG A 78 9.30 3.46 -1.95
N THR A 79 8.29 2.94 -2.66
CA THR A 79 7.89 3.43 -3.97
C THR A 79 6.93 4.62 -3.81
N VAL A 80 6.18 4.65 -2.68
CA VAL A 80 5.31 5.80 -2.32
C VAL A 80 6.17 7.04 -2.11
N GLU A 81 7.36 6.87 -1.52
CA GLU A 81 8.30 7.97 -1.26
C GLU A 81 8.95 8.45 -2.57
N GLN A 82 9.11 7.52 -3.53
CA GLN A 82 9.62 7.83 -4.87
C GLN A 82 8.57 8.63 -5.65
N LEU A 83 7.34 8.15 -5.62
CA LEU A 83 6.18 8.79 -6.28
C LEU A 83 5.80 10.11 -5.57
N LYS A 84 6.15 10.19 -4.28
CA LYS A 84 5.99 11.41 -3.46
C LYS A 84 6.97 12.48 -3.95
N ALA A 85 8.19 12.04 -4.32
CA ALA A 85 9.24 12.90 -4.88
C ALA A 85 8.79 13.44 -6.25
N GLU A 86 8.23 12.53 -7.07
CA GLU A 86 7.69 12.83 -8.41
C GLU A 86 6.56 13.88 -8.31
N SER A 87 5.63 13.64 -7.36
CA SER A 87 4.48 14.54 -7.08
C SER A 87 4.93 15.85 -6.40
N ALA A 88 6.12 15.85 -5.76
CA ALA A 88 6.68 17.04 -5.09
C ALA A 88 7.17 18.05 -6.15
N LEU A 89 7.83 17.54 -7.20
CA LEU A 89 8.28 18.35 -8.34
C LEU A 89 7.12 18.68 -9.30
N GLU A 90 6.12 17.78 -9.36
CA GLU A 90 4.97 17.90 -10.28
C GLU A 90 3.90 18.85 -9.66
N MET A 1 10.44 12.71 4.50
CA MET A 1 10.40 11.31 4.04
C MET A 1 9.96 10.41 5.20
N ASP A 2 8.98 9.55 4.94
CA ASP A 2 8.36 8.68 5.93
C ASP A 2 8.81 7.22 5.70
N GLY A 3 8.21 6.28 6.44
CA GLY A 3 8.47 4.85 6.26
C GLY A 3 7.54 4.01 7.09
N GLU A 4 7.73 4.07 8.42
CA GLU A 4 6.96 3.27 9.40
C GLU A 4 5.50 3.73 9.44
N GLU A 5 5.33 5.05 9.26
CA GLU A 5 4.04 5.73 9.23
C GLU A 5 3.23 5.22 8.03
N VAL A 6 3.88 5.22 6.86
CA VAL A 6 3.28 4.75 5.60
C VAL A 6 2.81 3.30 5.76
N LYS A 7 3.70 2.46 6.31
CA LYS A 7 3.48 1.02 6.47
C LYS A 7 2.30 0.73 7.41
N GLU A 8 2.25 1.36 8.60
CA GLU A 8 1.20 1.08 9.60
C GLU A 8 -0.19 1.57 9.11
N LYS A 9 -0.21 2.72 8.39
CA LYS A 9 -1.44 3.29 7.80
C LYS A 9 -2.05 2.31 6.80
N ILE A 10 -1.23 1.93 5.81
CA ILE A 10 -1.66 1.09 4.70
C ILE A 10 -2.02 -0.31 5.17
N ARG A 11 -1.20 -0.89 6.09
CA ARG A 11 -1.38 -2.27 6.57
C ARG A 11 -2.71 -2.39 7.31
N ARG A 12 -3.08 -1.27 7.95
CA ARG A 12 -4.30 -1.19 8.73
C ARG A 12 -5.50 -1.10 7.81
N TYR A 13 -5.37 -0.29 6.75
CA TYR A 13 -6.44 -0.12 5.76
C TYR A 13 -6.70 -1.42 4.97
N ILE A 14 -5.65 -2.25 4.83
CA ILE A 14 -5.77 -3.58 4.24
C ILE A 14 -6.61 -4.48 5.17
N MET A 15 -6.54 -4.25 6.49
CA MET A 15 -7.35 -4.96 7.50
C MET A 15 -8.79 -4.41 7.58
N GLU A 16 -8.93 -3.10 7.29
CA GLU A 16 -10.20 -2.35 7.45
C GLU A 16 -11.14 -2.55 6.25
N ASP A 17 -10.65 -2.23 5.05
CA ASP A 17 -11.45 -2.17 3.81
C ASP A 17 -11.30 -3.46 2.96
N LEU A 18 -10.04 -3.91 2.80
CA LEU A 18 -9.68 -5.00 1.85
C LEU A 18 -10.07 -6.39 2.40
N ILE A 19 -9.48 -6.76 3.53
CA ILE A 19 -9.63 -8.09 4.15
C ILE A 19 -10.65 -8.04 5.30
N GLY A 20 -11.24 -9.20 5.63
CA GLY A 20 -12.17 -9.34 6.74
C GLY A 20 -11.69 -10.39 7.75
N PRO A 21 -12.03 -11.71 7.54
CA PRO A 21 -11.71 -12.79 8.52
C PRO A 21 -10.19 -13.02 8.73
N SER A 22 -9.39 -12.79 7.69
CA SER A 22 -7.94 -13.02 7.69
C SER A 22 -7.16 -11.77 8.17
N ALA A 23 -7.78 -10.99 9.08
CA ALA A 23 -7.22 -9.74 9.58
C ALA A 23 -7.41 -9.67 11.09
N LYS A 24 -6.65 -10.51 11.80
CA LYS A 24 -6.51 -10.47 13.25
C LYS A 24 -5.81 -9.14 13.65
N GLU A 25 -5.78 -8.78 14.97
CA GLU A 25 -5.32 -7.44 15.44
C GLU A 25 -3.99 -6.98 14.80
N ASP A 26 -3.15 -7.95 14.41
CA ASP A 26 -1.99 -7.72 13.54
C ASP A 26 -1.66 -8.98 12.73
N GLU A 27 -2.48 -9.26 11.71
CA GLU A 27 -2.19 -10.30 10.70
C GLU A 27 -1.46 -9.69 9.50
N LEU A 28 -1.43 -8.35 9.43
CA LEU A 28 -0.71 -7.60 8.40
C LEU A 28 0.56 -6.98 9.01
N ASP A 29 1.71 -7.34 8.43
CA ASP A 29 3.06 -6.97 8.92
C ASP A 29 3.89 -6.37 7.77
N ASP A 30 5.08 -5.85 8.10
CA ASP A 30 6.02 -5.23 7.17
C ASP A 30 6.44 -6.23 6.08
N GLN A 31 6.67 -7.48 6.52
CA GLN A 31 7.24 -8.53 5.69
C GLN A 31 6.19 -9.59 5.37
N THR A 32 4.91 -9.26 5.64
CA THR A 32 3.78 -10.05 5.14
C THR A 32 3.73 -9.89 3.59
N PRO A 33 3.91 -11.01 2.83
CA PRO A 33 3.90 -10.98 1.37
C PRO A 33 2.47 -10.75 0.83
N LEU A 34 2.12 -9.46 0.66
CA LEU A 34 0.77 -9.00 0.31
C LEU A 34 0.27 -9.66 -0.98
N LEU A 35 1.10 -9.57 -2.03
CA LEU A 35 0.76 -10.08 -3.37
C LEU A 35 0.69 -11.62 -3.38
N GLU A 36 1.52 -12.26 -2.52
CA GLU A 36 1.57 -13.72 -2.38
C GLU A 36 0.30 -14.23 -1.66
N TRP A 37 -0.26 -13.39 -0.76
CA TRP A 37 -1.58 -13.64 -0.13
C TRP A 37 -2.72 -13.45 -1.16
N GLY A 38 -2.44 -12.69 -2.24
CA GLY A 38 -3.44 -12.41 -3.28
C GLY A 38 -4.48 -11.39 -2.84
N ILE A 39 -4.15 -10.63 -1.79
CA ILE A 39 -5.04 -9.62 -1.19
C ILE A 39 -5.02 -8.31 -1.99
N LEU A 40 -4.05 -8.19 -2.92
CA LEU A 40 -3.90 -6.99 -3.76
C LEU A 40 -4.33 -7.32 -5.19
N ASN A 41 -5.62 -7.10 -5.45
CA ASN A 41 -6.23 -7.23 -6.79
C ASN A 41 -6.71 -5.86 -7.26
N SER A 42 -7.01 -5.76 -8.57
CA SER A 42 -7.29 -4.48 -9.25
C SER A 42 -8.53 -3.74 -8.66
N MET A 43 -9.48 -4.52 -8.11
CA MET A 43 -10.71 -3.95 -7.52
C MET A 43 -10.40 -3.21 -6.21
N ASN A 44 -9.59 -3.81 -5.34
CA ASN A 44 -9.24 -3.24 -4.02
C ASN A 44 -8.01 -2.31 -4.09
N ILE A 45 -7.20 -2.43 -5.17
CA ILE A 45 -5.92 -1.71 -5.31
C ILE A 45 -6.17 -0.18 -5.40
N VAL A 46 -7.33 0.17 -5.99
CA VAL A 46 -7.73 1.56 -6.23
C VAL A 46 -8.07 2.28 -4.91
N LYS A 47 -8.59 1.50 -3.91
CA LYS A 47 -8.87 2.03 -2.57
C LYS A 47 -7.57 2.32 -1.81
N LEU A 48 -6.49 1.58 -2.12
CA LEU A 48 -5.16 1.90 -1.58
C LEU A 48 -4.66 3.22 -2.17
N MET A 49 -4.78 3.39 -3.52
CA MET A 49 -4.31 4.61 -4.23
C MET A 49 -4.86 5.88 -3.56
N VAL A 50 -6.18 5.88 -3.32
CA VAL A 50 -6.91 7.03 -2.77
C VAL A 50 -6.61 7.23 -1.26
N TYR A 51 -6.36 6.10 -0.54
CA TYR A 51 -6.01 6.14 0.88
C TYR A 51 -4.68 6.90 1.08
N ILE A 52 -3.69 6.47 0.32
CA ILE A 52 -2.31 6.98 0.35
C ILE A 52 -2.26 8.42 -0.21
N ARG A 53 -3.16 8.68 -1.18
CA ARG A 53 -3.40 10.03 -1.74
C ARG A 53 -3.87 11.01 -0.64
N ASP A 54 -4.69 10.51 0.29
CA ASP A 54 -5.27 11.31 1.37
C ASP A 54 -4.28 11.44 2.56
N GLU A 55 -3.62 10.32 2.90
CA GLU A 55 -2.72 10.21 4.07
C GLU A 55 -1.31 10.73 3.72
N MET A 56 -0.59 9.98 2.86
CA MET A 56 0.83 10.26 2.49
C MET A 56 0.92 11.43 1.50
N GLY A 57 -0.20 11.73 0.83
CA GLY A 57 -0.26 12.78 -0.17
C GLY A 57 0.30 12.36 -1.51
N VAL A 58 0.25 11.05 -1.81
CA VAL A 58 0.68 10.51 -3.10
C VAL A 58 -0.37 9.56 -3.69
N SER A 59 -0.88 9.93 -4.86
CA SER A 59 -1.80 9.08 -5.62
C SER A 59 -0.99 8.11 -6.50
N ILE A 60 -1.19 6.80 -6.30
CA ILE A 60 -0.53 5.78 -7.10
C ILE A 60 -1.24 5.67 -8.47
N PRO A 61 -0.53 5.90 -9.60
CA PRO A 61 -1.09 5.67 -10.94
C PRO A 61 -1.29 4.16 -11.23
N SER A 62 -2.27 3.85 -12.09
CA SER A 62 -2.60 2.45 -12.45
C SER A 62 -1.45 1.80 -13.25
N THR A 63 -0.67 2.63 -13.97
CA THR A 63 0.51 2.18 -14.73
C THR A 63 1.67 1.74 -13.79
N HIS A 64 1.58 2.12 -12.51
CA HIS A 64 2.59 1.76 -11.48
C HIS A 64 2.31 0.35 -10.89
N ILE A 65 1.08 -0.17 -11.06
CA ILE A 65 0.62 -1.40 -10.37
C ILE A 65 1.36 -2.63 -10.94
N THR A 66 2.36 -3.12 -10.18
CA THR A 66 3.21 -4.26 -10.61
C THR A 66 3.79 -4.98 -9.38
N GLY A 67 4.23 -6.24 -9.60
CA GLY A 67 4.62 -7.16 -8.53
C GLY A 67 5.74 -6.66 -7.63
N LYS A 68 6.78 -6.06 -8.25
CA LYS A 68 7.99 -5.58 -7.55
C LYS A 68 7.64 -4.52 -6.47
N TYR A 69 6.64 -3.68 -6.75
CA TYR A 69 6.23 -2.59 -5.86
C TYR A 69 5.11 -2.99 -4.89
N PHE A 70 4.47 -4.16 -5.13
CA PHE A 70 3.27 -4.58 -4.38
C PHE A 70 3.43 -5.99 -3.77
N LYS A 71 4.69 -6.45 -3.68
CA LYS A 71 5.01 -7.80 -3.15
C LYS A 71 4.77 -7.87 -1.64
N ASP A 72 5.24 -6.83 -0.92
CA ASP A 72 5.14 -6.75 0.55
C ASP A 72 5.02 -5.28 0.96
N LEU A 73 4.75 -5.05 2.25
CA LEU A 73 4.44 -3.73 2.80
C LEU A 73 5.65 -2.76 2.75
N ASN A 74 6.88 -3.31 2.81
CA ASN A 74 8.12 -2.50 2.65
C ASN A 74 8.24 -1.99 1.20
N ALA A 75 7.87 -2.84 0.23
CA ALA A 75 7.90 -2.50 -1.20
C ALA A 75 6.84 -1.44 -1.54
N ILE A 76 5.72 -1.47 -0.82
CA ILE A 76 4.63 -0.48 -0.91
C ILE A 76 5.13 0.91 -0.50
N SER A 77 5.78 0.96 0.68
CA SER A 77 6.18 2.22 1.32
C SER A 77 7.36 2.87 0.60
N ARG A 78 8.34 2.03 0.16
CA ARG A 78 9.54 2.51 -0.53
C ARG A 78 9.18 3.23 -1.84
N THR A 79 8.15 2.70 -2.53
CA THR A 79 7.75 3.18 -3.84
C THR A 79 6.82 4.38 -3.68
N VAL A 80 6.15 4.48 -2.52
CA VAL A 80 5.36 5.66 -2.15
C VAL A 80 6.26 6.88 -2.09
N GLU A 81 7.41 6.74 -1.41
CA GLU A 81 8.41 7.81 -1.26
C GLU A 81 8.94 8.28 -2.62
N GLN A 82 9.10 7.32 -3.54
CA GLN A 82 9.63 7.57 -4.90
C GLN A 82 8.55 8.29 -5.76
N LEU A 83 7.31 7.76 -5.70
CA LEU A 83 6.14 8.34 -6.39
C LEU A 83 5.82 9.72 -5.85
N LYS A 84 6.06 9.92 -4.55
CA LYS A 84 5.75 11.16 -3.82
C LYS A 84 6.66 12.29 -4.32
N ALA A 85 7.91 11.88 -4.66
CA ALA A 85 8.89 12.77 -5.28
C ALA A 85 8.47 13.11 -6.73
N GLU A 86 8.13 12.07 -7.52
CA GLU A 86 7.70 12.24 -8.93
C GLU A 86 6.44 13.11 -9.04
N SER A 87 5.52 12.95 -8.07
CA SER A 87 4.24 13.66 -8.04
C SER A 87 4.47 15.16 -7.77
N ALA A 88 5.51 15.46 -6.97
CA ALA A 88 5.94 16.85 -6.68
C ALA A 88 6.62 17.47 -7.92
N LEU A 89 7.21 16.61 -8.78
CA LEU A 89 7.85 17.03 -10.04
C LEU A 89 6.85 17.07 -11.21
N GLU A 90 5.67 16.47 -11.00
CA GLU A 90 4.61 16.41 -12.01
C GLU A 90 3.95 17.81 -12.13
N MET A 1 8.51 13.02 3.80
CA MET A 1 9.22 11.73 3.72
C MET A 1 8.89 10.86 4.94
N ASP A 2 8.54 9.59 4.69
CA ASP A 2 8.20 8.61 5.73
C ASP A 2 8.10 7.20 5.12
N GLY A 3 8.79 6.23 5.76
CA GLY A 3 8.78 4.83 5.36
C GLY A 3 7.89 3.99 6.28
N GLU A 4 8.10 4.09 7.60
CA GLU A 4 7.35 3.28 8.59
C GLU A 4 5.93 3.84 8.79
N GLU A 5 5.78 5.17 8.66
CA GLU A 5 4.52 5.87 8.91
C GLU A 5 3.50 5.64 7.78
N VAL A 6 3.98 5.51 6.53
CA VAL A 6 3.14 5.10 5.39
C VAL A 6 2.79 3.60 5.53
N LYS A 7 3.77 2.77 5.96
CA LYS A 7 3.61 1.31 6.11
C LYS A 7 2.50 0.95 7.10
N GLU A 8 2.48 1.61 8.28
CA GLU A 8 1.47 1.32 9.30
C GLU A 8 0.06 1.73 8.81
N LYS A 9 -0.04 2.88 8.12
CA LYS A 9 -1.33 3.41 7.58
C LYS A 9 -1.96 2.42 6.61
N ILE A 10 -1.15 1.95 5.66
CA ILE A 10 -1.60 1.07 4.58
C ILE A 10 -1.91 -0.32 5.15
N ARG A 11 -1.02 -0.82 6.04
CA ARG A 11 -1.17 -2.16 6.65
C ARG A 11 -2.44 -2.21 7.50
N ARG A 12 -2.82 -1.06 8.06
CA ARG A 12 -4.09 -0.89 8.76
C ARG A 12 -5.27 -0.99 7.78
N TYR A 13 -5.20 -0.20 6.69
CA TYR A 13 -6.30 -0.07 5.72
C TYR A 13 -6.58 -1.38 4.95
N ILE A 14 -5.53 -2.19 4.74
CA ILE A 14 -5.67 -3.50 4.10
C ILE A 14 -6.56 -4.41 4.98
N MET A 15 -6.42 -4.25 6.30
CA MET A 15 -7.16 -5.04 7.29
C MET A 15 -8.60 -4.53 7.49
N GLU A 16 -8.82 -3.24 7.18
CA GLU A 16 -10.13 -2.57 7.34
C GLU A 16 -11.02 -2.82 6.11
N ASP A 17 -10.53 -2.37 4.96
CA ASP A 17 -11.28 -2.33 3.70
C ASP A 17 -11.09 -3.62 2.86
N LEU A 18 -9.82 -3.96 2.58
CA LEU A 18 -9.44 -5.04 1.65
C LEU A 18 -9.77 -6.42 2.24
N ILE A 19 -9.49 -6.59 3.53
CA ILE A 19 -9.77 -7.83 4.29
C ILE A 19 -10.79 -7.50 5.40
N GLY A 20 -11.41 -8.53 5.99
CA GLY A 20 -12.34 -8.35 7.09
C GLY A 20 -11.96 -9.20 8.30
N PRO A 21 -12.62 -10.37 8.51
CA PRO A 21 -12.41 -11.20 9.72
C PRO A 21 -11.13 -12.08 9.66
N SER A 22 -10.49 -12.10 8.48
CA SER A 22 -9.22 -12.83 8.26
C SER A 22 -8.01 -11.89 8.47
N ALA A 23 -8.21 -10.88 9.33
CA ALA A 23 -7.21 -9.84 9.59
C ALA A 23 -7.19 -9.52 11.08
N LYS A 24 -6.52 -10.41 11.83
CA LYS A 24 -6.24 -10.22 13.26
C LYS A 24 -5.37 -8.96 13.48
N GLU A 25 -5.40 -8.39 14.70
CA GLU A 25 -4.78 -7.08 15.05
C GLU A 25 -3.38 -6.86 14.44
N ASP A 26 -2.58 -7.94 14.34
CA ASP A 26 -1.22 -7.90 13.73
C ASP A 26 -0.96 -9.17 12.90
N GLU A 27 -1.95 -9.56 12.07
CA GLU A 27 -1.77 -10.59 11.05
C GLU A 27 -0.85 -10.06 9.96
N LEU A 28 -1.09 -8.80 9.56
CA LEU A 28 -0.22 -8.09 8.64
C LEU A 28 1.06 -7.63 9.37
N ASP A 29 2.17 -7.77 8.67
CA ASP A 29 3.53 -7.51 9.17
C ASP A 29 4.25 -6.59 8.19
N ASP A 30 5.39 -6.09 8.63
CA ASP A 30 6.23 -5.14 7.90
C ASP A 30 6.72 -5.72 6.57
N GLN A 31 6.99 -7.04 6.55
CA GLN A 31 7.56 -7.75 5.40
C GLN A 31 6.57 -8.80 4.85
N THR A 32 5.29 -8.73 5.32
CA THR A 32 4.22 -9.62 4.85
C THR A 32 4.08 -9.56 3.29
N PRO A 33 4.30 -10.74 2.61
CA PRO A 33 4.11 -10.87 1.15
C PRO A 33 2.62 -10.75 0.77
N LEU A 34 2.19 -9.53 0.45
CA LEU A 34 0.78 -9.18 0.22
C LEU A 34 0.18 -9.97 -0.99
N LEU A 35 1.04 -10.30 -1.99
CA LEU A 35 0.63 -11.08 -3.17
C LEU A 35 0.49 -12.58 -2.85
N GLU A 36 1.33 -13.06 -1.92
CA GLU A 36 1.31 -14.45 -1.43
C GLU A 36 -0.02 -14.70 -0.69
N TRP A 37 -0.45 -13.67 0.05
CA TRP A 37 -1.78 -13.65 0.71
C TRP A 37 -2.91 -13.47 -0.33
N GLY A 38 -2.57 -12.89 -1.50
CA GLY A 38 -3.53 -12.72 -2.60
C GLY A 38 -4.57 -11.65 -2.30
N ILE A 39 -4.21 -10.73 -1.40
CA ILE A 39 -5.11 -9.69 -0.90
C ILE A 39 -5.08 -8.45 -1.81
N LEU A 40 -4.10 -8.40 -2.75
CA LEU A 40 -3.94 -7.29 -3.71
C LEU A 40 -4.34 -7.72 -5.13
N ASN A 41 -5.59 -7.39 -5.49
CA ASN A 41 -6.14 -7.53 -6.85
C ASN A 41 -6.74 -6.17 -7.27
N SER A 42 -7.16 -6.06 -8.53
CA SER A 42 -7.49 -4.78 -9.19
C SER A 42 -8.80 -4.14 -8.67
N MET A 43 -9.65 -4.92 -7.96
CA MET A 43 -10.90 -4.38 -7.38
C MET A 43 -10.57 -3.57 -6.11
N ASN A 44 -9.72 -4.15 -5.24
CA ASN A 44 -9.30 -3.50 -3.98
C ASN A 44 -8.15 -2.50 -4.19
N ILE A 45 -7.45 -2.60 -5.35
CA ILE A 45 -6.27 -1.77 -5.68
C ILE A 45 -6.63 -0.26 -5.67
N VAL A 46 -7.87 0.02 -6.10
CA VAL A 46 -8.37 1.37 -6.28
C VAL A 46 -8.51 2.08 -4.94
N LYS A 47 -8.98 1.32 -3.93
CA LYS A 47 -9.17 1.84 -2.59
C LYS A 47 -7.83 2.13 -1.89
N LEU A 48 -6.76 1.41 -2.27
CA LEU A 48 -5.41 1.74 -1.83
C LEU A 48 -4.95 3.07 -2.45
N MET A 49 -5.13 3.22 -3.78
CA MET A 49 -4.70 4.45 -4.50
C MET A 49 -5.27 5.73 -3.84
N VAL A 50 -6.59 5.70 -3.61
CA VAL A 50 -7.33 6.85 -3.05
C VAL A 50 -6.94 7.10 -1.58
N TYR A 51 -6.65 6.00 -0.83
CA TYR A 51 -6.25 6.08 0.58
C TYR A 51 -4.95 6.86 0.73
N ILE A 52 -3.95 6.37 0.00
CA ILE A 52 -2.57 6.89 0.03
C ILE A 52 -2.53 8.31 -0.60
N ARG A 53 -3.46 8.56 -1.53
CA ARG A 53 -3.66 9.89 -2.15
C ARG A 53 -4.11 10.93 -1.12
N ASP A 54 -4.97 10.53 -0.17
CA ASP A 54 -5.53 11.44 0.85
C ASP A 54 -4.59 11.55 2.07
N GLU A 55 -3.96 10.42 2.43
CA GLU A 55 -3.07 10.33 3.61
C GLU A 55 -1.67 10.87 3.26
N MET A 56 -0.98 10.13 2.38
CA MET A 56 0.42 10.42 1.97
C MET A 56 0.50 11.52 0.90
N GLY A 57 -0.62 11.75 0.18
CA GLY A 57 -0.64 12.67 -0.96
C GLY A 57 -0.03 12.04 -2.20
N VAL A 58 -0.13 10.71 -2.30
CA VAL A 58 0.50 9.90 -3.34
C VAL A 58 -0.56 9.03 -4.04
N SER A 59 -0.80 9.32 -5.31
CA SER A 59 -1.68 8.50 -6.17
C SER A 59 -0.81 7.52 -6.96
N ILE A 60 -1.13 6.21 -6.87
CA ILE A 60 -0.41 5.18 -7.61
C ILE A 60 -1.08 5.05 -9.00
N PRO A 61 -0.34 5.31 -10.12
CA PRO A 61 -0.89 5.13 -11.48
C PRO A 61 -1.08 3.64 -11.83
N SER A 62 -2.00 3.37 -12.78
CA SER A 62 -2.35 2.00 -13.20
C SER A 62 -1.14 1.32 -13.90
N THR A 63 -0.29 2.12 -14.55
CA THR A 63 0.94 1.63 -15.20
C THR A 63 1.97 1.13 -14.16
N HIS A 64 1.80 1.54 -12.91
CA HIS A 64 2.72 1.19 -11.81
C HIS A 64 2.29 -0.12 -11.12
N ILE A 65 1.04 -0.58 -11.37
CA ILE A 65 0.45 -1.77 -10.72
C ILE A 65 1.18 -3.03 -11.21
N THR A 66 2.26 -3.37 -10.51
CA THR A 66 3.12 -4.52 -10.84
C THR A 66 3.36 -5.34 -9.57
N GLY A 67 3.70 -6.62 -9.77
CA GLY A 67 3.95 -7.52 -8.65
C GLY A 67 5.26 -7.25 -7.92
N LYS A 68 6.09 -6.35 -8.46
CA LYS A 68 7.38 -5.98 -7.88
C LYS A 68 7.21 -4.94 -6.75
N TYR A 69 6.29 -3.99 -6.97
CA TYR A 69 6.02 -2.87 -6.02
C TYR A 69 4.90 -3.22 -5.04
N PHE A 70 4.05 -4.20 -5.41
CA PHE A 70 2.91 -4.63 -4.56
C PHE A 70 3.21 -5.97 -3.87
N LYS A 71 4.50 -6.34 -3.86
CA LYS A 71 5.00 -7.62 -3.35
C LYS A 71 4.78 -7.76 -1.84
N ASP A 72 5.28 -6.75 -1.10
CA ASP A 72 5.18 -6.70 0.36
C ASP A 72 5.07 -5.24 0.81
N LEU A 73 4.85 -5.03 2.12
CA LEU A 73 4.58 -3.70 2.71
C LEU A 73 5.77 -2.72 2.51
N ASN A 74 7.02 -3.26 2.52
CA ASN A 74 8.22 -2.43 2.25
C ASN A 74 8.29 -2.01 0.77
N ALA A 75 7.97 -2.95 -0.14
CA ALA A 75 7.95 -2.70 -1.59
C ALA A 75 6.87 -1.65 -1.95
N ILE A 76 5.78 -1.64 -1.17
CA ILE A 76 4.72 -0.63 -1.26
C ILE A 76 5.30 0.76 -0.92
N SER A 77 5.90 0.87 0.28
CA SER A 77 6.29 2.15 0.88
C SER A 77 7.48 2.80 0.17
N ARG A 78 8.40 1.95 -0.35
CA ARG A 78 9.61 2.42 -1.06
C ARG A 78 9.22 3.19 -2.33
N THR A 79 8.15 2.71 -2.98
CA THR A 79 7.66 3.27 -4.22
C THR A 79 6.71 4.44 -3.94
N VAL A 80 6.05 4.42 -2.77
CA VAL A 80 5.25 5.56 -2.29
C VAL A 80 6.19 6.77 -2.09
N GLU A 81 7.39 6.51 -1.52
CA GLU A 81 8.45 7.53 -1.34
C GLU A 81 8.93 8.11 -2.67
N GLN A 82 9.09 7.24 -3.67
CA GLN A 82 9.49 7.65 -5.04
C GLN A 82 8.43 8.58 -5.64
N LEU A 83 7.19 8.10 -5.64
CA LEU A 83 6.01 8.83 -6.16
C LEU A 83 5.71 10.10 -5.34
N LYS A 84 6.10 10.08 -4.05
CA LYS A 84 5.93 11.23 -3.13
C LYS A 84 6.88 12.36 -3.53
N ALA A 85 8.11 11.96 -3.88
CA ALA A 85 9.16 12.87 -4.35
C ALA A 85 8.76 13.49 -5.70
N GLU A 86 8.23 12.62 -6.60
CA GLU A 86 7.75 13.03 -7.94
C GLU A 86 6.62 14.06 -7.82
N SER A 87 5.63 13.77 -6.95
CA SER A 87 4.45 14.63 -6.73
C SER A 87 4.86 15.99 -6.13
N ALA A 88 5.83 15.97 -5.20
CA ALA A 88 6.29 17.19 -4.50
C ALA A 88 7.06 18.10 -5.46
N LEU A 89 7.98 17.50 -6.23
CA LEU A 89 8.87 18.23 -7.16
C LEU A 89 8.14 18.63 -8.48
N GLU A 90 6.86 18.23 -8.62
CA GLU A 90 6.03 18.62 -9.78
C GLU A 90 5.35 19.98 -9.49
N MET A 1 4.15 10.53 9.31
CA MET A 1 3.90 10.03 7.93
C MET A 1 5.19 9.38 7.36
N ASP A 2 6.20 9.19 8.24
CA ASP A 2 7.51 8.63 7.87
C ASP A 2 7.45 7.12 7.63
N GLY A 3 8.63 6.54 7.30
CA GLY A 3 8.77 5.18 6.79
C GLY A 3 7.88 4.12 7.46
N GLU A 4 7.89 4.06 8.80
CA GLU A 4 7.12 3.06 9.56
C GLU A 4 5.64 3.47 9.65
N GLU A 5 5.40 4.79 9.85
CA GLU A 5 4.04 5.36 10.03
C GLU A 5 3.13 5.17 8.80
N VAL A 6 3.69 5.42 7.58
CA VAL A 6 2.96 5.21 6.31
C VAL A 6 2.53 3.74 6.19
N LYS A 7 3.48 2.83 6.44
CA LYS A 7 3.25 1.38 6.36
C LYS A 7 2.21 0.91 7.38
N GLU A 8 2.30 1.48 8.58
CA GLU A 8 1.39 1.21 9.71
C GLU A 8 -0.06 1.64 9.36
N LYS A 9 -0.18 2.80 8.68
CA LYS A 9 -1.48 3.31 8.17
C LYS A 9 -2.10 2.32 7.17
N ILE A 10 -1.29 1.97 6.16
CA ILE A 10 -1.72 1.12 5.04
C ILE A 10 -2.07 -0.29 5.53
N ARG A 11 -1.26 -0.83 6.47
CA ARG A 11 -1.37 -2.22 6.93
C ARG A 11 -2.65 -2.38 7.75
N ARG A 12 -3.05 -1.27 8.41
CA ARG A 12 -4.31 -1.19 9.11
C ARG A 12 -5.46 -1.12 8.11
N TYR A 13 -5.30 -0.29 7.06
CA TYR A 13 -6.33 -0.09 6.03
C TYR A 13 -6.60 -1.41 5.25
N ILE A 14 -5.58 -2.28 5.17
CA ILE A 14 -5.71 -3.61 4.56
C ILE A 14 -6.59 -4.51 5.46
N MET A 15 -6.49 -4.33 6.78
CA MET A 15 -7.30 -5.10 7.77
C MET A 15 -8.74 -4.51 7.90
N GLU A 16 -8.87 -3.20 7.59
CA GLU A 16 -10.14 -2.46 7.69
C GLU A 16 -11.00 -2.73 6.45
N ASP A 17 -10.53 -2.24 5.30
CA ASP A 17 -11.32 -2.13 4.06
C ASP A 17 -11.21 -3.37 3.16
N LEU A 18 -9.96 -3.87 3.00
CA LEU A 18 -9.63 -4.94 2.04
C LEU A 18 -10.06 -6.32 2.59
N ILE A 19 -9.48 -6.68 3.73
CA ILE A 19 -9.73 -7.95 4.43
C ILE A 19 -10.77 -7.71 5.54
N GLY A 20 -11.45 -8.76 5.96
CA GLY A 20 -12.49 -8.67 6.98
C GLY A 20 -12.23 -9.58 8.19
N PRO A 21 -12.82 -10.82 8.23
CA PRO A 21 -12.87 -11.62 9.47
C PRO A 21 -11.50 -12.17 9.92
N SER A 22 -10.68 -12.62 8.95
CA SER A 22 -9.33 -13.16 9.23
C SER A 22 -8.29 -12.04 9.05
N ALA A 23 -8.28 -11.12 10.02
CA ALA A 23 -7.30 -10.03 10.10
C ALA A 23 -7.02 -9.75 11.58
N LYS A 24 -6.35 -10.74 12.22
CA LYS A 24 -5.88 -10.70 13.62
C LYS A 24 -4.95 -9.48 13.83
N GLU A 25 -4.74 -9.12 15.12
CA GLU A 25 -4.07 -7.86 15.53
C GLU A 25 -2.79 -7.53 14.69
N ASP A 26 -2.03 -8.57 14.30
CA ASP A 26 -0.81 -8.42 13.44
C ASP A 26 -0.72 -9.54 12.38
N GLU A 27 -1.87 -9.88 11.76
CA GLU A 27 -1.89 -10.78 10.58
C GLU A 27 -1.23 -10.09 9.38
N LEU A 28 -1.28 -8.74 9.37
CA LEU A 28 -0.58 -7.89 8.40
C LEU A 28 0.73 -7.36 9.00
N ASP A 29 1.81 -7.51 8.24
CA ASP A 29 3.17 -7.07 8.60
C ASP A 29 3.76 -6.24 7.46
N ASP A 30 4.92 -5.64 7.74
CA ASP A 30 5.71 -4.84 6.80
C ASP A 30 6.24 -5.69 5.63
N GLN A 31 6.56 -6.96 5.92
CA GLN A 31 7.22 -7.87 4.97
C GLN A 31 6.28 -9.03 4.62
N THR A 32 4.98 -8.84 4.87
CA THR A 32 3.94 -9.76 4.44
C THR A 32 3.85 -9.77 2.89
N PRO A 33 4.02 -10.97 2.24
CA PRO A 33 3.88 -11.12 0.79
C PRO A 33 2.38 -10.97 0.38
N LEU A 34 1.97 -9.72 0.17
CA LEU A 34 0.58 -9.31 -0.04
C LEU A 34 -0.07 -10.01 -1.27
N LEU A 35 0.62 -9.90 -2.42
CA LEU A 35 0.17 -10.50 -3.69
C LEU A 35 0.18 -12.03 -3.65
N GLU A 36 1.19 -12.59 -2.95
CA GLU A 36 1.35 -14.05 -2.80
C GLU A 36 0.20 -14.62 -1.94
N TRP A 37 -0.24 -13.84 -0.94
CA TRP A 37 -1.42 -14.18 -0.11
C TRP A 37 -2.72 -13.95 -0.90
N GLY A 38 -2.63 -13.13 -1.98
CA GLY A 38 -3.75 -12.91 -2.90
C GLY A 38 -4.74 -11.89 -2.38
N ILE A 39 -4.34 -11.12 -1.36
CA ILE A 39 -5.22 -10.15 -0.69
C ILE A 39 -5.40 -8.87 -1.53
N LEU A 40 -4.55 -8.68 -2.57
CA LEU A 40 -4.59 -7.50 -3.44
C LEU A 40 -5.13 -7.87 -4.83
N ASN A 41 -6.46 -7.91 -4.95
CA ASN A 41 -7.16 -7.92 -6.25
C ASN A 41 -7.23 -6.48 -6.77
N SER A 42 -7.41 -6.30 -8.10
CA SER A 42 -7.37 -4.96 -8.71
C SER A 42 -8.45 -4.02 -8.13
N MET A 43 -9.59 -4.61 -7.72
CA MET A 43 -10.72 -3.87 -7.15
C MET A 43 -10.35 -3.24 -5.79
N ASN A 44 -9.64 -3.99 -4.93
CA ASN A 44 -9.25 -3.50 -3.59
C ASN A 44 -7.87 -2.80 -3.58
N ILE A 45 -7.04 -2.97 -4.65
CA ILE A 45 -5.69 -2.35 -4.70
C ILE A 45 -5.80 -0.83 -5.01
N VAL A 46 -6.84 -0.47 -5.79
CA VAL A 46 -7.14 0.93 -6.13
C VAL A 46 -7.64 1.70 -4.88
N LYS A 47 -8.19 0.94 -3.92
CA LYS A 47 -8.65 1.46 -2.61
C LYS A 47 -7.42 1.92 -1.79
N LEU A 48 -6.30 1.20 -1.95
CA LEU A 48 -5.00 1.58 -1.37
C LEU A 48 -4.49 2.88 -2.01
N MET A 49 -4.47 2.93 -3.36
CA MET A 49 -3.90 4.08 -4.09
C MET A 49 -4.55 5.42 -3.71
N VAL A 50 -5.89 5.39 -3.48
CA VAL A 50 -6.66 6.58 -3.05
C VAL A 50 -6.44 6.90 -1.55
N TYR A 51 -6.13 5.86 -0.75
CA TYR A 51 -5.82 6.00 0.68
C TYR A 51 -4.46 6.73 0.86
N ILE A 52 -3.43 6.27 0.11
CA ILE A 52 -2.09 6.90 0.11
C ILE A 52 -2.16 8.33 -0.50
N ARG A 53 -3.07 8.51 -1.49
CA ARG A 53 -3.35 9.82 -2.12
C ARG A 53 -3.85 10.84 -1.09
N ASP A 54 -4.67 10.38 -0.14
CA ASP A 54 -5.25 11.25 0.91
C ASP A 54 -4.25 11.45 2.07
N GLU A 55 -3.80 10.34 2.65
CA GLU A 55 -2.98 10.32 3.88
C GLU A 55 -1.55 10.85 3.64
N MET A 56 -0.85 10.23 2.68
CA MET A 56 0.55 10.59 2.33
C MET A 56 0.60 11.78 1.35
N GLY A 57 -0.52 12.03 0.66
CA GLY A 57 -0.58 13.07 -0.38
C GLY A 57 0.04 12.62 -1.70
N VAL A 58 0.27 11.30 -1.84
CA VAL A 58 0.96 10.69 -2.99
C VAL A 58 -0.03 9.85 -3.79
N SER A 59 -0.33 10.27 -5.03
CA SER A 59 -1.19 9.49 -5.93
C SER A 59 -0.32 8.48 -6.70
N ILE A 60 -0.63 7.18 -6.52
CA ILE A 60 0.01 6.10 -7.28
C ILE A 60 -0.76 5.91 -8.60
N PRO A 61 -0.11 6.11 -9.78
CA PRO A 61 -0.75 5.85 -11.08
C PRO A 61 -0.89 4.34 -11.37
N SER A 62 -1.88 4.02 -12.22
CA SER A 62 -2.21 2.63 -12.63
C SER A 62 -1.09 2.00 -13.47
N THR A 63 -0.30 2.85 -14.17
CA THR A 63 0.85 2.42 -14.97
C THR A 63 2.03 1.95 -14.07
N HIS A 64 1.96 2.29 -12.76
CA HIS A 64 3.00 1.93 -11.76
C HIS A 64 2.59 0.66 -10.97
N ILE A 65 1.38 0.14 -11.26
CA ILE A 65 0.84 -1.06 -10.59
C ILE A 65 1.48 -2.32 -11.19
N THR A 66 2.55 -2.74 -10.55
CA THR A 66 3.27 -3.97 -10.88
C THR A 66 3.71 -4.67 -9.58
N GLY A 67 3.89 -5.99 -9.68
CA GLY A 67 4.17 -6.83 -8.54
C GLY A 67 5.55 -6.67 -7.96
N LYS A 68 6.43 -6.00 -8.70
CA LYS A 68 7.78 -5.66 -8.23
C LYS A 68 7.73 -4.71 -7.00
N TYR A 69 6.72 -3.80 -6.99
CA TYR A 69 6.48 -2.86 -5.90
C TYR A 69 5.44 -3.40 -4.89
N PHE A 70 4.29 -3.88 -5.40
CA PHE A 70 3.13 -4.22 -4.54
C PHE A 70 3.20 -5.65 -3.96
N LYS A 71 4.37 -6.32 -4.11
CA LYS A 71 4.64 -7.65 -3.53
C LYS A 71 4.55 -7.61 -1.98
N ASP A 72 5.13 -6.55 -1.40
CA ASP A 72 5.22 -6.35 0.06
C ASP A 72 4.90 -4.90 0.38
N LEU A 73 4.37 -4.68 1.59
CA LEU A 73 4.10 -3.34 2.16
C LEU A 73 5.39 -2.49 2.21
N ASN A 74 6.51 -3.17 2.48
CA ASN A 74 7.87 -2.60 2.46
C ASN A 74 8.16 -1.97 1.09
N ALA A 75 7.90 -2.76 0.06
CA ALA A 75 8.19 -2.45 -1.33
C ALA A 75 7.15 -1.47 -1.93
N ILE A 76 5.98 -1.36 -1.28
CA ILE A 76 4.97 -0.34 -1.61
C ILE A 76 5.47 1.03 -1.14
N SER A 77 5.95 1.08 0.12
CA SER A 77 6.36 2.34 0.77
C SER A 77 7.58 2.96 0.07
N ARG A 78 8.47 2.09 -0.46
CA ARG A 78 9.67 2.51 -1.21
C ARG A 78 9.26 3.30 -2.48
N THR A 79 8.20 2.82 -3.15
CA THR A 79 7.77 3.38 -4.43
C THR A 79 6.89 4.62 -4.18
N VAL A 80 6.19 4.66 -3.03
CA VAL A 80 5.39 5.84 -2.60
C VAL A 80 6.30 7.08 -2.46
N GLU A 81 7.49 6.87 -1.88
CA GLU A 81 8.48 7.95 -1.68
C GLU A 81 8.98 8.52 -3.02
N GLN A 82 9.17 7.62 -4.01
CA GLN A 82 9.69 8.02 -5.33
C GLN A 82 8.60 8.71 -6.16
N LEU A 83 7.38 8.14 -6.14
CA LEU A 83 6.21 8.67 -6.88
C LEU A 83 5.87 10.08 -6.40
N LYS A 84 6.02 10.29 -5.09
CA LYS A 84 5.89 11.59 -4.43
C LYS A 84 6.84 12.61 -5.09
N ALA A 85 8.11 12.20 -5.25
CA ALA A 85 9.17 13.04 -5.81
C ALA A 85 8.92 13.33 -7.31
N GLU A 86 8.66 12.26 -8.10
CA GLU A 86 8.49 12.33 -9.57
C GLU A 86 7.38 13.31 -9.99
N SER A 87 6.22 13.21 -9.30
CA SER A 87 5.05 14.06 -9.57
C SER A 87 5.27 15.49 -9.01
N ALA A 88 6.04 15.61 -7.92
CA ALA A 88 6.40 16.91 -7.31
C ALA A 88 7.47 17.65 -8.15
N LEU A 89 8.20 16.91 -9.00
CA LEU A 89 9.15 17.50 -9.97
C LEU A 89 8.39 18.03 -11.21
N GLU A 90 7.19 17.49 -11.47
CA GLU A 90 6.33 17.91 -12.60
C GLU A 90 5.35 19.00 -12.11
N MET A 1 4.83 12.05 9.43
CA MET A 1 5.67 12.14 8.23
C MET A 1 6.95 11.32 8.45
N ASP A 2 6.83 9.98 8.35
CA ASP A 2 7.93 9.03 8.64
C ASP A 2 7.90 7.85 7.67
N GLY A 3 9.07 7.18 7.53
CA GLY A 3 9.21 5.98 6.69
C GLY A 3 8.42 4.78 7.24
N GLU A 4 8.40 4.62 8.56
CA GLU A 4 7.64 3.54 9.24
C GLU A 4 6.14 3.90 9.34
N GLU A 5 5.81 5.19 9.21
CA GLU A 5 4.44 5.68 9.34
C GLU A 5 3.60 5.28 8.11
N VAL A 6 4.18 5.46 6.91
CA VAL A 6 3.51 5.09 5.64
C VAL A 6 3.24 3.57 5.61
N LYS A 7 4.19 2.79 6.16
CA LYS A 7 4.05 1.34 6.30
C LYS A 7 2.83 0.99 7.18
N GLU A 8 2.76 1.60 8.38
CA GLU A 8 1.67 1.40 9.33
C GLU A 8 0.30 1.82 8.76
N LYS A 9 0.27 2.97 8.07
CA LYS A 9 -0.97 3.52 7.48
C LYS A 9 -1.60 2.51 6.49
N ILE A 10 -0.81 2.10 5.50
CA ILE A 10 -1.28 1.24 4.41
C ILE A 10 -1.65 -0.15 4.95
N ARG A 11 -0.82 -0.69 5.90
CA ARG A 11 -1.02 -2.04 6.46
C ARG A 11 -2.36 -2.11 7.19
N ARG A 12 -2.70 -1.00 7.86
CA ARG A 12 -3.85 -0.91 8.74
C ARG A 12 -5.12 -0.81 7.90
N TYR A 13 -5.04 -0.08 6.77
CA TYR A 13 -6.16 0.06 5.84
C TYR A 13 -6.54 -1.29 5.20
N ILE A 14 -5.54 -2.16 5.01
CA ILE A 14 -5.76 -3.52 4.51
C ILE A 14 -6.57 -4.33 5.56
N MET A 15 -6.40 -3.99 6.83
CA MET A 15 -7.11 -4.62 7.95
C MET A 15 -8.52 -3.99 8.16
N GLU A 16 -8.65 -2.69 7.81
CA GLU A 16 -9.88 -1.90 8.02
C GLU A 16 -10.92 -2.15 6.92
N ASP A 17 -10.50 -1.93 5.68
CA ASP A 17 -11.40 -1.92 4.50
C ASP A 17 -11.36 -3.26 3.76
N LEU A 18 -10.15 -3.68 3.35
CA LEU A 18 -9.94 -4.81 2.42
C LEU A 18 -10.34 -6.16 3.05
N ILE A 19 -9.69 -6.46 4.17
CA ILE A 19 -9.94 -7.69 4.95
C ILE A 19 -10.85 -7.34 6.15
N GLY A 20 -11.57 -8.34 6.67
CA GLY A 20 -12.49 -8.15 7.77
C GLY A 20 -12.01 -8.80 9.05
N PRO A 21 -12.62 -9.95 9.49
CA PRO A 21 -12.29 -10.59 10.77
C PRO A 21 -11.01 -11.47 10.71
N SER A 22 -10.49 -11.68 9.48
CA SER A 22 -9.25 -12.44 9.23
C SER A 22 -8.02 -11.50 9.26
N ALA A 23 -8.11 -10.43 10.07
CA ALA A 23 -7.12 -9.37 10.12
C ALA A 23 -6.76 -9.11 11.58
N LYS A 24 -5.95 -10.03 12.14
CA LYS A 24 -5.38 -9.88 13.48
C LYS A 24 -4.50 -8.64 13.52
N GLU A 25 -4.19 -8.19 14.77
CA GLU A 25 -3.28 -7.04 15.04
C GLU A 25 -2.01 -7.09 14.18
N ASP A 26 -1.50 -8.30 13.92
CA ASP A 26 -0.26 -8.49 13.14
C ASP A 26 -0.41 -9.58 12.08
N GLU A 27 -1.60 -9.65 11.46
CA GLU A 27 -1.78 -10.45 10.23
C GLU A 27 -1.08 -9.75 9.08
N LEU A 28 -1.24 -8.43 9.03
CA LEU A 28 -0.56 -7.59 8.04
C LEU A 28 0.76 -7.11 8.64
N ASP A 29 1.86 -7.61 8.07
CA ASP A 29 3.22 -7.23 8.40
C ASP A 29 3.82 -6.49 7.19
N ASP A 30 5.00 -5.89 7.39
CA ASP A 30 5.66 -5.05 6.38
C ASP A 30 6.35 -5.89 5.30
N GLN A 31 6.59 -7.16 5.61
CA GLN A 31 7.19 -8.12 4.67
C GLN A 31 6.18 -9.23 4.34
N THR A 32 4.91 -9.07 4.76
CA THR A 32 3.83 -9.96 4.37
C THR A 32 3.67 -9.94 2.83
N PRO A 33 3.73 -11.14 2.18
CA PRO A 33 3.55 -11.26 0.73
C PRO A 33 2.07 -11.05 0.37
N LEU A 34 1.67 -9.77 0.34
CA LEU A 34 0.29 -9.31 0.15
C LEU A 34 -0.32 -9.91 -1.13
N LEU A 35 0.50 -9.87 -2.19
CA LEU A 35 0.11 -10.32 -3.53
C LEU A 35 -0.07 -11.85 -3.57
N GLU A 36 0.83 -12.56 -2.87
CA GLU A 36 0.83 -14.03 -2.81
C GLU A 36 -0.32 -14.54 -1.92
N TRP A 37 -0.75 -13.70 -0.96
CA TRP A 37 -1.93 -13.96 -0.12
C TRP A 37 -3.23 -13.83 -0.95
N GLY A 38 -3.13 -13.22 -2.15
CA GLY A 38 -4.25 -13.09 -3.07
C GLY A 38 -5.23 -12.00 -2.66
N ILE A 39 -4.88 -11.23 -1.62
CA ILE A 39 -5.75 -10.18 -1.06
C ILE A 39 -5.73 -8.93 -1.96
N LEU A 40 -4.74 -8.84 -2.90
CA LEU A 40 -4.60 -7.68 -3.81
C LEU A 40 -4.97 -8.08 -5.24
N ASN A 41 -6.21 -7.80 -5.67
CA ASN A 41 -6.60 -7.82 -7.10
C ASN A 41 -6.86 -6.38 -7.54
N SER A 42 -7.36 -6.18 -8.78
CA SER A 42 -7.60 -4.84 -9.34
C SER A 42 -8.70 -4.09 -8.55
N MET A 43 -9.79 -4.80 -8.22
CA MET A 43 -10.92 -4.24 -7.47
C MET A 43 -10.51 -3.81 -6.05
N ASN A 44 -9.47 -4.46 -5.52
CA ASN A 44 -8.92 -4.19 -4.18
C ASN A 44 -7.96 -3.01 -4.22
N ILE A 45 -6.99 -3.09 -5.13
CA ILE A 45 -5.80 -2.22 -5.13
C ILE A 45 -6.15 -0.74 -5.33
N VAL A 46 -7.28 -0.48 -6.00
CA VAL A 46 -7.77 0.87 -6.26
C VAL A 46 -8.16 1.59 -4.95
N LYS A 47 -8.56 0.82 -3.91
CA LYS A 47 -8.85 1.38 -2.57
C LYS A 47 -7.55 1.77 -1.84
N LEU A 48 -6.48 1.00 -2.06
CA LEU A 48 -5.13 1.37 -1.56
C LEU A 48 -4.63 2.61 -2.30
N MET A 49 -4.82 2.62 -3.63
CA MET A 49 -4.36 3.69 -4.52
C MET A 49 -4.92 5.06 -4.08
N VAL A 50 -6.21 5.07 -3.71
CA VAL A 50 -6.91 6.30 -3.28
C VAL A 50 -6.56 6.63 -1.82
N TYR A 51 -6.34 5.59 -0.98
CA TYR A 51 -5.97 5.73 0.44
C TYR A 51 -4.68 6.56 0.57
N ILE A 52 -3.66 6.08 -0.13
CA ILE A 52 -2.32 6.67 -0.15
C ILE A 52 -2.37 8.07 -0.82
N ARG A 53 -3.29 8.23 -1.78
CA ARG A 53 -3.54 9.52 -2.44
C ARG A 53 -4.16 10.56 -1.47
N ASP A 54 -4.92 10.09 -0.47
CA ASP A 54 -5.48 10.95 0.57
C ASP A 54 -4.40 11.26 1.64
N GLU A 55 -3.89 10.20 2.27
CA GLU A 55 -2.98 10.27 3.43
C GLU A 55 -1.59 10.79 3.04
N MET A 56 -0.89 10.03 2.19
CA MET A 56 0.48 10.37 1.74
C MET A 56 0.47 11.41 0.60
N GLY A 57 -0.69 11.56 -0.05
CA GLY A 57 -0.83 12.47 -1.19
C GLY A 57 -0.20 11.93 -2.46
N VAL A 58 -0.16 10.60 -2.59
CA VAL A 58 0.51 9.90 -3.71
C VAL A 58 -0.51 9.16 -4.57
N SER A 59 -0.68 9.60 -5.82
CA SER A 59 -1.47 8.88 -6.82
C SER A 59 -0.56 7.86 -7.52
N ILE A 60 -0.77 6.56 -7.25
CA ILE A 60 0.04 5.48 -7.84
C ILE A 60 -0.51 5.21 -9.27
N PRO A 61 0.28 5.53 -10.35
CA PRO A 61 -0.18 5.34 -11.75
C PRO A 61 -0.32 3.86 -12.12
N SER A 62 -1.09 3.59 -13.20
CA SER A 62 -1.39 2.23 -13.65
C SER A 62 -0.12 1.50 -14.17
N THR A 63 0.89 2.28 -14.60
CA THR A 63 2.17 1.73 -15.06
C THR A 63 3.03 1.25 -13.87
N HIS A 64 2.77 1.78 -12.66
CA HIS A 64 3.45 1.36 -11.42
C HIS A 64 2.66 0.26 -10.68
N ILE A 65 1.50 -0.16 -11.26
CA ILE A 65 0.74 -1.30 -10.74
C ILE A 65 1.34 -2.58 -11.30
N THR A 66 2.26 -3.16 -10.52
CA THR A 66 2.97 -4.39 -10.90
C THR A 66 3.39 -5.15 -9.63
N GLY A 67 3.75 -6.43 -9.82
CA GLY A 67 4.10 -7.32 -8.71
C GLY A 67 5.41 -6.96 -8.02
N LYS A 68 6.29 -6.22 -8.72
CA LYS A 68 7.57 -5.73 -8.15
C LYS A 68 7.33 -4.79 -6.95
N TYR A 69 6.28 -3.95 -7.05
CA TYR A 69 5.93 -2.99 -6.00
C TYR A 69 4.91 -3.59 -5.01
N PHE A 70 3.86 -4.23 -5.53
CA PHE A 70 2.72 -4.67 -4.71
C PHE A 70 2.86 -6.12 -4.24
N LYS A 71 4.11 -6.60 -4.11
CA LYS A 71 4.42 -7.92 -3.52
C LYS A 71 4.32 -7.84 -1.99
N ASP A 72 4.99 -6.81 -1.41
CA ASP A 72 5.09 -6.60 0.05
C ASP A 72 4.77 -5.15 0.36
N LEU A 73 4.45 -4.89 1.63
CA LEU A 73 4.18 -3.54 2.14
C LEU A 73 5.42 -2.64 2.04
N ASN A 74 6.62 -3.22 2.23
CA ASN A 74 7.90 -2.50 2.09
C ASN A 74 8.12 -2.05 0.64
N ALA A 75 7.83 -2.97 -0.30
CA ALA A 75 7.99 -2.72 -1.73
C ALA A 75 6.96 -1.67 -2.22
N ILE A 76 5.77 -1.64 -1.56
CA ILE A 76 4.76 -0.61 -1.79
C ILE A 76 5.24 0.75 -1.25
N SER A 77 5.70 0.76 0.00
CA SER A 77 6.03 2.00 0.73
C SER A 77 7.26 2.68 0.12
N ARG A 78 8.19 1.87 -0.43
CA ARG A 78 9.44 2.39 -1.02
C ARG A 78 9.16 3.18 -2.30
N THR A 79 8.15 2.72 -3.09
CA THR A 79 7.75 3.42 -4.31
C THR A 79 6.84 4.60 -3.95
N VAL A 80 6.02 4.47 -2.88
CA VAL A 80 5.12 5.56 -2.42
C VAL A 80 5.93 6.81 -2.05
N GLU A 81 7.04 6.60 -1.31
CA GLU A 81 7.92 7.69 -0.87
C GLU A 81 8.65 8.35 -2.07
N GLN A 82 9.03 7.53 -3.05
CA GLN A 82 9.73 8.00 -4.27
C GLN A 82 8.75 8.79 -5.17
N LEU A 83 7.55 8.23 -5.36
CA LEU A 83 6.48 8.82 -6.17
C LEU A 83 5.98 10.11 -5.53
N LYS A 84 6.03 10.16 -4.19
CA LYS A 84 5.68 11.36 -3.40
C LYS A 84 6.67 12.50 -3.69
N ALA A 85 7.96 12.13 -3.78
CA ALA A 85 9.06 13.07 -4.02
C ALA A 85 9.00 13.64 -5.45
N GLU A 86 8.73 12.75 -6.42
CA GLU A 86 8.66 13.11 -7.83
C GLU A 86 7.38 13.91 -8.12
N SER A 87 6.26 13.53 -7.47
CA SER A 87 4.95 14.20 -7.59
C SER A 87 4.95 15.58 -6.89
N ALA A 88 5.91 15.80 -5.96
CA ALA A 88 6.10 17.11 -5.32
C ALA A 88 6.56 18.16 -6.36
N LEU A 89 7.43 17.72 -7.29
CA LEU A 89 7.93 18.57 -8.39
C LEU A 89 7.01 18.46 -9.63
N GLU A 90 6.30 17.33 -9.77
CA GLU A 90 5.37 17.09 -10.88
C GLU A 90 3.92 17.03 -10.35
N MET A 1 4.59 11.50 7.21
CA MET A 1 5.21 11.48 5.86
C MET A 1 6.37 10.46 5.77
N ASP A 2 6.58 9.65 6.83
CA ASP A 2 7.74 8.73 6.93
C ASP A 2 7.30 7.27 6.72
N GLY A 3 8.26 6.45 6.26
CA GLY A 3 8.00 5.07 5.77
C GLY A 3 7.25 4.16 6.73
N GLU A 4 7.64 4.15 8.01
CA GLU A 4 7.00 3.30 9.05
C GLU A 4 5.53 3.73 9.30
N GLU A 5 5.26 5.04 9.19
CA GLU A 5 3.90 5.60 9.35
C GLU A 5 3.05 5.21 8.13
N VAL A 6 3.66 5.35 6.92
CA VAL A 6 3.06 4.98 5.63
C VAL A 6 2.61 3.51 5.66
N LYS A 7 3.53 2.63 6.10
CA LYS A 7 3.29 1.19 6.19
C LYS A 7 2.16 0.85 7.17
N GLU A 8 2.18 1.49 8.36
CA GLU A 8 1.17 1.26 9.40
C GLU A 8 -0.24 1.70 8.91
N LYS A 9 -0.30 2.83 8.20
CA LYS A 9 -1.55 3.32 7.62
C LYS A 9 -2.12 2.32 6.57
N ILE A 10 -1.29 2.00 5.56
CA ILE A 10 -1.70 1.14 4.43
C ILE A 10 -2.08 -0.26 4.91
N ARG A 11 -1.24 -0.83 5.83
CA ARG A 11 -1.41 -2.20 6.33
C ARG A 11 -2.76 -2.31 7.03
N ARG A 12 -3.12 -1.22 7.72
CA ARG A 12 -4.31 -1.14 8.55
C ARG A 12 -5.55 -1.04 7.67
N TYR A 13 -5.44 -0.28 6.56
CA TYR A 13 -6.55 -0.11 5.59
C TYR A 13 -6.86 -1.44 4.88
N ILE A 14 -5.81 -2.27 4.71
CA ILE A 14 -5.95 -3.63 4.17
C ILE A 14 -6.77 -4.49 5.16
N MET A 15 -6.57 -4.24 6.46
CA MET A 15 -7.29 -4.94 7.57
C MET A 15 -8.71 -4.36 7.77
N GLU A 16 -8.89 -3.07 7.38
CA GLU A 16 -10.15 -2.32 7.58
C GLU A 16 -11.14 -2.60 6.44
N ASP A 17 -10.83 -2.07 5.24
CA ASP A 17 -11.77 -2.00 4.11
C ASP A 17 -11.79 -3.31 3.28
N LEU A 18 -10.61 -3.94 3.16
CA LEU A 18 -10.38 -5.06 2.22
C LEU A 18 -10.70 -6.41 2.88
N ILE A 19 -9.91 -6.77 3.89
CA ILE A 19 -10.01 -8.06 4.61
C ILE A 19 -10.83 -7.85 5.91
N GLY A 20 -11.26 -8.95 6.55
CA GLY A 20 -11.90 -8.90 7.86
C GLY A 20 -11.15 -9.75 8.90
N PRO A 21 -11.65 -10.98 9.25
CA PRO A 21 -11.10 -11.80 10.37
C PRO A 21 -9.74 -12.47 10.04
N SER A 22 -9.45 -12.59 8.74
CA SER A 22 -8.16 -13.14 8.23
C SER A 22 -7.00 -12.13 8.41
N ALA A 23 -7.35 -10.90 8.82
CA ALA A 23 -6.41 -9.83 9.06
C ALA A 23 -6.52 -9.42 10.51
N LYS A 24 -5.97 -10.27 11.38
CA LYS A 24 -5.89 -9.98 12.81
C LYS A 24 -4.93 -8.83 13.04
N GLU A 25 -5.03 -8.21 14.23
CA GLU A 25 -4.11 -7.15 14.69
C GLU A 25 -2.63 -7.61 14.67
N ASP A 26 -2.41 -8.95 14.57
CA ASP A 26 -1.08 -9.52 14.34
C ASP A 26 -1.18 -10.50 13.15
N GLU A 27 -1.34 -9.93 11.96
CA GLU A 27 -1.30 -10.68 10.69
C GLU A 27 -0.53 -9.88 9.62
N LEU A 28 -0.96 -8.63 9.41
CA LEU A 28 -0.34 -7.72 8.43
C LEU A 28 0.88 -7.02 9.06
N ASP A 29 1.98 -7.00 8.29
CA ASP A 29 3.28 -6.43 8.69
C ASP A 29 4.04 -5.93 7.46
N ASP A 30 5.24 -5.41 7.74
CA ASP A 30 6.10 -4.73 6.76
C ASP A 30 6.54 -5.67 5.64
N GLN A 31 6.86 -6.93 6.01
CA GLN A 31 7.48 -7.91 5.09
C GLN A 31 6.49 -9.02 4.74
N THR A 32 5.21 -8.82 5.13
CA THR A 32 4.13 -9.74 4.81
C THR A 32 3.95 -9.84 3.27
N PRO A 33 4.02 -11.09 2.69
CA PRO A 33 3.84 -11.31 1.25
C PRO A 33 2.37 -11.07 0.82
N LEU A 34 2.03 -9.80 0.61
CA LEU A 34 0.66 -9.33 0.35
C LEU A 34 0.06 -10.00 -0.90
N LEU A 35 0.83 -9.97 -1.98
CA LEU A 35 0.38 -10.44 -3.29
C LEU A 35 0.28 -11.98 -3.33
N GLU A 36 1.13 -12.64 -2.51
CA GLU A 36 1.11 -14.11 -2.33
C GLU A 36 -0.20 -14.53 -1.65
N TRP A 37 -0.62 -13.72 -0.65
CA TRP A 37 -1.89 -13.91 0.07
C TRP A 37 -3.09 -13.61 -0.86
N GLY A 38 -2.83 -12.86 -1.95
CA GLY A 38 -3.85 -12.49 -2.95
C GLY A 38 -4.84 -11.46 -2.43
N ILE A 39 -4.38 -10.69 -1.43
CA ILE A 39 -5.19 -9.66 -0.77
C ILE A 39 -5.12 -8.33 -1.53
N LEU A 40 -4.20 -8.23 -2.52
CA LEU A 40 -4.08 -7.07 -3.41
C LEU A 40 -4.57 -7.45 -4.81
N ASN A 41 -5.78 -6.98 -5.14
CA ASN A 41 -6.43 -7.25 -6.44
C ASN A 41 -6.97 -5.93 -7.02
N SER A 42 -7.36 -5.98 -8.30
CA SER A 42 -7.66 -4.78 -9.13
C SER A 42 -8.71 -3.83 -8.49
N MET A 43 -9.76 -4.41 -7.88
CA MET A 43 -10.89 -3.63 -7.35
C MET A 43 -10.59 -3.03 -5.96
N ASN A 44 -9.75 -3.71 -5.16
CA ASN A 44 -9.45 -3.25 -3.78
C ASN A 44 -8.27 -2.27 -3.77
N ILE A 45 -7.34 -2.45 -4.74
CA ILE A 45 -6.07 -1.73 -4.80
C ILE A 45 -6.27 -0.25 -5.22
N VAL A 46 -7.40 0.02 -5.88
CA VAL A 46 -7.78 1.39 -6.24
C VAL A 46 -8.23 2.17 -5.00
N LYS A 47 -8.85 1.45 -4.02
CA LYS A 47 -9.17 2.02 -2.71
C LYS A 47 -7.89 2.25 -1.91
N LEU A 48 -6.87 1.40 -2.15
CA LEU A 48 -5.53 1.59 -1.58
C LEU A 48 -4.88 2.84 -2.17
N MET A 49 -4.97 3.03 -3.50
CA MET A 49 -4.30 4.17 -4.18
C MET A 49 -4.92 5.52 -3.79
N VAL A 50 -6.25 5.57 -3.62
CA VAL A 50 -6.96 6.77 -3.17
C VAL A 50 -6.68 7.05 -1.67
N TYR A 51 -6.42 5.97 -0.92
CA TYR A 51 -6.01 6.04 0.49
C TYR A 51 -4.64 6.74 0.59
N ILE A 52 -3.70 6.22 -0.21
CA ILE A 52 -2.30 6.67 -0.24
C ILE A 52 -2.15 8.12 -0.77
N ARG A 53 -2.95 8.49 -1.78
CA ARG A 53 -2.94 9.88 -2.31
C ARG A 53 -3.46 10.88 -1.26
N ASP A 54 -4.29 10.38 -0.34
CA ASP A 54 -4.87 11.18 0.76
C ASP A 54 -3.87 11.31 1.92
N GLU A 55 -3.40 10.14 2.41
CA GLU A 55 -2.58 10.02 3.62
C GLU A 55 -1.10 10.38 3.36
N MET A 56 -0.49 9.71 2.39
CA MET A 56 0.93 9.91 2.03
C MET A 56 1.09 11.13 1.11
N GLY A 57 0.02 11.45 0.36
CA GLY A 57 0.04 12.53 -0.63
C GLY A 57 0.62 12.07 -1.97
N VAL A 58 0.45 10.77 -2.28
CA VAL A 58 1.05 10.13 -3.47
C VAL A 58 -0.03 9.57 -4.40
N SER A 59 -0.17 10.18 -5.58
CA SER A 59 -1.10 9.70 -6.62
C SER A 59 -0.43 8.56 -7.40
N ILE A 60 -0.75 7.31 -7.01
CA ILE A 60 -0.23 6.10 -7.65
C ILE A 60 -1.06 5.81 -8.93
N PRO A 61 -0.42 5.83 -10.14
CA PRO A 61 -1.08 5.45 -11.40
C PRO A 61 -1.18 3.92 -11.59
N SER A 62 -2.06 3.51 -12.52
CA SER A 62 -2.32 2.10 -12.86
C SER A 62 -1.08 1.43 -13.46
N THR A 63 -0.26 2.21 -14.18
CA THR A 63 0.99 1.74 -14.78
C THR A 63 2.02 1.31 -13.71
N HIS A 64 1.89 1.90 -12.49
CA HIS A 64 2.74 1.57 -11.33
C HIS A 64 2.31 0.23 -10.68
N ILE A 65 1.05 -0.17 -10.93
CA ILE A 65 0.45 -1.37 -10.32
C ILE A 65 1.07 -2.63 -10.93
N THR A 66 2.07 -3.16 -10.24
CA THR A 66 2.76 -4.40 -10.59
C THR A 66 3.30 -5.05 -9.32
N GLY A 67 3.50 -6.38 -9.39
CA GLY A 67 3.95 -7.17 -8.24
C GLY A 67 5.34 -6.83 -7.75
N LYS A 68 6.14 -6.19 -8.61
CA LYS A 68 7.46 -5.65 -8.26
C LYS A 68 7.35 -4.70 -7.04
N TYR A 69 6.37 -3.79 -7.09
CA TYR A 69 6.11 -2.79 -6.04
C TYR A 69 5.08 -3.30 -5.01
N PHE A 70 4.22 -4.26 -5.41
CA PHE A 70 3.07 -4.68 -4.59
C PHE A 70 3.18 -6.14 -4.13
N LYS A 71 4.43 -6.60 -3.92
CA LYS A 71 4.72 -7.93 -3.35
C LYS A 71 4.56 -7.89 -1.83
N ASP A 72 5.09 -6.83 -1.19
CA ASP A 72 5.05 -6.66 0.27
C ASP A 72 4.97 -5.17 0.60
N LEU A 73 4.73 -4.89 1.88
CA LEU A 73 4.39 -3.55 2.38
C LEU A 73 5.61 -2.60 2.38
N ASN A 74 6.85 -3.15 2.51
CA ASN A 74 8.08 -2.34 2.38
C ASN A 74 8.24 -1.87 0.93
N ALA A 75 8.00 -2.80 -0.02
CA ALA A 75 8.11 -2.52 -1.47
C ALA A 75 7.10 -1.46 -1.90
N ILE A 76 5.91 -1.50 -1.28
CA ILE A 76 4.87 -0.48 -1.49
C ILE A 76 5.34 0.89 -0.97
N SER A 77 5.80 0.93 0.28
CA SER A 77 6.14 2.19 0.96
C SER A 77 7.38 2.87 0.34
N ARG A 78 8.35 2.05 -0.08
CA ARG A 78 9.64 2.53 -0.58
C ARG A 78 9.45 3.23 -1.94
N THR A 79 8.50 2.71 -2.74
CA THR A 79 8.17 3.30 -4.04
C THR A 79 7.17 4.45 -3.89
N VAL A 80 6.36 4.43 -2.80
CA VAL A 80 5.39 5.50 -2.47
C VAL A 80 6.13 6.82 -2.18
N GLU A 81 7.17 6.73 -1.32
CA GLU A 81 7.97 7.91 -0.92
C GLU A 81 8.85 8.42 -2.07
N GLN A 82 9.18 7.51 -3.02
CA GLN A 82 9.92 7.87 -4.24
C GLN A 82 8.99 8.64 -5.18
N LEU A 83 7.80 8.04 -5.36
CA LEU A 83 6.74 8.54 -6.25
C LEU A 83 6.20 9.89 -5.74
N LYS A 84 6.34 10.11 -4.42
CA LYS A 84 5.96 11.37 -3.77
C LYS A 84 6.88 12.50 -4.24
N ALA A 85 8.21 12.22 -4.22
CA ALA A 85 9.25 13.16 -4.69
C ALA A 85 9.04 13.50 -6.19
N GLU A 86 8.69 12.46 -6.98
CA GLU A 86 8.44 12.58 -8.43
C GLU A 86 7.17 13.42 -8.69
N SER A 87 6.11 13.13 -7.92
CA SER A 87 4.79 13.78 -8.08
C SER A 87 4.76 15.19 -7.44
N ALA A 88 5.74 15.46 -6.56
CA ALA A 88 5.91 16.79 -5.93
C ALA A 88 6.64 17.75 -6.89
N LEU A 89 7.68 17.22 -7.56
CA LEU A 89 8.52 17.99 -8.49
C LEU A 89 8.03 17.89 -9.96
N GLU A 90 6.88 17.20 -10.22
CA GLU A 90 6.36 17.09 -11.60
C GLU A 90 5.75 18.44 -12.08
N MET A 1 10.35 11.85 3.49
CA MET A 1 10.56 10.41 3.34
C MET A 1 10.17 9.69 4.64
N ASP A 2 8.98 9.09 4.61
CA ASP A 2 8.26 8.61 5.78
C ASP A 2 7.85 7.15 5.51
N GLY A 3 8.87 6.30 5.35
CA GLY A 3 8.69 4.91 4.93
C GLY A 3 7.72 4.11 5.78
N GLU A 4 7.87 4.18 7.11
CA GLU A 4 7.03 3.40 8.03
C GLU A 4 5.67 4.08 8.29
N GLU A 5 5.61 5.40 8.02
CA GLU A 5 4.42 6.23 8.28
C GLU A 5 3.33 5.91 7.25
N VAL A 6 3.74 5.72 5.99
CA VAL A 6 2.83 5.30 4.91
C VAL A 6 2.43 3.81 5.11
N LYS A 7 3.42 2.95 5.46
CA LYS A 7 3.21 1.50 5.60
C LYS A 7 2.19 1.14 6.69
N GLU A 8 2.34 1.73 7.89
CA GLU A 8 1.41 1.51 9.03
C GLU A 8 -0.06 1.82 8.61
N LYS A 9 -0.23 2.93 7.87
CA LYS A 9 -1.54 3.41 7.41
C LYS A 9 -2.22 2.39 6.49
N ILE A 10 -1.43 1.80 5.58
CA ILE A 10 -1.92 0.89 4.54
C ILE A 10 -2.25 -0.44 5.21
N ARG A 11 -1.27 -0.92 5.98
CA ARG A 11 -1.31 -2.17 6.76
C ARG A 11 -2.58 -2.26 7.61
N ARG A 12 -2.93 -1.15 8.27
CA ARG A 12 -4.14 -1.07 9.09
C ARG A 12 -5.39 -0.96 8.20
N TYR A 13 -5.31 -0.18 7.11
CA TYR A 13 -6.45 0.04 6.18
C TYR A 13 -6.88 -1.27 5.48
N ILE A 14 -5.91 -2.18 5.26
CA ILE A 14 -6.17 -3.51 4.70
C ILE A 14 -7.04 -4.33 5.69
N MET A 15 -6.81 -4.10 6.98
CA MET A 15 -7.53 -4.78 8.08
C MET A 15 -8.89 -4.09 8.39
N GLU A 16 -8.98 -2.79 8.07
CA GLU A 16 -10.22 -1.98 8.26
C GLU A 16 -11.24 -2.30 7.16
N ASP A 17 -10.82 -2.04 5.92
CA ASP A 17 -11.70 -2.01 4.73
C ASP A 17 -11.69 -3.36 3.97
N LEU A 18 -10.47 -3.83 3.59
CA LEU A 18 -10.30 -4.93 2.62
C LEU A 18 -10.69 -6.32 3.20
N ILE A 19 -10.11 -6.66 4.36
CA ILE A 19 -10.24 -8.01 4.96
C ILE A 19 -11.12 -7.95 6.23
N GLY A 20 -11.65 -9.12 6.62
CA GLY A 20 -12.42 -9.29 7.86
C GLY A 20 -11.66 -10.18 8.86
N PRO A 21 -11.94 -11.53 8.92
CA PRO A 21 -11.39 -12.45 9.97
C PRO A 21 -9.87 -12.76 9.81
N SER A 22 -9.37 -12.72 8.57
CA SER A 22 -7.95 -13.00 8.25
C SER A 22 -7.06 -11.74 8.47
N ALA A 23 -7.51 -10.84 9.37
CA ALA A 23 -6.84 -9.57 9.68
C ALA A 23 -6.76 -9.37 11.19
N LYS A 24 -6.27 -10.41 11.88
CA LYS A 24 -5.90 -10.33 13.30
C LYS A 24 -4.67 -9.39 13.46
N GLU A 25 -4.38 -9.00 14.71
CA GLU A 25 -3.39 -7.94 15.07
C GLU A 25 -2.06 -8.03 14.28
N ASP A 26 -1.60 -9.26 14.01
CA ASP A 26 -0.30 -9.51 13.37
C ASP A 26 -0.43 -10.35 12.09
N GLU A 27 -1.68 -10.59 11.60
CA GLU A 27 -1.91 -11.29 10.33
C GLU A 27 -1.40 -10.44 9.18
N LEU A 28 -1.68 -9.14 9.27
CA LEU A 28 -1.09 -8.13 8.41
C LEU A 28 0.14 -7.57 9.11
N ASP A 29 1.26 -7.68 8.43
CA ASP A 29 2.56 -7.18 8.89
C ASP A 29 3.23 -6.43 7.74
N ASP A 30 4.33 -5.77 8.07
CA ASP A 30 5.17 -5.03 7.13
C ASP A 30 5.73 -5.92 6.02
N GLN A 31 6.11 -7.14 6.39
CA GLN A 31 6.87 -8.05 5.53
C GLN A 31 6.04 -9.29 5.16
N THR A 32 4.72 -9.20 5.42
CA THR A 32 3.74 -10.19 4.97
C THR A 32 3.71 -10.24 3.41
N PRO A 33 3.81 -11.46 2.79
CA PRO A 33 3.64 -11.62 1.34
C PRO A 33 2.17 -11.37 0.92
N LEU A 34 1.86 -10.09 0.68
CA LEU A 34 0.49 -9.60 0.46
C LEU A 34 -0.17 -10.26 -0.79
N LEU A 35 0.63 -10.46 -1.85
CA LEU A 35 0.17 -11.11 -3.10
C LEU A 35 -0.06 -12.62 -2.90
N GLU A 36 0.78 -13.24 -2.05
CA GLU A 36 0.71 -14.67 -1.74
C GLU A 36 -0.57 -14.99 -0.94
N TRP A 37 -0.97 -14.03 -0.09
CA TRP A 37 -2.25 -14.09 0.63
C TRP A 37 -3.44 -13.89 -0.32
N GLY A 38 -3.19 -13.25 -1.48
CA GLY A 38 -4.21 -13.01 -2.51
C GLY A 38 -5.16 -11.88 -2.12
N ILE A 39 -4.78 -11.14 -1.07
CA ILE A 39 -5.58 -10.06 -0.51
C ILE A 39 -5.47 -8.78 -1.35
N LEU A 40 -4.46 -8.75 -2.25
CA LEU A 40 -4.26 -7.63 -3.19
C LEU A 40 -4.58 -8.11 -4.62
N ASN A 41 -5.70 -7.62 -5.14
CA ASN A 41 -6.19 -7.86 -6.51
C ASN A 41 -6.50 -6.50 -7.18
N SER A 42 -6.97 -6.53 -8.43
CA SER A 42 -7.15 -5.31 -9.23
C SER A 42 -8.36 -4.46 -8.77
N MET A 43 -9.40 -5.09 -8.19
CA MET A 43 -10.61 -4.38 -7.75
C MET A 43 -10.36 -3.56 -6.48
N ASN A 44 -9.63 -4.14 -5.52
CA ASN A 44 -9.31 -3.44 -4.24
C ASN A 44 -8.00 -2.62 -4.32
N ILE A 45 -7.18 -2.82 -5.39
CA ILE A 45 -5.92 -2.06 -5.59
C ILE A 45 -6.21 -0.53 -5.64
N VAL A 46 -7.42 -0.19 -6.16
CA VAL A 46 -7.89 1.21 -6.25
C VAL A 46 -8.30 1.75 -4.85
N LYS A 47 -8.78 0.84 -3.96
CA LYS A 47 -9.14 1.20 -2.56
C LYS A 47 -7.90 1.69 -1.81
N LEU A 48 -6.76 0.99 -2.05
CA LEU A 48 -5.47 1.41 -1.53
C LEU A 48 -5.01 2.70 -2.22
N MET A 49 -5.06 2.74 -3.57
CA MET A 49 -4.56 3.92 -4.33
C MET A 49 -5.27 5.23 -3.95
N VAL A 50 -6.60 5.18 -3.69
CA VAL A 50 -7.39 6.37 -3.28
C VAL A 50 -7.07 6.77 -1.82
N TYR A 51 -6.74 5.75 -0.99
CA TYR A 51 -6.33 5.94 0.41
C TYR A 51 -5.00 6.71 0.47
N ILE A 52 -3.98 6.21 -0.27
CA ILE A 52 -2.66 6.88 -0.39
C ILE A 52 -2.82 8.26 -1.06
N ARG A 53 -3.80 8.37 -1.97
CA ARG A 53 -4.09 9.62 -2.71
C ARG A 53 -4.55 10.76 -1.77
N ASP A 54 -5.31 10.41 -0.71
CA ASP A 54 -5.77 11.41 0.29
C ASP A 54 -4.72 11.61 1.39
N GLU A 55 -4.35 10.51 2.05
CA GLU A 55 -3.48 10.51 3.24
C GLU A 55 -2.04 10.98 2.91
N MET A 56 -1.39 10.26 1.99
CA MET A 56 -0.02 10.59 1.55
C MET A 56 -0.02 11.67 0.43
N GLY A 57 -1.19 11.88 -0.21
CA GLY A 57 -1.34 12.86 -1.28
C GLY A 57 -0.75 12.40 -2.61
N VAL A 58 -0.47 11.09 -2.73
CA VAL A 58 0.29 10.51 -3.86
C VAL A 58 -0.65 9.80 -4.84
N SER A 59 -0.58 10.21 -6.12
CA SER A 59 -1.30 9.55 -7.21
C SER A 59 -0.46 8.40 -7.76
N ILE A 60 -0.91 7.16 -7.53
CA ILE A 60 -0.27 5.95 -8.07
C ILE A 60 -0.90 5.63 -9.44
N PRO A 61 -0.11 5.64 -10.54
CA PRO A 61 -0.58 5.19 -11.88
C PRO A 61 -0.57 3.65 -12.03
N SER A 62 -1.30 3.15 -13.05
CA SER A 62 -1.43 1.70 -13.32
C SER A 62 -0.09 1.07 -13.79
N THR A 63 0.84 1.91 -14.31
CA THR A 63 2.18 1.47 -14.72
C THR A 63 3.08 1.19 -13.47
N HIS A 64 2.72 1.80 -12.31
CA HIS A 64 3.38 1.54 -11.01
C HIS A 64 2.61 0.49 -10.19
N ILE A 65 1.45 0.03 -10.70
CA ILE A 65 0.80 -1.18 -10.19
C ILE A 65 1.56 -2.37 -10.75
N THR A 66 2.43 -2.95 -9.93
CA THR A 66 3.20 -4.14 -10.28
C THR A 66 3.44 -4.97 -9.02
N GLY A 67 3.58 -6.30 -9.22
CA GLY A 67 3.81 -7.25 -8.14
C GLY A 67 5.13 -7.03 -7.40
N LYS A 68 6.08 -6.38 -8.09
CA LYS A 68 7.36 -5.93 -7.51
C LYS A 68 7.14 -5.07 -6.25
N TYR A 69 6.23 -4.08 -6.37
CA TYR A 69 5.93 -3.11 -5.30
C TYR A 69 4.90 -3.65 -4.31
N PHE A 70 3.84 -4.29 -4.80
CA PHE A 70 2.74 -4.78 -3.95
C PHE A 70 3.05 -6.16 -3.36
N LYS A 71 4.32 -6.58 -3.49
CA LYS A 71 4.88 -7.79 -2.86
C LYS A 71 4.66 -7.75 -1.34
N ASP A 72 5.12 -6.63 -0.77
CA ASP A 72 5.04 -6.32 0.66
C ASP A 72 5.10 -4.80 0.83
N LEU A 73 4.85 -4.30 2.05
CA LEU A 73 4.71 -2.86 2.33
C LEU A 73 5.98 -2.06 2.08
N ASN A 74 7.16 -2.66 2.27
CA ASN A 74 8.44 -1.96 2.07
C ASN A 74 8.61 -1.57 0.59
N ALA A 75 8.12 -2.45 -0.28
CA ALA A 75 8.13 -2.27 -1.72
C ALA A 75 6.99 -1.35 -2.18
N ILE A 76 5.86 -1.35 -1.45
CA ILE A 76 4.75 -0.40 -1.71
C ILE A 76 5.21 1.03 -1.38
N SER A 77 5.84 1.20 -0.21
CA SER A 77 6.23 2.49 0.33
C SER A 77 7.33 3.14 -0.51
N ARG A 78 8.29 2.31 -0.99
CA ARG A 78 9.46 2.81 -1.73
C ARG A 78 9.04 3.55 -3.01
N THR A 79 7.94 3.09 -3.66
CA THR A 79 7.41 3.72 -4.87
C THR A 79 6.50 4.91 -4.52
N VAL A 80 5.79 4.84 -3.35
CA VAL A 80 4.90 5.93 -2.89
C VAL A 80 5.74 7.16 -2.50
N GLU A 81 6.89 6.89 -1.87
CA GLU A 81 7.83 7.91 -1.37
C GLU A 81 8.67 8.49 -2.52
N GLN A 82 8.98 7.63 -3.51
CA GLN A 82 9.61 8.07 -4.76
C GLN A 82 8.65 9.00 -5.52
N LEU A 83 7.41 8.52 -5.71
CA LEU A 83 6.33 9.26 -6.40
C LEU A 83 5.98 10.57 -5.64
N LYS A 84 6.10 10.54 -4.30
CA LYS A 84 5.82 11.70 -3.45
C LYS A 84 6.96 12.72 -3.57
N ALA A 85 8.22 12.21 -3.66
CA ALA A 85 9.42 13.04 -3.81
C ALA A 85 9.38 13.81 -5.15
N GLU A 86 9.07 13.07 -6.23
CA GLU A 86 9.01 13.60 -7.60
C GLU A 86 7.90 14.65 -7.72
N SER A 87 6.68 14.29 -7.24
CA SER A 87 5.50 15.19 -7.31
C SER A 87 5.69 16.44 -6.44
N ALA A 88 6.42 16.29 -5.32
CA ALA A 88 6.73 17.41 -4.40
C ALA A 88 7.71 18.39 -5.07
N LEU A 89 8.59 17.87 -5.96
CA LEU A 89 9.50 18.70 -6.77
C LEU A 89 8.74 19.40 -7.91
N GLU A 90 7.65 18.77 -8.39
CA GLU A 90 6.80 19.33 -9.46
C GLU A 90 5.88 20.46 -8.89
N MET A 1 8.91 13.17 10.51
CA MET A 1 8.88 12.39 9.28
C MET A 1 7.88 11.24 9.40
N ASP A 2 7.20 10.92 8.29
CA ASP A 2 6.31 9.74 8.20
C ASP A 2 7.12 8.43 8.31
N GLY A 3 7.91 8.14 7.27
CA GLY A 3 8.69 6.92 7.15
C GLY A 3 7.85 5.66 7.29
N GLU A 4 7.72 5.19 8.54
CA GLU A 4 7.13 3.88 8.89
C GLU A 4 5.60 3.98 9.04
N GLU A 5 5.07 5.20 9.34
CA GLU A 5 3.62 5.38 9.52
C GLU A 5 2.90 5.12 8.18
N VAL A 6 3.60 5.41 7.06
CA VAL A 6 3.16 5.08 5.69
C VAL A 6 2.85 3.59 5.60
N LYS A 7 3.83 2.77 6.03
CA LYS A 7 3.73 1.31 6.00
C LYS A 7 2.51 0.84 6.81
N GLU A 8 2.52 1.14 8.13
CA GLU A 8 1.48 0.65 9.05
C GLU A 8 0.06 1.17 8.68
N LYS A 9 -0.02 2.36 8.07
CA LYS A 9 -1.31 2.92 7.58
C LYS A 9 -1.90 2.02 6.49
N ILE A 10 -1.06 1.65 5.52
CA ILE A 10 -1.48 0.88 4.34
C ILE A 10 -1.87 -0.54 4.76
N ARG A 11 -1.00 -1.20 5.58
CA ARG A 11 -1.26 -2.57 6.07
C ARG A 11 -2.52 -2.60 6.94
N ARG A 12 -2.76 -1.53 7.71
CA ARG A 12 -3.94 -1.41 8.58
C ARG A 12 -5.19 -1.30 7.71
N TYR A 13 -5.12 -0.53 6.62
CA TYR A 13 -6.24 -0.34 5.69
C TYR A 13 -6.60 -1.66 4.99
N ILE A 14 -5.56 -2.50 4.76
CA ILE A 14 -5.73 -3.87 4.26
C ILE A 14 -6.51 -4.70 5.30
N MET A 15 -6.20 -4.48 6.59
CA MET A 15 -6.86 -5.16 7.73
C MET A 15 -8.33 -4.69 7.90
N GLU A 16 -8.57 -3.40 7.64
CA GLU A 16 -9.88 -2.75 7.85
C GLU A 16 -10.83 -3.04 6.67
N ASP A 17 -10.51 -2.42 5.53
CA ASP A 17 -11.39 -2.36 4.35
C ASP A 17 -11.25 -3.62 3.48
N LEU A 18 -10.01 -3.91 3.06
CA LEU A 18 -9.71 -4.97 2.06
C LEU A 18 -10.10 -6.37 2.59
N ILE A 19 -9.75 -6.65 3.86
CA ILE A 19 -10.08 -7.93 4.53
C ILE A 19 -11.26 -7.70 5.50
N GLY A 20 -10.98 -7.44 6.80
CA GLY A 20 -12.02 -7.25 7.81
C GLY A 20 -11.85 -8.18 9.02
N PRO A 21 -12.29 -9.49 8.92
CA PRO A 21 -12.38 -10.39 10.08
C PRO A 21 -11.05 -11.11 10.41
N SER A 22 -10.43 -11.76 9.40
CA SER A 22 -9.15 -12.48 9.54
C SER A 22 -7.98 -11.48 9.36
N ALA A 23 -7.93 -10.52 10.28
CA ALA A 23 -6.94 -9.43 10.24
C ALA A 23 -6.66 -8.90 11.64
N LYS A 24 -6.15 -9.82 12.49
CA LYS A 24 -5.67 -9.49 13.85
C LYS A 24 -4.38 -8.62 13.73
N GLU A 25 -3.96 -8.00 14.87
CA GLU A 25 -2.88 -6.97 14.92
C GLU A 25 -1.63 -7.32 14.09
N ASP A 26 -1.22 -8.60 14.15
CA ASP A 26 0.03 -9.07 13.52
C ASP A 26 -0.25 -10.18 12.48
N GLU A 27 -1.49 -10.23 11.97
CA GLU A 27 -1.85 -11.07 10.81
C GLU A 27 -1.29 -10.44 9.53
N LEU A 28 -1.28 -9.09 9.51
CA LEU A 28 -0.65 -8.32 8.45
C LEU A 28 0.60 -7.64 9.02
N ASP A 29 1.75 -8.14 8.59
CA ASP A 29 3.05 -7.55 8.86
C ASP A 29 3.43 -6.60 7.73
N ASP A 30 4.54 -5.89 7.94
CA ASP A 30 5.07 -4.95 6.95
C ASP A 30 5.89 -5.68 5.87
N GLN A 31 6.18 -6.96 6.09
CA GLN A 31 6.96 -7.82 5.16
C GLN A 31 6.09 -8.96 4.60
N THR A 32 4.80 -9.00 5.02
CA THR A 32 3.83 -9.99 4.53
C THR A 32 3.72 -9.94 2.98
N PRO A 33 3.91 -11.10 2.27
CA PRO A 33 3.76 -11.16 0.81
C PRO A 33 2.28 -11.01 0.40
N LEU A 34 1.86 -9.75 0.32
CA LEU A 34 0.45 -9.34 0.16
C LEU A 34 -0.17 -9.92 -1.14
N LEU A 35 0.59 -9.83 -2.23
CA LEU A 35 0.16 -10.26 -3.57
C LEU A 35 0.06 -11.80 -3.64
N GLU A 36 0.98 -12.47 -2.92
CA GLU A 36 1.02 -13.94 -2.78
C GLU A 36 -0.17 -14.43 -1.95
N TRP A 37 -0.57 -13.62 -0.95
CA TRP A 37 -1.79 -13.85 -0.15
C TRP A 37 -3.07 -13.58 -1.00
N GLY A 38 -2.91 -12.84 -2.12
CA GLY A 38 -4.02 -12.53 -3.02
C GLY A 38 -4.99 -11.52 -2.46
N ILE A 39 -4.62 -10.92 -1.31
CA ILE A 39 -5.42 -9.87 -0.63
C ILE A 39 -5.33 -8.54 -1.41
N LEU A 40 -4.35 -8.48 -2.36
CA LEU A 40 -4.23 -7.38 -3.33
C LEU A 40 -4.66 -7.90 -4.71
N ASN A 41 -5.83 -7.45 -5.14
CA ASN A 41 -6.44 -7.81 -6.45
C ASN A 41 -6.88 -6.52 -7.14
N SER A 42 -7.12 -6.61 -8.46
CA SER A 42 -7.49 -5.48 -9.37
C SER A 42 -8.52 -4.51 -8.72
N MET A 43 -9.56 -5.07 -8.09
CA MET A 43 -10.64 -4.28 -7.47
C MET A 43 -10.18 -3.52 -6.20
N ASN A 44 -9.51 -4.21 -5.28
CA ASN A 44 -9.18 -3.63 -3.96
C ASN A 44 -7.84 -2.86 -3.96
N ILE A 45 -7.03 -3.02 -5.02
CA ILE A 45 -5.71 -2.35 -5.12
C ILE A 45 -5.89 -0.82 -5.35
N VAL A 46 -7.01 -0.46 -6.02
CA VAL A 46 -7.38 0.95 -6.25
C VAL A 46 -7.88 1.61 -4.94
N LYS A 47 -8.35 0.77 -3.99
CA LYS A 47 -8.72 1.20 -2.63
C LYS A 47 -7.48 1.73 -1.89
N LEU A 48 -6.33 1.07 -2.16
CA LEU A 48 -5.04 1.53 -1.65
C LEU A 48 -4.63 2.84 -2.34
N MET A 49 -4.73 2.91 -3.69
CA MET A 49 -4.35 4.12 -4.46
C MET A 49 -5.02 5.40 -3.92
N VAL A 50 -6.33 5.29 -3.62
CA VAL A 50 -7.15 6.41 -3.10
C VAL A 50 -6.82 6.72 -1.62
N TYR A 51 -6.43 5.67 -0.86
CA TYR A 51 -6.07 5.79 0.57
C TYR A 51 -4.77 6.61 0.73
N ILE A 52 -3.72 6.19 0.00
CA ILE A 52 -2.42 6.89 -0.04
C ILE A 52 -2.61 8.32 -0.61
N ARG A 53 -3.54 8.48 -1.57
CA ARG A 53 -3.86 9.77 -2.21
C ARG A 53 -4.39 10.80 -1.17
N ASP A 54 -5.01 10.31 -0.09
CA ASP A 54 -5.47 11.15 1.02
C ASP A 54 -4.35 11.31 2.08
N GLU A 55 -3.92 10.16 2.62
CA GLU A 55 -3.00 10.08 3.78
C GLU A 55 -1.59 10.64 3.44
N MET A 56 -0.95 10.06 2.42
CA MET A 56 0.37 10.52 1.94
C MET A 56 0.24 11.69 0.93
N GLY A 57 -0.96 11.83 0.33
CA GLY A 57 -1.21 12.83 -0.71
C GLY A 57 -0.67 12.41 -2.08
N VAL A 58 -0.51 11.08 -2.27
CA VAL A 58 0.18 10.51 -3.45
C VAL A 58 -0.77 9.55 -4.20
N SER A 59 -1.01 9.84 -5.48
CA SER A 59 -1.78 8.96 -6.38
C SER A 59 -0.81 8.00 -7.09
N ILE A 60 -1.04 6.67 -6.97
CA ILE A 60 -0.22 5.65 -7.64
C ILE A 60 -0.89 5.34 -9.00
N PRO A 61 -0.24 5.72 -10.15
CA PRO A 61 -0.79 5.42 -11.49
C PRO A 61 -0.71 3.92 -11.84
N SER A 62 -1.55 3.48 -12.80
CA SER A 62 -1.66 2.07 -13.21
C SER A 62 -0.38 1.58 -13.92
N THR A 63 0.34 2.53 -14.55
CA THR A 63 1.63 2.28 -15.22
C THR A 63 2.74 1.97 -14.18
N HIS A 64 2.54 2.44 -12.93
CA HIS A 64 3.49 2.23 -11.81
C HIS A 64 3.11 0.96 -11.03
N ILE A 65 1.94 0.37 -11.35
CA ILE A 65 1.50 -0.86 -10.71
C ILE A 65 2.21 -2.03 -11.38
N THR A 66 2.91 -2.80 -10.56
CA THR A 66 3.57 -4.03 -10.97
C THR A 66 3.65 -4.96 -9.75
N GLY A 67 3.77 -6.27 -10.02
CA GLY A 67 3.85 -7.27 -8.98
C GLY A 67 5.14 -7.23 -8.17
N LYS A 68 6.08 -6.36 -8.58
CA LYS A 68 7.30 -6.06 -7.82
C LYS A 68 6.99 -5.19 -6.60
N TYR A 69 6.17 -4.14 -6.82
CA TYR A 69 5.83 -3.14 -5.79
C TYR A 69 4.73 -3.66 -4.86
N PHE A 70 3.65 -4.19 -5.42
CA PHE A 70 2.51 -4.68 -4.60
C PHE A 70 2.69 -6.15 -4.18
N LYS A 71 3.96 -6.59 -4.21
CA LYS A 71 4.39 -7.91 -3.71
C LYS A 71 4.23 -7.97 -2.19
N ASP A 72 4.76 -6.93 -1.52
CA ASP A 72 4.67 -6.77 -0.07
C ASP A 72 4.67 -5.28 0.25
N LEU A 73 4.49 -4.95 1.53
CA LEU A 73 4.27 -3.58 1.99
C LEU A 73 5.53 -2.69 1.88
N ASN A 74 6.73 -3.25 2.14
CA ASN A 74 8.02 -2.51 1.95
C ASN A 74 8.17 -2.08 0.50
N ALA A 75 7.80 -2.99 -0.41
CA ALA A 75 7.85 -2.78 -1.86
C ALA A 75 6.78 -1.76 -2.33
N ILE A 76 5.63 -1.72 -1.62
CA ILE A 76 4.59 -0.70 -1.86
C ILE A 76 5.09 0.69 -1.40
N SER A 77 5.66 0.74 -0.21
CA SER A 77 6.01 1.98 0.46
C SER A 77 7.22 2.65 -0.22
N ARG A 78 8.14 1.82 -0.81
CA ARG A 78 9.32 2.35 -1.52
C ARG A 78 8.89 3.14 -2.77
N THR A 79 7.84 2.65 -3.47
CA THR A 79 7.35 3.30 -4.68
C THR A 79 6.51 4.53 -4.30
N VAL A 80 5.75 4.46 -3.18
CA VAL A 80 4.90 5.58 -2.68
C VAL A 80 5.78 6.79 -2.29
N GLU A 81 6.86 6.52 -1.56
CA GLU A 81 7.84 7.54 -1.14
C GLU A 81 8.58 8.13 -2.36
N GLN A 82 8.84 7.27 -3.36
CA GLN A 82 9.48 7.68 -4.63
C GLN A 82 8.54 8.62 -5.40
N LEU A 83 7.27 8.18 -5.51
CA LEU A 83 6.19 8.89 -6.22
C LEU A 83 5.87 10.23 -5.55
N LYS A 84 6.09 10.30 -4.24
CA LYS A 84 5.90 11.52 -3.44
C LYS A 84 6.95 12.58 -3.81
N ALA A 85 8.17 12.10 -4.08
CA ALA A 85 9.30 12.94 -4.53
C ALA A 85 9.07 13.37 -6.00
N GLU A 86 8.66 12.39 -6.83
CA GLU A 86 8.49 12.57 -8.29
C GLU A 86 7.34 13.54 -8.63
N SER A 87 6.21 13.41 -7.90
CA SER A 87 5.02 14.30 -8.09
C SER A 87 5.33 15.73 -7.61
N ALA A 88 6.26 15.85 -6.64
CA ALA A 88 6.75 17.15 -6.14
C ALA A 88 7.76 17.77 -7.15
N LEU A 89 8.33 16.92 -8.04
CA LEU A 89 9.20 17.36 -9.16
C LEU A 89 8.38 17.55 -10.46
N GLU A 90 7.04 17.39 -10.38
CA GLU A 90 6.13 17.61 -11.53
C GLU A 90 5.10 18.69 -11.14
N MET A 1 9.84 11.97 5.12
CA MET A 1 9.63 10.59 4.61
C MET A 1 9.57 9.62 5.79
N ASP A 2 8.50 8.80 5.85
CA ASP A 2 8.24 7.87 6.98
C ASP A 2 7.73 6.55 6.43
N GLY A 3 8.62 5.79 5.79
CA GLY A 3 8.29 4.48 5.21
C GLY A 3 7.59 3.53 6.19
N GLU A 4 7.98 3.60 7.47
CA GLU A 4 7.41 2.79 8.57
C GLU A 4 5.96 3.15 8.82
N GLU A 5 5.67 4.45 8.89
CA GLU A 5 4.30 4.93 9.10
C GLU A 5 3.44 4.55 7.88
N VAL A 6 3.97 4.80 6.68
CA VAL A 6 3.33 4.47 5.39
C VAL A 6 2.87 2.98 5.37
N LYS A 7 3.75 2.10 5.86
CA LYS A 7 3.47 0.66 5.96
C LYS A 7 2.32 0.34 6.93
N GLU A 8 2.35 0.93 8.14
CA GLU A 8 1.29 0.68 9.17
C GLU A 8 -0.06 1.35 8.79
N LYS A 9 0.00 2.43 7.98
CA LYS A 9 -1.20 3.11 7.44
C LYS A 9 -1.92 2.17 6.47
N ILE A 10 -1.19 1.80 5.39
CA ILE A 10 -1.71 1.01 4.28
C ILE A 10 -2.17 -0.37 4.76
N ARG A 11 -1.33 -1.01 5.63
CA ARG A 11 -1.63 -2.35 6.19
C ARG A 11 -2.92 -2.29 7.00
N ARG A 12 -3.12 -1.17 7.72
CA ARG A 12 -4.30 -0.98 8.57
C ARG A 12 -5.56 -0.92 7.69
N TYR A 13 -5.46 -0.25 6.55
CA TYR A 13 -6.58 -0.11 5.60
C TYR A 13 -6.89 -1.46 4.91
N ILE A 14 -5.84 -2.29 4.74
CA ILE A 14 -6.00 -3.66 4.23
C ILE A 14 -6.83 -4.49 5.24
N MET A 15 -6.59 -4.23 6.54
CA MET A 15 -7.30 -4.88 7.65
C MET A 15 -8.78 -4.41 7.74
N GLU A 16 -8.97 -3.08 7.62
CA GLU A 16 -10.31 -2.43 7.76
C GLU A 16 -11.18 -2.76 6.54
N ASP A 17 -10.80 -2.19 5.40
CA ASP A 17 -11.62 -2.16 4.18
C ASP A 17 -11.47 -3.44 3.35
N LEU A 18 -10.23 -3.78 2.95
CA LEU A 18 -9.96 -4.84 1.95
C LEU A 18 -10.35 -6.24 2.47
N ILE A 19 -9.95 -6.57 3.71
CA ILE A 19 -10.27 -7.86 4.33
C ILE A 19 -11.53 -7.73 5.21
N GLY A 20 -11.36 -7.34 6.48
CA GLY A 20 -12.49 -7.22 7.41
C GLY A 20 -12.37 -8.15 8.62
N PRO A 21 -12.63 -9.49 8.48
CA PRO A 21 -12.72 -10.41 9.64
C PRO A 21 -11.33 -10.95 10.09
N SER A 22 -10.62 -11.71 9.21
CA SER A 22 -9.30 -12.29 9.53
C SER A 22 -8.20 -11.23 9.35
N ALA A 23 -8.18 -10.28 10.30
CA ALA A 23 -7.28 -9.14 10.26
C ALA A 23 -6.99 -8.68 11.68
N LYS A 24 -6.31 -9.55 12.45
CA LYS A 24 -5.71 -9.19 13.74
C LYS A 24 -4.55 -8.21 13.51
N GLU A 25 -4.11 -7.55 14.61
CA GLU A 25 -3.05 -6.52 14.59
C GLU A 25 -1.75 -7.04 13.98
N ASP A 26 -1.57 -8.38 13.96
CA ASP A 26 -0.34 -9.00 13.45
C ASP A 26 -0.61 -9.92 12.22
N GLU A 27 -1.86 -9.98 11.73
CA GLU A 27 -2.16 -10.75 10.50
C GLU A 27 -1.51 -10.07 9.29
N LEU A 28 -1.54 -8.74 9.30
CA LEU A 28 -0.84 -7.91 8.32
C LEU A 28 0.48 -7.42 8.91
N ASP A 29 1.56 -7.71 8.20
CA ASP A 29 2.93 -7.28 8.53
C ASP A 29 3.56 -6.65 7.28
N ASP A 30 4.70 -5.97 7.48
CA ASP A 30 5.41 -5.22 6.42
C ASP A 30 6.06 -6.15 5.38
N GLN A 31 6.34 -7.39 5.79
CA GLN A 31 6.93 -8.43 4.94
C GLN A 31 5.99 -9.63 4.75
N THR A 32 4.70 -9.44 5.12
CA THR A 32 3.63 -10.38 4.74
C THR A 32 3.54 -10.42 3.20
N PRO A 33 3.61 -11.63 2.58
CA PRO A 33 3.50 -11.77 1.11
C PRO A 33 2.07 -11.46 0.64
N LEU A 34 1.84 -10.17 0.35
CA LEU A 34 0.50 -9.59 0.13
C LEU A 34 -0.19 -10.21 -1.11
N LEU A 35 0.55 -10.30 -2.23
CA LEU A 35 0.02 -10.93 -3.46
C LEU A 35 -0.14 -12.46 -3.32
N GLU A 36 0.69 -13.09 -2.47
CA GLU A 36 0.63 -14.55 -2.22
C GLU A 36 -0.67 -14.88 -1.46
N TRP A 37 -1.04 -13.98 -0.53
CA TRP A 37 -2.33 -14.06 0.19
C TRP A 37 -3.51 -13.76 -0.74
N GLY A 38 -3.24 -13.04 -1.86
CA GLY A 38 -4.27 -12.68 -2.83
C GLY A 38 -5.13 -11.50 -2.38
N ILE A 39 -4.78 -10.93 -1.21
CA ILE A 39 -5.51 -9.82 -0.59
C ILE A 39 -5.36 -8.52 -1.41
N LEU A 40 -4.40 -8.49 -2.36
CA LEU A 40 -4.23 -7.38 -3.32
C LEU A 40 -4.53 -7.88 -4.75
N ASN A 41 -5.24 -7.04 -5.53
CA ASN A 41 -5.73 -7.35 -6.89
C ASN A 41 -6.27 -6.06 -7.54
N SER A 42 -6.52 -6.09 -8.85
CA SER A 42 -6.97 -4.91 -9.64
C SER A 42 -8.28 -4.29 -9.10
N MET A 43 -9.19 -5.14 -8.61
CA MET A 43 -10.49 -4.68 -8.07
C MET A 43 -10.28 -3.80 -6.83
N ASN A 44 -9.54 -4.30 -5.84
CA ASN A 44 -9.44 -3.64 -4.53
C ASN A 44 -8.29 -2.60 -4.47
N ILE A 45 -7.34 -2.67 -5.43
CA ILE A 45 -6.12 -1.83 -5.45
C ILE A 45 -6.46 -0.32 -5.49
N VAL A 46 -7.60 -0.02 -6.12
CA VAL A 46 -8.09 1.35 -6.33
C VAL A 46 -8.41 2.05 -4.98
N LYS A 47 -8.87 1.26 -3.97
CA LYS A 47 -9.14 1.79 -2.62
C LYS A 47 -7.82 2.14 -1.91
N LEU A 48 -6.74 1.38 -2.17
CA LEU A 48 -5.40 1.71 -1.66
C LEU A 48 -4.92 3.02 -2.28
N MET A 49 -5.03 3.14 -3.61
CA MET A 49 -4.56 4.33 -4.36
C MET A 49 -5.15 5.63 -3.80
N VAL A 50 -6.48 5.62 -3.59
CA VAL A 50 -7.23 6.79 -3.09
C VAL A 50 -6.96 7.02 -1.58
N TYR A 51 -6.59 5.95 -0.84
CA TYR A 51 -6.20 6.04 0.58
C TYR A 51 -4.89 6.83 0.70
N ILE A 52 -3.90 6.34 -0.05
CA ILE A 52 -2.52 6.85 -0.07
C ILE A 52 -2.46 8.27 -0.68
N ARG A 53 -3.39 8.51 -1.62
CA ARG A 53 -3.67 9.83 -2.24
C ARG A 53 -3.77 10.96 -1.18
N ASP A 54 -4.51 10.68 -0.10
CA ASP A 54 -4.74 11.64 0.99
C ASP A 54 -3.77 11.43 2.16
N GLU A 55 -3.65 10.18 2.63
CA GLU A 55 -2.90 9.82 3.85
C GLU A 55 -1.38 10.04 3.70
N MET A 56 -0.78 9.45 2.64
CA MET A 56 0.62 9.73 2.30
C MET A 56 0.72 11.07 1.54
N GLY A 57 -0.35 11.43 0.82
CA GLY A 57 -0.34 12.59 -0.07
C GLY A 57 0.34 12.28 -1.40
N VAL A 58 0.11 11.05 -1.92
CA VAL A 58 0.64 10.63 -3.23
C VAL A 58 -0.38 9.76 -3.97
N SER A 59 -0.77 10.20 -5.17
CA SER A 59 -1.58 9.42 -6.09
C SER A 59 -0.65 8.48 -6.88
N ILE A 60 -0.79 7.17 -6.67
CA ILE A 60 0.08 6.16 -7.31
C ILE A 60 -0.40 5.94 -8.77
N PRO A 61 0.50 6.09 -9.79
CA PRO A 61 0.16 5.71 -11.18
C PRO A 61 0.06 4.17 -11.34
N SER A 62 -0.85 3.73 -12.25
CA SER A 62 -1.14 2.30 -12.47
C SER A 62 0.04 1.57 -13.13
N THR A 63 0.94 2.35 -13.78
CA THR A 63 2.21 1.84 -14.34
C THR A 63 3.21 1.44 -13.22
N HIS A 64 3.06 2.04 -12.02
CA HIS A 64 3.91 1.73 -10.84
C HIS A 64 3.26 0.63 -9.97
N ILE A 65 2.07 0.14 -10.37
CA ILE A 65 1.44 -1.01 -9.71
C ILE A 65 1.99 -2.29 -10.35
N THR A 66 2.96 -2.89 -9.68
CA THR A 66 3.57 -4.15 -10.11
C THR A 66 4.00 -4.94 -8.87
N GLY A 67 4.10 -6.27 -9.01
CA GLY A 67 4.43 -7.16 -7.90
C GLY A 67 5.82 -6.95 -7.32
N LYS A 68 6.69 -6.31 -8.11
CA LYS A 68 8.03 -5.91 -7.67
C LYS A 68 7.97 -4.89 -6.50
N TYR A 69 6.91 -4.07 -6.50
CA TYR A 69 6.60 -3.16 -5.37
C TYR A 69 5.57 -3.78 -4.40
N PHE A 70 4.60 -4.53 -4.94
CA PHE A 70 3.41 -4.97 -4.16
C PHE A 70 3.52 -6.40 -3.63
N LYS A 71 4.74 -6.99 -3.65
CA LYS A 71 4.98 -8.29 -2.98
C LYS A 71 4.91 -8.10 -1.46
N ASP A 72 5.40 -6.93 -0.98
CA ASP A 72 5.36 -6.57 0.44
C ASP A 72 5.32 -5.04 0.60
N LEU A 73 4.97 -4.59 1.81
CA LEU A 73 4.77 -3.18 2.14
C LEU A 73 6.05 -2.34 2.09
N ASN A 74 7.21 -2.95 2.34
CA ASN A 74 8.48 -2.21 2.30
C ASN A 74 8.79 -1.73 0.88
N ALA A 75 8.44 -2.58 -0.11
CA ALA A 75 8.60 -2.29 -1.52
C ALA A 75 7.51 -1.29 -2.01
N ILE A 76 6.31 -1.34 -1.39
CA ILE A 76 5.22 -0.35 -1.63
C ILE A 76 5.61 1.04 -1.10
N SER A 77 6.14 1.08 0.13
CA SER A 77 6.43 2.34 0.84
C SER A 77 7.61 3.06 0.19
N ARG A 78 8.64 2.29 -0.24
CA ARG A 78 9.87 2.85 -0.80
C ARG A 78 9.60 3.56 -2.15
N THR A 79 8.66 3.01 -2.96
CA THR A 79 8.31 3.59 -4.25
C THR A 79 7.40 4.80 -4.02
N VAL A 80 6.57 4.74 -2.95
CA VAL A 80 5.64 5.82 -2.56
C VAL A 80 6.38 7.09 -2.15
N GLU A 81 7.54 6.95 -1.50
CA GLU A 81 8.36 8.10 -1.06
C GLU A 81 9.02 8.81 -2.28
N GLN A 82 9.34 8.02 -3.31
CA GLN A 82 9.87 8.53 -4.60
C GLN A 82 8.75 9.20 -5.42
N LEU A 83 7.62 8.49 -5.53
CA LEU A 83 6.41 8.95 -6.21
C LEU A 83 5.86 10.21 -5.52
N LYS A 84 6.09 10.30 -4.20
CA LYS A 84 5.67 11.44 -3.36
C LYS A 84 6.28 12.74 -3.91
N ALA A 85 7.59 12.63 -4.21
CA ALA A 85 8.41 13.73 -4.73
C ALA A 85 7.94 14.11 -6.15
N GLU A 86 7.80 13.09 -7.01
CA GLU A 86 7.45 13.27 -8.42
C GLU A 86 5.99 13.78 -8.61
N SER A 87 5.09 13.36 -7.71
CA SER A 87 3.66 13.77 -7.73
C SER A 87 3.52 15.23 -7.24
N ALA A 88 4.44 15.65 -6.34
CA ALA A 88 4.54 17.05 -5.88
C ALA A 88 5.10 17.93 -7.03
N LEU A 89 5.99 17.35 -7.85
CA LEU A 89 6.58 18.02 -9.02
C LEU A 89 5.64 17.96 -10.25
N GLU A 90 4.58 17.14 -10.18
CA GLU A 90 3.61 16.99 -11.28
C GLU A 90 2.64 18.20 -11.29
N MET A 1 6.21 11.50 6.50
CA MET A 1 7.51 11.11 5.88
C MET A 1 8.11 9.89 6.60
N ASP A 2 7.62 9.61 7.84
CA ASP A 2 8.11 8.47 8.67
C ASP A 2 7.82 7.14 7.98
N GLY A 3 8.79 6.21 8.04
CA GLY A 3 8.69 4.92 7.37
C GLY A 3 7.54 4.08 7.90
N GLU A 4 7.58 3.79 9.22
CA GLU A 4 6.57 2.94 9.90
C GLU A 4 5.16 3.52 9.78
N GLU A 5 5.06 4.86 9.62
CA GLU A 5 3.79 5.55 9.36
C GLU A 5 3.22 5.10 8.02
N VAL A 6 4.00 5.25 6.93
CA VAL A 6 3.56 4.89 5.56
C VAL A 6 3.09 3.42 5.51
N LYS A 7 3.90 2.49 6.09
CA LYS A 7 3.57 1.06 6.10
C LYS A 7 2.30 0.79 6.92
N GLU A 8 2.32 1.12 8.23
CA GLU A 8 1.24 0.78 9.17
C GLU A 8 -0.10 1.41 8.77
N LYS A 9 -0.06 2.61 8.17
CA LYS A 9 -1.25 3.30 7.62
C LYS A 9 -1.94 2.42 6.56
N ILE A 10 -1.18 2.08 5.51
CA ILE A 10 -1.68 1.30 4.38
C ILE A 10 -2.19 -0.08 4.86
N ARG A 11 -1.38 -0.72 5.74
CA ARG A 11 -1.67 -2.09 6.24
C ARG A 11 -2.88 -2.08 7.17
N ARG A 12 -3.10 -0.96 7.87
CA ARG A 12 -4.28 -0.76 8.72
C ARG A 12 -5.54 -0.86 7.85
N TYR A 13 -5.52 -0.09 6.75
CA TYR A 13 -6.64 0.02 5.82
C TYR A 13 -6.90 -1.30 5.05
N ILE A 14 -5.86 -2.15 4.93
CA ILE A 14 -5.97 -3.49 4.33
C ILE A 14 -6.78 -4.41 5.28
N MET A 15 -6.64 -4.19 6.57
CA MET A 15 -7.32 -4.98 7.62
C MET A 15 -8.75 -4.47 7.86
N GLU A 16 -8.99 -3.18 7.52
CA GLU A 16 -10.30 -2.53 7.67
C GLU A 16 -11.20 -2.82 6.44
N ASP A 17 -10.74 -2.36 5.27
CA ASP A 17 -11.51 -2.34 4.02
C ASP A 17 -11.29 -3.63 3.19
N LEU A 18 -10.04 -3.85 2.75
CA LEU A 18 -9.66 -4.91 1.78
C LEU A 18 -10.04 -6.31 2.31
N ILE A 19 -9.62 -6.58 3.54
CA ILE A 19 -9.94 -7.82 4.29
C ILE A 19 -10.82 -7.42 5.50
N GLY A 20 -11.49 -8.41 6.11
CA GLY A 20 -12.25 -8.19 7.33
C GLY A 20 -11.84 -9.18 8.44
N PRO A 21 -12.58 -10.32 8.63
CA PRO A 21 -12.39 -11.23 9.78
C PRO A 21 -11.07 -12.06 9.71
N SER A 22 -10.50 -12.23 8.50
CA SER A 22 -9.25 -12.98 8.29
C SER A 22 -8.03 -12.02 8.30
N ALA A 23 -8.13 -10.95 9.11
CA ALA A 23 -7.05 -9.99 9.31
C ALA A 23 -7.05 -9.55 10.77
N LYS A 24 -6.50 -10.43 11.61
CA LYS A 24 -6.25 -10.16 13.04
C LYS A 24 -5.05 -9.19 13.13
N GLU A 25 -4.90 -8.51 14.29
CA GLU A 25 -3.89 -7.44 14.53
C GLU A 25 -2.48 -7.81 14.03
N ASP A 26 -2.11 -9.08 14.23
CA ASP A 26 -0.76 -9.58 13.95
C ASP A 26 -0.73 -10.52 12.73
N GLU A 27 -1.79 -10.50 11.91
CA GLU A 27 -1.83 -11.26 10.63
C GLU A 27 -1.21 -10.44 9.50
N LEU A 28 -1.29 -9.11 9.60
CA LEU A 28 -0.67 -8.19 8.62
C LEU A 28 0.55 -7.54 9.27
N ASP A 29 1.70 -7.75 8.63
CA ASP A 29 2.97 -7.07 8.96
C ASP A 29 3.34 -6.12 7.82
N ASP A 30 4.48 -5.46 7.97
CA ASP A 30 5.07 -4.63 6.90
C ASP A 30 5.90 -5.50 5.94
N GLN A 31 6.27 -6.73 6.41
CA GLN A 31 7.07 -7.70 5.64
C GLN A 31 6.23 -8.97 5.35
N THR A 32 4.90 -8.81 5.35
CA THR A 32 3.96 -9.86 4.93
C THR A 32 3.81 -9.82 3.39
N PRO A 33 3.96 -10.98 2.68
CA PRO A 33 3.76 -11.07 1.22
C PRO A 33 2.27 -10.92 0.84
N LEU A 34 1.84 -9.67 0.62
CA LEU A 34 0.42 -9.31 0.36
C LEU A 34 -0.09 -9.98 -0.93
N LEU A 35 0.74 -9.82 -1.97
CA LEU A 35 0.43 -10.28 -3.33
C LEU A 35 0.37 -11.81 -3.42
N GLU A 36 1.22 -12.47 -2.60
CA GLU A 36 1.26 -13.94 -2.49
C GLU A 36 -0.04 -14.47 -1.86
N TRP A 37 -0.52 -13.76 -0.83
CA TRP A 37 -1.81 -14.04 -0.16
C TRP A 37 -3.01 -13.72 -1.10
N GLY A 38 -2.75 -12.89 -2.14
CA GLY A 38 -3.75 -12.55 -3.16
C GLY A 38 -4.74 -11.49 -2.69
N ILE A 39 -4.42 -10.83 -1.58
CA ILE A 39 -5.30 -9.83 -0.92
C ILE A 39 -5.34 -8.50 -1.70
N LEU A 40 -4.45 -8.33 -2.70
CA LEU A 40 -4.36 -7.11 -3.53
C LEU A 40 -4.92 -7.39 -4.95
N ASN A 41 -6.25 -7.60 -5.03
CA ASN A 41 -6.99 -7.65 -6.31
C ASN A 41 -7.26 -6.20 -6.77
N SER A 42 -7.51 -6.00 -8.08
CA SER A 42 -7.62 -4.66 -8.69
C SER A 42 -8.74 -3.80 -8.06
N MET A 43 -9.85 -4.47 -7.71
CA MET A 43 -11.02 -3.81 -7.11
C MET A 43 -10.68 -3.16 -5.75
N ASN A 44 -9.94 -3.87 -4.90
CA ASN A 44 -9.62 -3.39 -3.54
C ASN A 44 -8.33 -2.54 -3.49
N ILE A 45 -7.40 -2.75 -4.46
CA ILE A 45 -6.07 -2.09 -4.45
C ILE A 45 -6.17 -0.59 -4.83
N VAL A 46 -7.22 -0.24 -5.60
CA VAL A 46 -7.49 1.15 -5.99
C VAL A 46 -7.91 1.99 -4.78
N LYS A 47 -8.50 1.32 -3.76
CA LYS A 47 -8.82 1.96 -2.48
C LYS A 47 -7.53 2.27 -1.69
N LEU A 48 -6.44 1.52 -1.95
CA LEU A 48 -5.12 1.87 -1.42
C LEU A 48 -4.61 3.15 -2.10
N MET A 49 -4.75 3.26 -3.44
CA MET A 49 -4.27 4.45 -4.19
C MET A 49 -4.92 5.75 -3.68
N VAL A 50 -6.24 5.68 -3.44
CA VAL A 50 -7.04 6.83 -2.96
C VAL A 50 -6.77 7.11 -1.46
N TYR A 51 -6.35 6.07 -0.74
CA TYR A 51 -5.96 6.16 0.67
C TYR A 51 -4.64 6.95 0.79
N ILE A 52 -3.65 6.50 0.03
CA ILE A 52 -2.26 7.02 0.05
C ILE A 52 -2.18 8.45 -0.52
N ARG A 53 -3.01 8.76 -1.54
CA ARG A 53 -3.08 10.13 -2.14
C ARG A 53 -3.62 11.17 -1.13
N ASP A 54 -4.36 10.68 -0.12
CA ASP A 54 -4.92 11.51 0.96
C ASP A 54 -3.95 11.58 2.17
N GLU A 55 -3.57 10.41 2.67
CA GLU A 55 -2.70 10.24 3.86
C GLU A 55 -1.24 10.70 3.57
N MET A 56 -0.59 9.99 2.63
CA MET A 56 0.81 10.25 2.23
C MET A 56 0.91 11.39 1.19
N GLY A 57 -0.23 11.74 0.56
CA GLY A 57 -0.27 12.75 -0.51
C GLY A 57 0.30 12.22 -1.82
N VAL A 58 0.32 10.89 -2.00
CA VAL A 58 0.97 10.22 -3.14
C VAL A 58 -0.05 9.50 -4.03
N SER A 59 -0.20 9.95 -5.27
CA SER A 59 -0.97 9.25 -6.29
C SER A 59 -0.10 8.14 -6.90
N ILE A 60 -0.62 6.89 -6.90
CA ILE A 60 0.02 5.77 -7.58
C ILE A 60 -0.75 5.49 -8.88
N PRO A 61 -0.12 5.67 -10.08
CA PRO A 61 -0.75 5.28 -11.35
C PRO A 61 -0.86 3.73 -11.46
N SER A 62 -1.88 3.25 -12.17
CA SER A 62 -2.17 1.81 -12.33
C SER A 62 -1.11 1.11 -13.21
N THR A 63 -0.37 1.90 -14.00
CA THR A 63 0.80 1.42 -14.79
C THR A 63 2.01 1.09 -13.86
N HIS A 64 1.97 1.59 -12.60
CA HIS A 64 3.08 1.40 -11.63
C HIS A 64 2.79 0.22 -10.69
N ILE A 65 1.65 -0.47 -10.92
CA ILE A 65 1.24 -1.63 -10.12
C ILE A 65 1.84 -2.90 -10.74
N THR A 66 2.86 -3.45 -10.08
CA THR A 66 3.55 -4.67 -10.51
C THR A 66 4.00 -5.47 -9.29
N GLY A 67 4.36 -6.74 -9.54
CA GLY A 67 4.80 -7.67 -8.50
C GLY A 67 6.22 -7.43 -8.02
N LYS A 68 6.88 -6.38 -8.54
CA LYS A 68 8.17 -5.91 -8.03
C LYS A 68 7.96 -4.93 -6.84
N TYR A 69 6.87 -4.14 -6.89
CA TYR A 69 6.54 -3.16 -5.83
C TYR A 69 5.53 -3.75 -4.83
N PHE A 70 4.38 -4.19 -5.34
CA PHE A 70 3.24 -4.63 -4.50
C PHE A 70 3.35 -6.09 -4.02
N LYS A 71 4.58 -6.61 -4.08
CA LYS A 71 4.96 -7.91 -3.52
C LYS A 71 4.98 -7.83 -1.98
N ASP A 72 5.52 -6.70 -1.46
CA ASP A 72 5.64 -6.43 -0.02
C ASP A 72 5.43 -4.94 0.25
N LEU A 73 4.97 -4.66 1.49
CA LEU A 73 4.55 -3.34 1.94
C LEU A 73 5.75 -2.36 2.08
N ASN A 74 6.95 -2.90 2.35
CA ASN A 74 8.21 -2.11 2.30
C ASN A 74 8.52 -1.72 0.84
N ALA A 75 8.29 -2.67 -0.08
CA ALA A 75 8.50 -2.48 -1.53
C ALA A 75 7.38 -1.59 -2.14
N ILE A 76 6.24 -1.50 -1.44
CA ILE A 76 5.17 -0.51 -1.76
C ILE A 76 5.62 0.87 -1.27
N SER A 77 6.14 0.92 -0.02
CA SER A 77 6.48 2.17 0.67
C SER A 77 7.63 2.90 -0.03
N ARG A 78 8.60 2.12 -0.57
CA ARG A 78 9.77 2.70 -1.28
C ARG A 78 9.32 3.50 -2.51
N THR A 79 8.31 2.96 -3.24
CA THR A 79 7.82 3.57 -4.48
C THR A 79 6.80 4.67 -4.15
N VAL A 80 6.13 4.59 -2.98
CA VAL A 80 5.24 5.68 -2.49
C VAL A 80 6.06 6.96 -2.27
N GLU A 81 7.22 6.81 -1.63
CA GLU A 81 8.15 7.92 -1.36
C GLU A 81 8.79 8.45 -2.66
N GLN A 82 9.03 7.54 -3.60
CA GLN A 82 9.64 7.86 -4.92
C GLN A 82 8.64 8.63 -5.81
N LEU A 83 7.38 8.15 -5.83
CA LEU A 83 6.28 8.74 -6.62
C LEU A 83 5.89 10.11 -6.06
N LYS A 84 6.09 10.29 -4.75
CA LYS A 84 5.90 11.57 -4.05
C LYS A 84 6.89 12.63 -4.56
N ALA A 85 8.14 12.18 -4.78
CA ALA A 85 9.23 13.04 -5.28
C ALA A 85 9.01 13.39 -6.76
N GLU A 86 8.41 12.44 -7.51
CA GLU A 86 8.05 12.63 -8.93
C GLU A 86 6.83 13.58 -9.06
N SER A 87 5.88 13.45 -8.11
CA SER A 87 4.65 14.30 -8.04
C SER A 87 5.00 15.75 -7.66
N ALA A 88 6.20 15.97 -7.08
CA ALA A 88 6.70 17.31 -6.73
C ALA A 88 6.98 18.14 -8.01
N LEU A 89 7.29 17.44 -9.13
CA LEU A 89 7.51 18.06 -10.46
C LEU A 89 6.18 18.55 -11.06
N GLU A 90 5.07 17.87 -10.69
CA GLU A 90 3.73 18.15 -11.24
C GLU A 90 3.11 19.39 -10.57
N MET A 1 10.63 10.56 4.79
CA MET A 1 9.99 11.32 5.88
C MET A 1 9.28 10.35 6.83
N ASP A 2 8.37 9.53 6.28
CA ASP A 2 7.57 8.55 7.02
C ASP A 2 8.31 7.21 7.11
N GLY A 3 8.50 6.57 5.94
CA GLY A 3 9.07 5.22 5.85
C GLY A 3 8.14 4.17 6.46
N GLU A 4 8.39 3.86 7.75
CA GLU A 4 7.62 2.84 8.49
C GLU A 4 6.19 3.30 8.76
N GLU A 5 6.03 4.63 8.83
CA GLU A 5 4.75 5.28 9.07
C GLU A 5 3.82 5.09 7.85
N VAL A 6 4.42 4.96 6.63
CA VAL A 6 3.67 4.63 5.38
C VAL A 6 3.09 3.21 5.49
N LYS A 7 3.95 2.26 5.89
CA LYS A 7 3.62 0.83 5.94
C LYS A 7 2.47 0.53 6.89
N GLU A 8 2.52 1.12 8.10
CA GLU A 8 1.49 0.96 9.11
C GLU A 8 0.16 1.61 8.68
N LYS A 9 0.24 2.76 7.97
CA LYS A 9 -0.95 3.40 7.36
C LYS A 9 -1.69 2.39 6.46
N ILE A 10 -0.96 1.90 5.46
CA ILE A 10 -1.53 1.06 4.39
C ILE A 10 -2.04 -0.26 4.96
N ARG A 11 -1.22 -0.91 5.83
CA ARG A 11 -1.53 -2.24 6.41
C ARG A 11 -2.83 -2.15 7.22
N ARG A 12 -3.03 -0.99 7.85
CA ARG A 12 -4.19 -0.73 8.69
C ARG A 12 -5.45 -0.72 7.83
N TYR A 13 -5.40 0.03 6.71
CA TYR A 13 -6.54 0.17 5.79
C TYR A 13 -6.89 -1.17 5.12
N ILE A 14 -5.87 -2.04 4.94
CA ILE A 14 -6.07 -3.39 4.42
C ILE A 14 -6.89 -4.25 5.42
N MET A 15 -6.65 -4.02 6.72
CA MET A 15 -7.38 -4.71 7.80
C MET A 15 -8.83 -4.20 7.94
N GLU A 16 -9.00 -2.88 7.74
CA GLU A 16 -10.28 -2.19 7.95
C GLU A 16 -11.23 -2.42 6.76
N ASP A 17 -10.79 -2.00 5.58
CA ASP A 17 -11.62 -1.96 4.36
C ASP A 17 -11.53 -3.27 3.54
N LEU A 18 -10.30 -3.64 3.13
CA LEU A 18 -10.03 -4.73 2.14
C LEU A 18 -10.47 -6.11 2.68
N ILE A 19 -9.87 -6.52 3.81
CA ILE A 19 -10.09 -7.84 4.41
C ILE A 19 -11.15 -7.74 5.52
N GLY A 20 -11.76 -8.88 5.88
CA GLY A 20 -12.71 -8.97 6.99
C GLY A 20 -12.19 -9.90 8.09
N PRO A 21 -12.53 -11.23 8.05
CA PRO A 21 -12.23 -12.17 9.16
C PRO A 21 -10.72 -12.56 9.24
N SER A 22 -10.02 -12.47 8.09
CA SER A 22 -8.63 -12.93 7.96
C SER A 22 -7.63 -11.76 8.22
N ALA A 23 -8.05 -10.79 9.04
CA ALA A 23 -7.25 -9.60 9.36
C ALA A 23 -7.23 -9.39 10.87
N LYS A 24 -6.45 -10.25 11.54
CA LYS A 24 -6.16 -10.11 12.97
C LYS A 24 -5.14 -9.00 13.16
N GLU A 25 -4.97 -8.61 14.43
CA GLU A 25 -4.16 -7.46 14.82
C GLU A 25 -2.66 -7.66 14.45
N ASP A 26 -2.25 -8.91 14.12
CA ASP A 26 -0.86 -9.20 13.72
C ASP A 26 -0.78 -9.98 12.40
N GLU A 27 -1.90 -10.07 11.66
CA GLU A 27 -1.91 -10.72 10.34
C GLU A 27 -1.14 -9.86 9.33
N LEU A 28 -1.43 -8.56 9.33
CA LEU A 28 -0.77 -7.61 8.43
C LEU A 28 0.51 -7.08 9.10
N ASP A 29 1.63 -7.50 8.54
CA ASP A 29 2.99 -7.04 8.87
C ASP A 29 3.57 -6.35 7.63
N ASP A 30 4.72 -5.70 7.80
CA ASP A 30 5.36 -4.90 6.74
C ASP A 30 6.08 -5.78 5.71
N GLN A 31 6.35 -7.05 6.09
CA GLN A 31 6.96 -8.06 5.19
C GLN A 31 6.01 -9.25 4.94
N THR A 32 4.74 -9.10 5.34
CA THR A 32 3.68 -10.08 5.01
C THR A 32 3.59 -10.25 3.49
N PRO A 33 3.54 -11.52 2.96
CA PRO A 33 3.41 -11.79 1.51
C PRO A 33 2.01 -11.40 0.99
N LEU A 34 1.86 -10.08 0.72
CA LEU A 34 0.59 -9.44 0.37
C LEU A 34 -0.03 -10.07 -0.90
N LEU A 35 0.82 -10.31 -1.90
CA LEU A 35 0.43 -10.90 -3.17
C LEU A 35 0.00 -12.38 -3.01
N GLU A 36 0.73 -13.11 -2.14
CA GLU A 36 0.50 -14.55 -1.91
C GLU A 36 -0.80 -14.79 -1.15
N TRP A 37 -1.19 -13.81 -0.33
CA TRP A 37 -2.49 -13.81 0.38
C TRP A 37 -3.63 -13.45 -0.59
N GLY A 38 -3.29 -12.76 -1.70
CA GLY A 38 -4.27 -12.35 -2.70
C GLY A 38 -5.08 -11.13 -2.27
N ILE A 39 -4.66 -10.53 -1.15
CA ILE A 39 -5.33 -9.37 -0.55
C ILE A 39 -5.07 -8.09 -1.36
N LEU A 40 -4.10 -8.17 -2.29
CA LEU A 40 -3.86 -7.13 -3.31
C LEU A 40 -4.29 -7.70 -4.67
N ASN A 41 -5.48 -7.28 -5.10
CA ASN A 41 -6.07 -7.65 -6.40
C ASN A 41 -6.59 -6.37 -7.08
N SER A 42 -6.70 -6.42 -8.42
CA SER A 42 -7.18 -5.31 -9.27
C SER A 42 -8.52 -4.70 -8.78
N MET A 43 -9.32 -5.52 -8.10
CA MET A 43 -10.61 -5.06 -7.53
C MET A 43 -10.37 -4.11 -6.35
N ASN A 44 -9.66 -4.58 -5.33
CA ASN A 44 -9.48 -3.85 -4.05
C ASN A 44 -8.37 -2.77 -4.12
N ILE A 45 -7.52 -2.86 -5.15
CA ILE A 45 -6.30 -2.02 -5.30
C ILE A 45 -6.64 -0.51 -5.35
N VAL A 46 -7.85 -0.20 -5.88
CA VAL A 46 -8.31 1.18 -6.11
C VAL A 46 -8.53 1.94 -4.78
N LYS A 47 -8.99 1.21 -3.73
CA LYS A 47 -9.20 1.80 -2.39
C LYS A 47 -7.84 2.16 -1.75
N LEU A 48 -6.78 1.42 -2.12
CA LEU A 48 -5.43 1.74 -1.66
C LEU A 48 -4.90 2.99 -2.38
N MET A 49 -5.09 3.07 -3.71
CA MET A 49 -4.66 4.25 -4.52
C MET A 49 -5.16 5.57 -3.90
N VAL A 50 -6.46 5.59 -3.59
CA VAL A 50 -7.13 6.77 -3.01
C VAL A 50 -6.69 7.00 -1.55
N TYR A 51 -6.35 5.91 -0.82
CA TYR A 51 -5.89 5.98 0.57
C TYR A 51 -4.53 6.71 0.65
N ILE A 52 -3.59 6.28 -0.22
CA ILE A 52 -2.26 6.93 -0.34
C ILE A 52 -2.44 8.36 -0.92
N ARG A 53 -3.51 8.57 -1.72
CA ARG A 53 -3.84 9.88 -2.30
C ARG A 53 -4.31 10.88 -1.22
N ASP A 54 -4.80 10.38 -0.07
CA ASP A 54 -5.16 11.26 1.07
C ASP A 54 -3.99 11.37 2.06
N GLU A 55 -3.58 10.22 2.62
CA GLU A 55 -2.60 10.14 3.73
C GLU A 55 -1.16 10.48 3.30
N MET A 56 -0.85 10.26 2.02
CA MET A 56 0.46 10.60 1.43
C MET A 56 0.31 11.64 0.29
N GLY A 57 -0.94 11.96 -0.10
CA GLY A 57 -1.21 12.95 -1.17
C GLY A 57 -0.83 12.46 -2.57
N VAL A 58 -0.55 11.15 -2.71
CA VAL A 58 0.00 10.56 -3.95
C VAL A 58 -1.02 9.68 -4.66
N SER A 59 -1.36 10.05 -5.90
CA SER A 59 -2.13 9.19 -6.79
C SER A 59 -1.18 8.17 -7.43
N ILE A 60 -1.39 6.88 -7.12
CA ILE A 60 -0.58 5.79 -7.67
C ILE A 60 -1.07 5.47 -9.09
N PRO A 61 -0.24 5.71 -10.16
CA PRO A 61 -0.64 5.39 -11.56
C PRO A 61 -0.79 3.86 -11.73
N SER A 62 -1.76 3.43 -12.57
CA SER A 62 -2.11 2.00 -12.74
C SER A 62 -0.95 1.19 -13.37
N THR A 63 -0.11 1.89 -14.16
CA THR A 63 1.12 1.34 -14.74
C THR A 63 2.15 0.93 -13.64
N HIS A 64 2.01 1.55 -12.46
CA HIS A 64 2.93 1.33 -11.33
C HIS A 64 2.57 0.04 -10.54
N ILE A 65 1.28 -0.39 -10.59
CA ILE A 65 0.83 -1.55 -9.80
C ILE A 65 1.34 -2.83 -10.48
N THR A 66 2.49 -3.28 -10.01
CA THR A 66 3.12 -4.54 -10.44
C THR A 66 3.52 -5.32 -9.18
N GLY A 67 3.76 -6.62 -9.35
CA GLY A 67 4.16 -7.50 -8.23
C GLY A 67 5.54 -7.19 -7.68
N LYS A 68 6.31 -6.37 -8.39
CA LYS A 68 7.62 -5.90 -7.95
C LYS A 68 7.45 -4.86 -6.82
N TYR A 69 6.64 -3.82 -7.10
CA TYR A 69 6.47 -2.67 -6.20
C TYR A 69 5.45 -2.98 -5.08
N PHE A 70 4.73 -4.10 -5.20
CA PHE A 70 3.65 -4.49 -4.26
C PHE A 70 3.89 -5.87 -3.66
N LYS A 71 5.17 -6.35 -3.69
CA LYS A 71 5.56 -7.66 -3.11
C LYS A 71 5.33 -7.66 -1.58
N ASP A 72 5.71 -6.53 -0.95
CA ASP A 72 5.55 -6.29 0.48
C ASP A 72 5.48 -4.77 0.71
N LEU A 73 5.13 -4.38 1.94
CA LEU A 73 4.90 -2.96 2.29
C LEU A 73 6.17 -2.12 2.22
N ASN A 74 7.34 -2.74 2.40
CA ASN A 74 8.62 -1.99 2.33
C ASN A 74 8.87 -1.50 0.90
N ALA A 75 8.56 -2.36 -0.08
CA ALA A 75 8.67 -2.04 -1.51
C ALA A 75 7.61 -1.02 -1.93
N ILE A 76 6.41 -1.12 -1.31
CA ILE A 76 5.32 -0.16 -1.53
C ILE A 76 5.72 1.23 -0.98
N SER A 77 6.24 1.24 0.26
CA SER A 77 6.55 2.46 1.01
C SER A 77 7.65 3.26 0.32
N ARG A 78 8.71 2.54 -0.14
CA ARG A 78 9.88 3.16 -0.74
C ARG A 78 9.49 3.90 -2.03
N THR A 79 8.61 3.26 -2.83
CA THR A 79 8.20 3.77 -4.12
C THR A 79 7.06 4.79 -3.96
N VAL A 80 6.30 4.74 -2.84
CA VAL A 80 5.24 5.72 -2.53
C VAL A 80 5.87 7.08 -2.25
N GLU A 81 6.98 7.08 -1.49
CA GLU A 81 7.74 8.31 -1.18
C GLU A 81 8.58 8.76 -2.38
N GLN A 82 8.89 7.82 -3.28
CA GLN A 82 9.51 8.13 -4.59
C GLN A 82 8.46 8.81 -5.50
N LEU A 83 7.24 8.28 -5.48
CA LEU A 83 6.09 8.84 -6.21
C LEU A 83 5.63 10.15 -5.56
N LYS A 84 5.94 10.31 -4.25
CA LYS A 84 5.66 11.53 -3.48
C LYS A 84 6.70 12.60 -3.81
N ALA A 85 7.93 12.13 -4.16
CA ALA A 85 9.01 12.99 -4.66
C ALA A 85 8.63 13.53 -6.03
N GLU A 86 8.12 12.64 -6.91
CA GLU A 86 7.65 13.00 -8.27
C GLU A 86 6.38 13.86 -8.18
N SER A 87 5.57 13.63 -7.13
CA SER A 87 4.35 14.42 -6.86
C SER A 87 4.72 15.78 -6.19
N ALA A 88 5.97 15.91 -5.72
CA ALA A 88 6.52 17.21 -5.25
C ALA A 88 7.28 17.91 -6.40
N LEU A 89 7.75 17.11 -7.38
CA LEU A 89 8.50 17.60 -8.56
C LEU A 89 7.58 17.65 -9.80
N GLU A 90 6.25 17.58 -9.60
CA GLU A 90 5.28 17.67 -10.70
C GLU A 90 5.20 19.12 -11.22
N MET A 1 6.50 13.13 6.80
CA MET A 1 6.57 12.02 5.83
C MET A 1 7.46 10.89 6.37
N ASP A 2 6.97 10.25 7.45
CA ASP A 2 7.68 9.12 8.10
C ASP A 2 7.47 7.81 7.30
N GLY A 3 8.55 7.03 7.19
CA GLY A 3 8.58 5.83 6.37
C GLY A 3 7.90 4.63 7.00
N GLU A 4 7.67 4.68 8.33
CA GLU A 4 6.93 3.62 9.05
C GLU A 4 5.43 3.87 8.98
N GLU A 5 5.04 5.16 9.14
CA GLU A 5 3.64 5.62 9.13
C GLU A 5 2.90 5.18 7.86
N VAL A 6 3.55 5.37 6.69
CA VAL A 6 2.98 4.95 5.38
C VAL A 6 2.63 3.46 5.40
N LYS A 7 3.56 2.63 5.88
CA LYS A 7 3.43 1.16 5.88
C LYS A 7 2.30 0.69 6.80
N GLU A 8 2.32 1.18 8.05
CA GLU A 8 1.39 0.76 9.10
C GLU A 8 -0.05 1.25 8.80
N LYS A 9 -0.19 2.47 8.24
CA LYS A 9 -1.49 3.00 7.78
C LYS A 9 -2.12 2.05 6.75
N ILE A 10 -1.35 1.74 5.70
CA ILE A 10 -1.81 0.89 4.59
C ILE A 10 -2.17 -0.51 5.08
N ARG A 11 -1.33 -1.09 5.98
CA ARG A 11 -1.56 -2.46 6.50
C ARG A 11 -2.85 -2.50 7.32
N ARG A 12 -3.13 -1.42 8.07
CA ARG A 12 -4.36 -1.32 8.87
C ARG A 12 -5.59 -1.25 7.95
N TYR A 13 -5.48 -0.51 6.86
CA TYR A 13 -6.58 -0.33 5.90
C TYR A 13 -6.91 -1.68 5.22
N ILE A 14 -5.88 -2.51 4.99
CA ILE A 14 -6.04 -3.87 4.46
C ILE A 14 -6.80 -4.74 5.47
N MET A 15 -6.63 -4.46 6.76
CA MET A 15 -7.36 -5.16 7.85
C MET A 15 -8.82 -4.64 7.94
N GLU A 16 -9.02 -3.34 7.66
CA GLU A 16 -10.33 -2.67 7.78
C GLU A 16 -11.21 -2.96 6.54
N ASP A 17 -10.89 -2.29 5.43
CA ASP A 17 -11.70 -2.33 4.20
C ASP A 17 -11.55 -3.68 3.49
N LEU A 18 -10.30 -4.04 3.17
CA LEU A 18 -9.97 -5.12 2.23
C LEU A 18 -10.39 -6.49 2.79
N ILE A 19 -9.78 -6.91 3.90
CA ILE A 19 -10.06 -8.21 4.52
C ILE A 19 -11.24 -8.05 5.48
N GLY A 20 -10.96 -7.72 6.76
CA GLY A 20 -11.99 -7.64 7.78
C GLY A 20 -11.81 -8.70 8.86
N PRO A 21 -12.20 -9.99 8.60
CA PRO A 21 -12.23 -11.03 9.62
C PRO A 21 -10.86 -11.76 9.80
N SER A 22 -10.29 -12.32 8.72
CA SER A 22 -8.98 -13.04 8.78
C SER A 22 -7.81 -12.04 8.75
N ALA A 23 -7.74 -11.23 9.81
CA ALA A 23 -6.73 -10.18 9.98
C ALA A 23 -6.67 -9.82 11.47
N LYS A 24 -5.83 -10.57 12.21
CA LYS A 24 -5.55 -10.31 13.63
C LYS A 24 -4.68 -9.03 13.76
N GLU A 25 -4.54 -8.50 14.99
CA GLU A 25 -3.90 -7.18 15.31
C GLU A 25 -2.59 -6.89 14.53
N ASP A 26 -1.85 -7.93 14.10
CA ASP A 26 -0.62 -7.74 13.32
C ASP A 26 -0.40 -8.92 12.35
N GLU A 27 -1.50 -9.50 11.83
CA GLU A 27 -1.41 -10.49 10.72
C GLU A 27 -0.93 -9.78 9.44
N LEU A 28 -1.20 -8.48 9.36
CA LEU A 28 -0.61 -7.61 8.36
C LEU A 28 0.64 -6.97 8.97
N ASP A 29 1.79 -7.40 8.46
CA ASP A 29 3.12 -7.01 8.95
C ASP A 29 3.87 -6.27 7.85
N ASP A 30 4.97 -5.64 8.26
CA ASP A 30 5.87 -4.87 7.37
C ASP A 30 6.41 -5.74 6.23
N GLN A 31 6.69 -7.00 6.54
CA GLN A 31 7.36 -7.94 5.63
C GLN A 31 6.40 -9.05 5.20
N THR A 32 5.08 -8.83 5.46
CA THR A 32 4.02 -9.70 4.96
C THR A 32 3.96 -9.55 3.42
N PRO A 33 4.10 -10.69 2.68
CA PRO A 33 3.95 -10.69 1.22
C PRO A 33 2.46 -10.58 0.85
N LEU A 34 2.01 -9.33 0.72
CA LEU A 34 0.58 -8.97 0.53
C LEU A 34 -0.01 -9.70 -0.69
N LEU A 35 0.65 -9.50 -1.83
CA LEU A 35 0.21 -10.04 -3.12
C LEU A 35 0.28 -11.57 -3.15
N GLU A 36 1.28 -12.15 -2.45
CA GLU A 36 1.52 -13.60 -2.39
C GLU A 36 0.35 -14.31 -1.67
N TRP A 37 -0.20 -13.62 -0.66
CA TRP A 37 -1.39 -14.08 0.09
C TRP A 37 -2.67 -13.92 -0.76
N GLY A 38 -2.59 -13.09 -1.82
CA GLY A 38 -3.70 -12.90 -2.77
C GLY A 38 -4.76 -11.94 -2.26
N ILE A 39 -4.43 -11.21 -1.18
CA ILE A 39 -5.32 -10.20 -0.60
C ILE A 39 -5.33 -8.91 -1.46
N LEU A 40 -4.32 -8.80 -2.36
CA LEU A 40 -4.20 -7.68 -3.32
C LEU A 40 -4.45 -8.18 -4.75
N ASN A 41 -5.08 -7.31 -5.56
CA ASN A 41 -5.44 -7.55 -6.96
C ASN A 41 -5.88 -6.22 -7.63
N SER A 42 -6.12 -6.27 -8.95
CA SER A 42 -6.54 -5.10 -9.77
C SER A 42 -7.90 -4.53 -9.31
N MET A 43 -8.77 -5.39 -8.75
CA MET A 43 -10.08 -4.97 -8.23
C MET A 43 -9.94 -4.03 -7.00
N ASN A 44 -9.16 -4.46 -5.99
CA ASN A 44 -9.04 -3.70 -4.74
C ASN A 44 -8.01 -2.56 -4.83
N ILE A 45 -7.19 -2.58 -5.89
CA ILE A 45 -6.05 -1.66 -6.09
C ILE A 45 -6.45 -0.17 -5.92
N VAL A 46 -7.70 0.16 -6.33
CA VAL A 46 -8.24 1.52 -6.33
C VAL A 46 -8.58 2.01 -4.89
N LYS A 47 -9.05 1.09 -4.01
CA LYS A 47 -9.36 1.42 -2.60
C LYS A 47 -8.06 1.77 -1.83
N LEU A 48 -6.99 1.04 -2.13
CA LEU A 48 -5.66 1.36 -1.58
C LEU A 48 -5.13 2.66 -2.19
N MET A 49 -5.29 2.81 -3.52
CA MET A 49 -4.77 3.96 -4.27
C MET A 49 -5.32 5.30 -3.73
N VAL A 50 -6.64 5.32 -3.43
CA VAL A 50 -7.34 6.51 -2.92
C VAL A 50 -6.96 6.76 -1.44
N TYR A 51 -6.67 5.67 -0.70
CA TYR A 51 -6.26 5.73 0.71
C TYR A 51 -4.92 6.48 0.84
N ILE A 52 -3.95 6.04 0.05
CA ILE A 52 -2.58 6.56 0.05
C ILE A 52 -2.55 8.02 -0.49
N ARG A 53 -3.47 8.31 -1.41
CA ARG A 53 -3.76 9.67 -1.90
C ARG A 53 -4.07 10.62 -0.72
N ASP A 54 -5.00 10.19 0.17
CA ASP A 54 -5.46 10.99 1.33
C ASP A 54 -4.36 11.08 2.41
N GLU A 55 -3.87 9.91 2.83
CA GLU A 55 -3.03 9.76 4.02
C GLU A 55 -1.58 10.19 3.77
N MET A 56 -0.94 9.65 2.72
CA MET A 56 0.47 9.96 2.41
C MET A 56 0.57 11.26 1.59
N GLY A 57 -0.51 11.59 0.87
CA GLY A 57 -0.48 12.68 -0.10
C GLY A 57 0.15 12.24 -1.42
N VAL A 58 0.10 10.91 -1.68
CA VAL A 58 0.75 10.28 -2.85
C VAL A 58 -0.29 9.46 -3.62
N SER A 59 -0.59 9.89 -4.85
CA SER A 59 -1.47 9.13 -5.77
C SER A 59 -0.60 8.16 -6.60
N ILE A 60 -0.96 6.87 -6.60
CA ILE A 60 -0.25 5.85 -7.38
C ILE A 60 -0.83 5.88 -8.81
N PRO A 61 -0.01 6.23 -9.84
CA PRO A 61 -0.48 6.23 -11.24
C PRO A 61 -0.70 4.78 -11.74
N SER A 62 -1.58 4.65 -12.76
CA SER A 62 -1.95 3.36 -13.37
C SER A 62 -0.73 2.67 -14.04
N THR A 63 0.27 3.49 -14.43
CA THR A 63 1.52 3.02 -15.04
C THR A 63 2.45 2.33 -14.00
N HIS A 64 2.20 2.59 -12.70
CA HIS A 64 2.99 2.01 -11.57
C HIS A 64 2.23 0.88 -10.87
N ILE A 65 1.09 0.44 -11.44
CA ILE A 65 0.33 -0.70 -10.91
C ILE A 65 0.97 -1.99 -11.43
N THR A 66 1.86 -2.55 -10.62
CA THR A 66 2.53 -3.82 -10.89
C THR A 66 2.76 -4.56 -9.58
N GLY A 67 2.75 -5.89 -9.66
CA GLY A 67 2.88 -6.76 -8.50
C GLY A 67 4.26 -6.75 -7.87
N LYS A 68 5.22 -6.14 -8.57
CA LYS A 68 6.58 -5.87 -8.08
C LYS A 68 6.54 -4.94 -6.84
N TYR A 69 5.70 -3.90 -6.91
CA TYR A 69 5.55 -2.89 -5.84
C TYR A 69 4.53 -3.35 -4.80
N PHE A 70 3.43 -3.97 -5.28
CA PHE A 70 2.33 -4.45 -4.42
C PHE A 70 2.60 -5.85 -3.84
N LYS A 71 3.87 -6.29 -3.97
CA LYS A 71 4.40 -7.55 -3.43
C LYS A 71 4.29 -7.59 -1.89
N ASP A 72 4.83 -6.54 -1.25
CA ASP A 72 4.85 -6.38 0.23
C ASP A 72 4.93 -4.89 0.59
N LEU A 73 4.80 -4.57 1.90
CA LEU A 73 4.81 -3.17 2.40
C LEU A 73 6.15 -2.46 2.20
N ASN A 74 7.25 -3.21 2.22
CA ASN A 74 8.59 -2.62 2.02
C ASN A 74 8.69 -2.07 0.59
N ALA A 75 8.13 -2.85 -0.36
CA ALA A 75 8.08 -2.54 -1.79
C ALA A 75 7.05 -1.43 -2.08
N ILE A 76 5.94 -1.44 -1.30
CA ILE A 76 4.93 -0.36 -1.32
C ILE A 76 5.58 0.98 -0.93
N SER A 77 6.21 0.98 0.26
CA SER A 77 6.72 2.19 0.92
C SER A 77 7.82 2.83 0.08
N ARG A 78 8.70 1.97 -0.48
CA ARG A 78 9.87 2.41 -1.23
C ARG A 78 9.46 3.07 -2.56
N THR A 79 8.36 2.57 -3.18
CA THR A 79 7.84 3.15 -4.42
C THR A 79 6.95 4.37 -4.09
N VAL A 80 6.41 4.44 -2.85
CA VAL A 80 5.66 5.64 -2.39
C VAL A 80 6.64 6.82 -2.22
N GLU A 81 7.88 6.52 -1.77
CA GLU A 81 8.98 7.51 -1.67
C GLU A 81 9.42 7.97 -3.08
N GLN A 82 9.48 6.99 -4.01
CA GLN A 82 9.81 7.23 -5.43
C GLN A 82 8.73 8.08 -6.11
N LEU A 83 7.46 7.76 -5.82
CA LEU A 83 6.26 8.43 -6.38
C LEU A 83 6.07 9.80 -5.74
N LYS A 84 6.53 9.95 -4.49
CA LYS A 84 6.50 11.23 -3.78
C LYS A 84 7.53 12.18 -4.41
N ALA A 85 8.66 11.60 -4.89
CA ALA A 85 9.69 12.33 -5.63
C ALA A 85 9.18 12.71 -7.03
N GLU A 86 8.44 11.78 -7.67
CA GLU A 86 7.83 11.99 -8.98
C GLU A 86 6.74 13.09 -8.93
N SER A 87 5.99 13.13 -7.80
CA SER A 87 4.91 14.12 -7.57
C SER A 87 5.48 15.48 -7.09
N ALA A 88 6.63 15.45 -6.37
CA ALA A 88 7.29 16.68 -5.88
C ALA A 88 7.99 17.42 -7.03
N LEU A 89 8.51 16.64 -8.00
CA LEU A 89 9.17 17.17 -9.22
C LEU A 89 8.16 17.25 -10.40
N GLU A 90 6.85 17.06 -10.12
CA GLU A 90 5.80 17.16 -11.16
C GLU A 90 5.50 18.66 -11.41
N MET A 1 5.38 13.21 7.79
CA MET A 1 6.80 13.58 7.95
C MET A 1 7.69 12.33 7.76
N ASP A 2 7.36 11.28 8.52
CA ASP A 2 8.15 10.02 8.56
C ASP A 2 7.51 8.92 7.69
N GLY A 3 8.37 8.20 6.95
CA GLY A 3 7.95 7.16 6.01
C GLY A 3 7.51 5.86 6.67
N GLU A 4 7.83 5.72 7.97
CA GLU A 4 7.36 4.62 8.82
C GLU A 4 5.85 4.75 9.11
N GLU A 5 5.35 6.00 9.13
CA GLU A 5 3.90 6.30 9.19
C GLU A 5 3.18 5.74 7.97
N VAL A 6 3.84 5.79 6.80
CA VAL A 6 3.30 5.30 5.52
C VAL A 6 3.08 3.78 5.60
N LYS A 7 4.13 3.07 6.04
CA LYS A 7 4.12 1.60 6.20
C LYS A 7 2.98 1.15 7.14
N GLU A 8 2.93 1.80 8.29
CA GLU A 8 2.02 1.49 9.39
C GLU A 8 0.54 1.76 8.99
N LYS A 9 0.29 2.92 8.35
CA LYS A 9 -1.05 3.32 7.86
C LYS A 9 -1.63 2.30 6.86
N ILE A 10 -0.85 2.04 5.79
CA ILE A 10 -1.30 1.18 4.68
C ILE A 10 -1.55 -0.25 5.18
N ARG A 11 -0.65 -0.75 6.06
CA ARG A 11 -0.67 -2.14 6.54
C ARG A 11 -1.93 -2.39 7.39
N ARG A 12 -2.40 -1.32 8.05
CA ARG A 12 -3.62 -1.33 8.85
C ARG A 12 -4.86 -1.21 7.97
N TYR A 13 -4.80 -0.34 6.98
CA TYR A 13 -5.92 -0.09 6.05
C TYR A 13 -6.29 -1.35 5.23
N ILE A 14 -5.27 -2.17 4.94
CA ILE A 14 -5.45 -3.47 4.28
C ILE A 14 -6.30 -4.39 5.18
N MET A 15 -6.14 -4.27 6.51
CA MET A 15 -6.89 -5.06 7.50
C MET A 15 -8.32 -4.52 7.69
N GLU A 16 -8.48 -3.18 7.56
CA GLU A 16 -9.75 -2.48 7.83
C GLU A 16 -10.74 -2.61 6.65
N ASP A 17 -10.28 -2.18 5.48
CA ASP A 17 -11.14 -2.01 4.30
C ASP A 17 -11.16 -3.26 3.41
N LEU A 18 -9.96 -3.75 3.07
CA LEU A 18 -9.77 -4.87 2.13
C LEU A 18 -10.18 -6.20 2.81
N ILE A 19 -9.46 -6.55 3.88
CA ILE A 19 -9.63 -7.81 4.64
C ILE A 19 -10.67 -7.58 5.76
N GLY A 20 -11.19 -8.69 6.32
CA GLY A 20 -12.18 -8.65 7.40
C GLY A 20 -11.94 -9.74 8.45
N PRO A 21 -12.28 -11.04 8.14
CA PRO A 21 -12.29 -12.13 9.15
C PRO A 21 -10.87 -12.57 9.58
N SER A 22 -9.97 -12.79 8.59
CA SER A 22 -8.62 -13.27 8.85
C SER A 22 -7.64 -12.09 8.86
N ALA A 23 -7.67 -11.34 9.97
CA ALA A 23 -6.76 -10.21 10.20
C ALA A 23 -6.52 -10.03 11.70
N LYS A 24 -5.69 -10.93 12.23
CA LYS A 24 -5.19 -10.93 13.62
C LYS A 24 -4.25 -9.72 13.82
N GLU A 25 -3.97 -9.37 15.10
CA GLU A 25 -3.34 -8.09 15.51
C GLU A 25 -2.09 -7.67 14.69
N ASP A 26 -1.37 -8.66 14.17
CA ASP A 26 -0.19 -8.47 13.31
C ASP A 26 -0.10 -9.61 12.28
N GLU A 27 -1.24 -9.94 11.63
CA GLU A 27 -1.26 -10.86 10.48
C GLU A 27 -0.63 -10.18 9.26
N LEU A 28 -0.88 -8.87 9.17
CA LEU A 28 -0.32 -8.03 8.11
C LEU A 28 0.95 -7.36 8.66
N ASP A 29 2.06 -7.66 7.99
CA ASP A 29 3.41 -7.16 8.33
C ASP A 29 4.04 -6.46 7.13
N ASP A 30 5.25 -5.96 7.34
CA ASP A 30 6.05 -5.31 6.32
C ASP A 30 6.51 -6.33 5.25
N GLN A 31 6.73 -7.59 5.69
CA GLN A 31 7.28 -8.67 4.84
C GLN A 31 6.24 -9.78 4.64
N THR A 32 4.97 -9.41 4.80
CA THR A 32 3.86 -10.29 4.44
C THR A 32 3.66 -10.27 2.90
N PRO A 33 3.62 -11.48 2.24
CA PRO A 33 3.37 -11.60 0.79
C PRO A 33 1.90 -11.28 0.45
N LEU A 34 1.61 -9.98 0.35
CA LEU A 34 0.26 -9.44 0.18
C LEU A 34 -0.40 -9.96 -1.11
N LEU A 35 0.38 -9.92 -2.20
CA LEU A 35 -0.09 -10.31 -3.53
C LEU A 35 -0.34 -11.84 -3.61
N GLU A 36 0.47 -12.60 -2.85
CA GLU A 36 0.38 -14.07 -2.79
C GLU A 36 -0.85 -14.51 -1.96
N TRP A 37 -1.25 -13.64 -1.02
CA TRP A 37 -2.53 -13.79 -0.28
C TRP A 37 -3.73 -13.52 -1.21
N GLY A 38 -3.47 -12.79 -2.32
CA GLY A 38 -4.49 -12.43 -3.30
C GLY A 38 -5.45 -11.36 -2.79
N ILE A 39 -5.03 -10.65 -1.74
CA ILE A 39 -5.81 -9.58 -1.10
C ILE A 39 -5.71 -8.28 -1.90
N LEU A 40 -4.74 -8.22 -2.85
CA LEU A 40 -4.50 -7.05 -3.72
C LEU A 40 -4.92 -7.37 -5.17
N ASN A 41 -6.22 -7.29 -5.43
CA ASN A 41 -6.80 -7.39 -6.79
C ASN A 41 -6.89 -5.99 -7.41
N SER A 42 -6.92 -5.93 -8.76
CA SER A 42 -7.03 -4.66 -9.51
C SER A 42 -8.36 -3.91 -9.16
N MET A 43 -9.36 -4.63 -8.63
CA MET A 43 -10.62 -4.04 -8.16
C MET A 43 -10.46 -3.31 -6.82
N ASN A 44 -9.86 -3.96 -5.82
CA ASN A 44 -9.75 -3.41 -4.44
C ASN A 44 -8.49 -2.53 -4.25
N ILE A 45 -7.55 -2.58 -5.21
CA ILE A 45 -6.28 -1.82 -5.12
C ILE A 45 -6.52 -0.30 -5.23
N VAL A 46 -7.60 0.09 -5.95
CA VAL A 46 -8.00 1.50 -6.13
C VAL A 46 -8.40 2.14 -4.79
N LYS A 47 -8.84 1.28 -3.84
CA LYS A 47 -9.20 1.66 -2.47
C LYS A 47 -7.93 2.10 -1.70
N LEU A 48 -6.80 1.43 -2.03
CA LEU A 48 -5.46 1.81 -1.52
C LEU A 48 -5.01 3.13 -2.16
N MET A 49 -5.10 3.23 -3.50
CA MET A 49 -4.61 4.41 -4.27
C MET A 49 -5.15 5.73 -3.70
N VAL A 50 -6.47 5.75 -3.44
CA VAL A 50 -7.16 6.92 -2.88
C VAL A 50 -6.72 7.18 -1.42
N TYR A 51 -6.44 6.10 -0.66
CA TYR A 51 -6.00 6.18 0.76
C TYR A 51 -4.64 6.88 0.85
N ILE A 52 -3.69 6.43 0.01
CA ILE A 52 -2.34 7.01 -0.07
C ILE A 52 -2.43 8.46 -0.62
N ARG A 53 -3.37 8.70 -1.53
CA ARG A 53 -3.57 10.02 -2.15
C ARG A 53 -4.16 11.05 -1.15
N ASP A 54 -4.83 10.57 -0.09
CA ASP A 54 -5.41 11.44 0.95
C ASP A 54 -4.43 11.60 2.12
N GLU A 55 -4.07 10.46 2.73
CA GLU A 55 -3.24 10.39 3.95
C GLU A 55 -1.78 10.80 3.71
N MET A 56 -1.20 10.29 2.61
CA MET A 56 0.19 10.63 2.19
C MET A 56 0.19 11.81 1.19
N GLY A 57 -0.94 12.00 0.47
CA GLY A 57 -1.05 13.03 -0.57
C GLY A 57 -0.47 12.58 -1.91
N VAL A 58 -0.18 11.28 -2.04
CA VAL A 58 0.57 10.71 -3.17
C VAL A 58 -0.34 9.86 -4.06
N SER A 59 -0.45 10.24 -5.34
CA SER A 59 -1.17 9.43 -6.35
C SER A 59 -0.21 8.35 -6.90
N ILE A 60 -0.63 7.07 -6.83
CA ILE A 60 0.15 5.95 -7.38
C ILE A 60 -0.27 5.74 -8.86
N PRO A 61 0.64 6.02 -9.85
CA PRO A 61 0.33 5.83 -11.30
C PRO A 61 0.47 4.36 -11.74
N SER A 62 -0.22 4.00 -12.86
CA SER A 62 -0.31 2.62 -13.39
C SER A 62 1.06 2.06 -13.84
N THR A 63 2.02 2.97 -14.13
CA THR A 63 3.41 2.60 -14.45
C THR A 63 4.17 2.07 -13.20
N HIS A 64 3.66 2.43 -12.00
CA HIS A 64 4.21 1.97 -10.70
C HIS A 64 3.31 0.92 -10.02
N ILE A 65 2.21 0.54 -10.68
CA ILE A 65 1.29 -0.49 -10.19
C ILE A 65 1.53 -1.80 -10.93
N THR A 66 2.35 -2.65 -10.32
CA THR A 66 2.64 -4.00 -10.82
C THR A 66 3.11 -4.91 -9.65
N GLY A 67 3.26 -6.21 -9.96
CA GLY A 67 3.47 -7.26 -8.96
C GLY A 67 4.64 -7.07 -8.00
N LYS A 68 5.80 -6.62 -8.53
CA LYS A 68 7.03 -6.46 -7.71
C LYS A 68 6.91 -5.29 -6.69
N TYR A 69 5.97 -4.37 -6.94
CA TYR A 69 5.66 -3.25 -6.03
C TYR A 69 4.66 -3.68 -4.94
N PHE A 70 3.65 -4.46 -5.35
CA PHE A 70 2.53 -4.87 -4.46
C PHE A 70 2.72 -6.31 -3.93
N LYS A 71 3.99 -6.74 -3.91
CA LYS A 71 4.41 -8.04 -3.37
C LYS A 71 4.40 -8.00 -1.82
N ASP A 72 5.09 -6.98 -1.28
CA ASP A 72 5.28 -6.78 0.17
C ASP A 72 4.87 -5.35 0.52
N LEU A 73 4.59 -5.14 1.81
CA LEU A 73 4.20 -3.84 2.37
C LEU A 73 5.39 -2.86 2.36
N ASN A 74 6.60 -3.40 2.59
CA ASN A 74 7.88 -2.66 2.37
C ASN A 74 7.91 -2.06 0.95
N ALA A 75 7.62 -2.92 -0.06
CA ALA A 75 7.70 -2.57 -1.48
C ALA A 75 6.63 -1.53 -1.87
N ILE A 76 5.43 -1.64 -1.25
CA ILE A 76 4.31 -0.71 -1.46
C ILE A 76 4.62 0.68 -0.90
N SER A 77 5.09 0.72 0.33
CA SER A 77 5.31 1.97 1.06
C SER A 77 6.56 2.70 0.53
N ARG A 78 7.60 1.91 0.17
CA ARG A 78 8.90 2.47 -0.26
C ARG A 78 8.73 3.22 -1.59
N THR A 79 7.84 2.69 -2.47
CA THR A 79 7.57 3.33 -3.76
C THR A 79 6.73 4.58 -3.54
N VAL A 80 5.84 4.59 -2.51
CA VAL A 80 5.03 5.78 -2.14
C VAL A 80 5.97 6.93 -1.67
N GLU A 81 7.04 6.55 -0.96
CA GLU A 81 8.08 7.49 -0.48
C GLU A 81 8.91 8.04 -1.66
N GLN A 82 9.09 7.20 -2.68
CA GLN A 82 9.78 7.55 -3.95
C GLN A 82 8.84 8.34 -4.89
N LEU A 83 7.53 8.04 -4.83
CA LEU A 83 6.48 8.67 -5.67
C LEU A 83 6.13 10.03 -5.11
N LYS A 84 6.29 10.19 -3.79
CA LYS A 84 6.11 11.47 -3.11
C LYS A 84 7.11 12.51 -3.66
N ALA A 85 8.20 11.99 -4.25
CA ALA A 85 9.13 12.76 -5.05
C ALA A 85 8.67 12.78 -6.53
N GLU A 86 8.52 11.59 -7.16
CA GLU A 86 8.28 11.47 -8.62
C GLU A 86 7.00 12.19 -9.08
N SER A 87 5.84 11.80 -8.50
CA SER A 87 4.53 12.37 -8.89
C SER A 87 4.41 13.85 -8.45
N ALA A 88 5.28 14.29 -7.51
CA ALA A 88 5.35 15.72 -7.12
C ALA A 88 6.11 16.53 -8.20
N LEU A 89 7.15 15.90 -8.81
CA LEU A 89 7.97 16.53 -9.87
C LEU A 89 7.20 16.59 -11.21
N GLU A 90 6.16 15.75 -11.36
CA GLU A 90 5.29 15.75 -12.56
C GLU A 90 4.38 17.00 -12.56
N MET A 1 6.02 13.42 8.88
CA MET A 1 7.02 12.61 8.17
C MET A 1 7.30 11.32 8.96
N ASP A 2 7.24 10.18 8.26
CA ASP A 2 7.37 8.83 8.86
C ASP A 2 7.71 7.80 7.78
N GLY A 3 8.15 6.60 8.22
CA GLY A 3 8.56 5.51 7.33
C GLY A 3 7.84 4.20 7.65
N GLU A 4 8.08 3.64 8.85
CA GLU A 4 7.44 2.36 9.28
C GLU A 4 5.96 2.55 9.56
N GLU A 5 5.59 3.80 9.90
CA GLU A 5 4.21 4.17 10.15
C GLU A 5 3.42 4.25 8.84
N VAL A 6 4.10 4.63 7.72
CA VAL A 6 3.52 4.57 6.35
C VAL A 6 2.98 3.17 6.06
N LYS A 7 3.84 2.17 6.31
CA LYS A 7 3.50 0.75 6.12
C LYS A 7 2.33 0.33 7.02
N GLU A 8 2.37 0.75 8.30
CA GLU A 8 1.34 0.34 9.29
C GLU A 8 -0.01 1.06 9.05
N LYS A 9 0.03 2.21 8.34
CA LYS A 9 -1.18 2.92 7.88
C LYS A 9 -1.86 2.10 6.77
N ILE A 10 -1.06 1.78 5.74
CA ILE A 10 -1.55 1.09 4.54
C ILE A 10 -2.08 -0.30 4.90
N ARG A 11 -1.34 -1.03 5.77
CA ARG A 11 -1.75 -2.37 6.24
C ARG A 11 -3.04 -2.27 7.05
N ARG A 12 -3.18 -1.17 7.81
CA ARG A 12 -4.36 -0.93 8.66
C ARG A 12 -5.61 -0.85 7.79
N TYR A 13 -5.51 -0.13 6.66
CA TYR A 13 -6.61 0.03 5.70
C TYR A 13 -6.94 -1.32 5.00
N ILE A 14 -5.91 -2.17 4.82
CA ILE A 14 -6.09 -3.54 4.30
C ILE A 14 -6.92 -4.37 5.30
N MET A 15 -6.77 -4.05 6.61
CA MET A 15 -7.51 -4.73 7.70
C MET A 15 -8.91 -4.13 7.91
N GLU A 16 -9.10 -2.86 7.53
CA GLU A 16 -10.39 -2.14 7.68
C GLU A 16 -11.32 -2.49 6.52
N ASP A 17 -10.88 -2.13 5.32
CA ASP A 17 -11.70 -2.08 4.11
C ASP A 17 -11.60 -3.36 3.26
N LEU A 18 -10.38 -3.88 3.07
CA LEU A 18 -10.13 -5.01 2.14
C LEU A 18 -10.49 -6.36 2.78
N ILE A 19 -9.94 -6.61 3.98
CA ILE A 19 -10.14 -7.85 4.75
C ILE A 19 -10.96 -7.52 6.02
N GLY A 20 -11.53 -8.54 6.68
CA GLY A 20 -12.24 -8.36 7.95
C GLY A 20 -11.61 -9.19 9.07
N PRO A 21 -12.24 -10.33 9.49
CA PRO A 21 -11.82 -11.07 10.71
C PRO A 21 -10.47 -11.82 10.56
N SER A 22 -10.05 -12.06 9.30
CA SER A 22 -8.80 -12.77 8.97
C SER A 22 -7.58 -11.81 8.95
N ALA A 23 -7.79 -10.58 9.43
CA ALA A 23 -6.77 -9.57 9.51
C ALA A 23 -6.66 -9.11 10.96
N LYS A 24 -6.07 -9.97 11.81
CA LYS A 24 -5.82 -9.66 13.22
C LYS A 24 -4.71 -8.59 13.32
N GLU A 25 -4.58 -7.97 14.51
CA GLU A 25 -3.74 -6.76 14.75
C GLU A 25 -2.31 -6.89 14.17
N ASP A 26 -1.76 -8.11 14.24
CA ASP A 26 -0.38 -8.39 13.81
C ASP A 26 -0.33 -9.59 12.85
N GLU A 27 -1.41 -9.77 12.07
CA GLU A 27 -1.40 -10.69 10.92
C GLU A 27 -0.76 -9.98 9.73
N LEU A 28 -0.98 -8.66 9.66
CA LEU A 28 -0.33 -7.79 8.69
C LEU A 28 0.92 -7.16 9.35
N ASP A 29 2.08 -7.52 8.83
CA ASP A 29 3.38 -6.90 9.14
C ASP A 29 3.76 -5.98 7.99
N ASP A 30 4.88 -5.23 8.16
CA ASP A 30 5.41 -4.37 7.09
C ASP A 30 6.16 -5.19 6.00
N GLN A 31 6.42 -6.48 6.30
CA GLN A 31 7.16 -7.39 5.39
C GLN A 31 6.24 -8.51 4.87
N THR A 32 4.93 -8.40 5.18
CA THR A 32 3.93 -9.38 4.78
C THR A 32 3.77 -9.43 3.24
N PRO A 33 3.89 -10.65 2.62
CA PRO A 33 3.69 -10.83 1.18
C PRO A 33 2.20 -10.68 0.80
N LEU A 34 1.81 -9.42 0.56
CA LEU A 34 0.43 -9.00 0.26
C LEU A 34 -0.11 -9.74 -0.98
N LEU A 35 0.72 -9.70 -2.04
CA LEU A 35 0.38 -10.24 -3.35
C LEU A 35 0.35 -11.78 -3.35
N GLU A 36 1.22 -12.38 -2.52
CA GLU A 36 1.31 -13.85 -2.36
C GLU A 36 0.03 -14.40 -1.72
N TRP A 37 -0.54 -13.60 -0.80
CA TRP A 37 -1.84 -13.90 -0.16
C TRP A 37 -2.99 -13.75 -1.16
N GLY A 38 -2.76 -12.98 -2.25
CA GLY A 38 -3.77 -12.75 -3.28
C GLY A 38 -4.87 -11.82 -2.85
N ILE A 39 -4.59 -11.03 -1.79
CA ILE A 39 -5.54 -10.04 -1.25
C ILE A 39 -5.59 -8.79 -2.15
N LEU A 40 -4.61 -8.66 -3.09
CA LEU A 40 -4.50 -7.48 -3.98
C LEU A 40 -4.93 -7.87 -5.41
N ASN A 41 -6.13 -7.41 -5.78
CA ASN A 41 -6.72 -7.54 -7.12
C ASN A 41 -7.01 -6.13 -7.68
N SER A 42 -7.51 -6.05 -8.92
CA SER A 42 -7.64 -4.76 -9.63
C SER A 42 -8.85 -3.92 -9.14
N MET A 43 -9.83 -4.57 -8.49
CA MET A 43 -11.02 -3.89 -7.95
C MET A 43 -10.68 -3.13 -6.67
N ASN A 44 -9.93 -3.78 -5.77
CA ASN A 44 -9.58 -3.21 -4.46
C ASN A 44 -8.25 -2.41 -4.47
N ILE A 45 -7.44 -2.58 -5.56
CA ILE A 45 -6.12 -1.89 -5.69
C ILE A 45 -6.29 -0.35 -5.68
N VAL A 46 -7.44 0.11 -6.21
CA VAL A 46 -7.78 1.53 -6.31
C VAL A 46 -8.13 2.11 -4.93
N LYS A 47 -8.59 1.25 -4.01
CA LYS A 47 -8.92 1.62 -2.62
C LYS A 47 -7.64 2.00 -1.88
N LEU A 48 -6.58 1.20 -2.09
CA LEU A 48 -5.24 1.50 -1.56
C LEU A 48 -4.69 2.77 -2.22
N MET A 49 -4.87 2.87 -3.54
CA MET A 49 -4.36 3.99 -4.35
C MET A 49 -4.90 5.35 -3.85
N VAL A 50 -6.21 5.38 -3.49
CA VAL A 50 -6.88 6.60 -2.99
C VAL A 50 -6.52 6.87 -1.52
N TYR A 51 -6.25 5.78 -0.77
CA TYR A 51 -5.84 5.86 0.65
C TYR A 51 -4.52 6.61 0.77
N ILE A 52 -3.53 6.14 0.00
CA ILE A 52 -2.16 6.68 -0.02
C ILE A 52 -2.16 8.09 -0.65
N ARG A 53 -3.06 8.30 -1.64
CA ARG A 53 -3.32 9.62 -2.24
C ARG A 53 -3.80 10.62 -1.17
N ASP A 54 -4.65 10.15 -0.25
CA ASP A 54 -5.29 11.01 0.76
C ASP A 54 -4.33 11.29 1.94
N GLU A 55 -3.83 10.20 2.56
CA GLU A 55 -2.94 10.23 3.74
C GLU A 55 -1.64 11.00 3.48
N MET A 56 -0.79 10.42 2.61
CA MET A 56 0.60 10.88 2.40
C MET A 56 0.74 11.65 1.08
N GLY A 57 -0.40 11.89 0.39
CA GLY A 57 -0.45 12.71 -0.82
C GLY A 57 0.30 12.08 -1.99
N VAL A 58 0.21 10.74 -2.11
CA VAL A 58 0.92 9.97 -3.15
C VAL A 58 -0.07 9.13 -3.97
N SER A 59 -0.22 9.48 -5.25
CA SER A 59 -1.07 8.71 -6.19
C SER A 59 -0.18 7.74 -6.96
N ILE A 60 -0.65 6.48 -7.08
CA ILE A 60 0.06 5.42 -7.79
C ILE A 60 -0.52 5.31 -9.21
N PRO A 61 0.30 5.59 -10.29
CA PRO A 61 -0.15 5.44 -11.69
C PRO A 61 -0.39 3.95 -12.07
N SER A 62 -1.26 3.73 -13.07
CA SER A 62 -1.68 2.38 -13.49
C SER A 62 -0.52 1.58 -14.14
N THR A 63 0.44 2.32 -14.74
CA THR A 63 1.69 1.74 -15.29
C THR A 63 2.53 1.10 -14.16
N HIS A 64 2.44 1.69 -12.96
CA HIS A 64 3.21 1.26 -11.79
C HIS A 64 2.54 0.05 -11.09
N ILE A 65 1.23 -0.16 -11.34
CA ILE A 65 0.47 -1.28 -10.73
C ILE A 65 1.00 -2.62 -11.27
N THR A 66 2.01 -3.17 -10.59
CA THR A 66 2.63 -4.43 -10.96
C THR A 66 3.21 -5.11 -9.71
N GLY A 67 3.34 -6.44 -9.79
CA GLY A 67 3.66 -7.29 -8.64
C GLY A 67 5.00 -7.02 -7.98
N LYS A 68 5.91 -6.34 -8.71
CA LYS A 68 7.25 -5.99 -8.22
C LYS A 68 7.18 -5.06 -7.00
N TYR A 69 6.36 -4.01 -7.12
CA TYR A 69 6.21 -2.97 -6.09
C TYR A 69 5.05 -3.28 -5.13
N PHE A 70 4.21 -4.26 -5.50
CA PHE A 70 3.00 -4.62 -4.74
C PHE A 70 3.12 -6.00 -4.10
N LYS A 71 4.37 -6.50 -3.99
CA LYS A 71 4.66 -7.80 -3.35
C LYS A 71 4.44 -7.73 -1.83
N ASP A 72 4.94 -6.63 -1.22
CA ASP A 72 4.86 -6.39 0.23
C ASP A 72 4.94 -4.89 0.50
N LEU A 73 4.75 -4.50 1.77
CA LEU A 73 4.69 -3.08 2.19
C LEU A 73 6.03 -2.36 2.09
N ASN A 74 7.14 -3.09 2.19
CA ASN A 74 8.46 -2.47 2.01
C ASN A 74 8.65 -2.01 0.56
N ALA A 75 8.19 -2.88 -0.38
CA ALA A 75 8.22 -2.57 -1.83
C ALA A 75 7.19 -1.47 -2.18
N ILE A 76 6.09 -1.42 -1.41
CA ILE A 76 5.11 -0.31 -1.51
C ILE A 76 5.78 1.00 -1.09
N SER A 77 6.38 0.99 0.10
CA SER A 77 6.89 2.20 0.76
C SER A 77 8.09 2.79 0.01
N ARG A 78 8.98 1.91 -0.49
CA ARG A 78 10.22 2.33 -1.19
C ARG A 78 9.90 3.14 -2.45
N THR A 79 8.85 2.71 -3.16
CA THR A 79 8.40 3.34 -4.39
C THR A 79 7.46 4.52 -4.11
N VAL A 80 6.77 4.52 -2.94
CA VAL A 80 5.93 5.67 -2.48
C VAL A 80 6.84 6.88 -2.18
N GLU A 81 8.06 6.60 -1.68
CA GLU A 81 9.10 7.63 -1.48
C GLU A 81 9.47 8.28 -2.82
N GLN A 82 9.53 7.46 -3.87
CA GLN A 82 9.87 7.91 -5.23
C GLN A 82 8.67 8.63 -5.89
N LEU A 83 7.46 8.05 -5.73
CA LEU A 83 6.22 8.55 -6.35
C LEU A 83 5.77 9.87 -5.69
N LYS A 84 6.18 10.08 -4.44
CA LYS A 84 5.95 11.34 -3.71
C LYS A 84 6.83 12.45 -4.32
N ALA A 85 8.04 12.06 -4.77
CA ALA A 85 8.99 12.98 -5.46
C ALA A 85 8.47 13.29 -6.87
N GLU A 86 7.91 12.26 -7.53
CA GLU A 86 7.35 12.35 -8.89
C GLU A 86 6.10 13.23 -8.92
N SER A 87 5.28 13.16 -7.84
CA SER A 87 4.06 13.96 -7.72
C SER A 87 4.37 15.37 -7.18
N ALA A 88 5.42 15.51 -6.35
CA ALA A 88 5.85 16.83 -5.82
C ALA A 88 6.41 17.69 -6.96
N LEU A 89 7.23 17.05 -7.82
CA LEU A 89 7.86 17.69 -8.99
C LEU A 89 6.88 17.75 -10.20
N GLU A 90 5.68 17.15 -10.06
CA GLU A 90 4.61 17.25 -11.07
C GLU A 90 3.83 18.56 -10.85
N MET A 1 12.91 10.53 6.39
CA MET A 1 12.03 9.69 5.54
C MET A 1 11.00 8.96 6.43
N ASP A 2 9.71 9.12 6.11
CA ASP A 2 8.61 8.49 6.85
C ASP A 2 8.63 6.96 6.67
N GLY A 3 8.17 6.46 5.50
CA GLY A 3 8.26 5.04 5.12
C GLY A 3 7.37 4.09 5.94
N GLU A 4 7.71 3.95 7.22
CA GLU A 4 6.98 3.11 8.20
C GLU A 4 5.56 3.65 8.43
N GLU A 5 5.44 4.98 8.40
CA GLU A 5 4.15 5.70 8.43
C GLU A 5 3.22 5.16 7.32
N VAL A 6 3.77 5.14 6.09
CA VAL A 6 3.11 4.61 4.89
C VAL A 6 2.63 3.16 5.12
N LYS A 7 3.57 2.31 5.57
CA LYS A 7 3.34 0.85 5.69
C LYS A 7 2.21 0.49 6.66
N GLU A 8 2.24 1.05 7.88
CA GLU A 8 1.24 0.76 8.91
C GLU A 8 -0.14 1.31 8.52
N LYS A 9 -0.16 2.48 7.85
CA LYS A 9 -1.40 3.07 7.33
C LYS A 9 -2.08 2.11 6.32
N ILE A 10 -1.33 1.74 5.28
CA ILE A 10 -1.85 0.92 4.17
C ILE A 10 -2.31 -0.44 4.67
N ARG A 11 -1.45 -1.11 5.48
CA ARG A 11 -1.72 -2.44 6.04
C ARG A 11 -3.02 -2.42 6.84
N ARG A 12 -3.23 -1.31 7.59
CA ARG A 12 -4.41 -1.12 8.41
C ARG A 12 -5.67 -1.12 7.52
N TYR A 13 -5.63 -0.34 6.43
CA TYR A 13 -6.77 -0.20 5.51
C TYR A 13 -7.10 -1.53 4.81
N ILE A 14 -6.05 -2.32 4.52
CA ILE A 14 -6.20 -3.67 3.94
C ILE A 14 -7.03 -4.54 4.89
N MET A 15 -6.78 -4.37 6.19
CA MET A 15 -7.44 -5.14 7.26
C MET A 15 -8.88 -4.68 7.52
N GLU A 16 -9.15 -3.38 7.29
CA GLU A 16 -10.47 -2.77 7.54
C GLU A 16 -11.41 -3.01 6.34
N ASP A 17 -11.09 -2.32 5.23
CA ASP A 17 -11.95 -2.24 4.03
C ASP A 17 -11.81 -3.47 3.11
N LEU A 18 -10.56 -3.89 2.85
CA LEU A 18 -10.25 -4.94 1.85
C LEU A 18 -10.58 -6.35 2.40
N ILE A 19 -10.20 -6.63 3.67
CA ILE A 19 -10.46 -7.92 4.33
C ILE A 19 -11.65 -7.78 5.30
N GLY A 20 -11.37 -7.46 6.59
CA GLY A 20 -12.40 -7.37 7.62
C GLY A 20 -12.17 -8.37 8.76
N PRO A 21 -12.55 -9.68 8.59
CA PRO A 21 -12.53 -10.67 9.68
C PRO A 21 -11.17 -11.40 9.86
N SER A 22 -10.58 -11.91 8.76
CA SER A 22 -9.30 -12.66 8.77
C SER A 22 -8.11 -11.67 8.71
N ALA A 23 -8.04 -10.78 9.72
CA ALA A 23 -7.05 -9.71 9.78
C ALA A 23 -6.88 -9.25 11.23
N LYS A 24 -5.95 -9.90 11.95
CA LYS A 24 -5.53 -9.49 13.29
C LYS A 24 -4.60 -8.28 13.18
N GLU A 25 -4.53 -7.47 14.27
CA GLU A 25 -3.70 -6.24 14.31
C GLU A 25 -2.22 -6.49 13.99
N ASP A 26 -1.79 -7.74 14.18
CA ASP A 26 -0.39 -8.16 13.97
C ASP A 26 -0.26 -9.27 12.91
N GLU A 27 -1.32 -9.55 12.14
CA GLU A 27 -1.24 -10.52 11.03
C GLU A 27 -0.47 -9.91 9.87
N LEU A 28 -0.85 -8.68 9.55
CA LEU A 28 -0.18 -7.87 8.53
C LEU A 28 1.07 -7.22 9.17
N ASP A 29 2.22 -7.56 8.60
CA ASP A 29 3.54 -7.06 9.00
C ASP A 29 4.14 -6.24 7.84
N ASP A 30 5.22 -5.53 8.13
CA ASP A 30 5.92 -4.65 7.16
C ASP A 30 6.59 -5.45 6.04
N GLN A 31 6.81 -6.75 6.29
CA GLN A 31 7.48 -7.66 5.36
C GLN A 31 6.50 -8.72 4.84
N THR A 32 5.20 -8.62 5.24
CA THR A 32 4.16 -9.56 4.81
C THR A 32 3.95 -9.49 3.29
N PRO A 33 4.12 -10.64 2.57
CA PRO A 33 3.92 -10.70 1.11
C PRO A 33 2.41 -10.62 0.76
N LEU A 34 1.95 -9.38 0.53
CA LEU A 34 0.53 -9.04 0.36
C LEU A 34 -0.10 -9.77 -0.85
N LEU A 35 0.68 -9.87 -1.95
CA LEU A 35 0.23 -10.56 -3.18
C LEU A 35 0.24 -12.10 -3.01
N GLU A 36 1.16 -12.59 -2.16
CA GLU A 36 1.26 -14.03 -1.85
C GLU A 36 0.02 -14.47 -1.05
N TRP A 37 -0.45 -13.56 -0.17
CA TRP A 37 -1.70 -13.74 0.59
C TRP A 37 -2.94 -13.65 -0.32
N GLY A 38 -2.78 -12.98 -1.49
CA GLY A 38 -3.88 -12.84 -2.46
C GLY A 38 -4.98 -11.91 -1.98
N ILE A 39 -4.63 -11.03 -1.02
CA ILE A 39 -5.54 -10.04 -0.43
C ILE A 39 -5.65 -8.78 -1.32
N LEU A 40 -4.68 -8.64 -2.27
CA LEU A 40 -4.65 -7.51 -3.23
C LEU A 40 -4.93 -8.00 -4.66
N ASN A 41 -6.05 -7.55 -5.25
CA ASN A 41 -6.36 -7.72 -6.68
C ASN A 41 -6.62 -6.35 -7.32
N SER A 42 -6.85 -6.33 -8.65
CA SER A 42 -6.98 -5.06 -9.40
C SER A 42 -8.28 -4.29 -9.05
N MET A 43 -9.26 -4.99 -8.46
CA MET A 43 -10.53 -4.38 -8.01
C MET A 43 -10.26 -3.52 -6.77
N ASN A 44 -9.65 -4.12 -5.74
CA ASN A 44 -9.39 -3.44 -4.45
C ASN A 44 -8.11 -2.58 -4.46
N ILE A 45 -7.25 -2.71 -5.51
CA ILE A 45 -6.00 -1.93 -5.60
C ILE A 45 -6.30 -0.40 -5.66
N VAL A 46 -7.45 -0.04 -6.28
CA VAL A 46 -7.89 1.35 -6.39
C VAL A 46 -8.32 1.90 -5.02
N LYS A 47 -8.86 1.00 -4.17
CA LYS A 47 -9.25 1.33 -2.77
C LYS A 47 -8.00 1.81 -1.99
N LEU A 48 -6.86 1.13 -2.25
CA LEU A 48 -5.57 1.54 -1.69
C LEU A 48 -5.10 2.85 -2.33
N MET A 49 -5.13 2.96 -3.67
CA MET A 49 -4.56 4.13 -4.37
C MET A 49 -5.29 5.47 -4.02
N VAL A 50 -6.59 5.38 -3.63
CA VAL A 50 -7.36 6.55 -3.14
C VAL A 50 -7.05 6.82 -1.65
N TYR A 51 -6.65 5.76 -0.92
CA TYR A 51 -6.24 5.84 0.49
C TYR A 51 -4.89 6.56 0.65
N ILE A 52 -3.88 6.15 -0.15
CA ILE A 52 -2.55 6.82 -0.17
C ILE A 52 -2.69 8.28 -0.70
N ARG A 53 -3.67 8.48 -1.63
CA ARG A 53 -3.99 9.81 -2.19
C ARG A 53 -4.52 10.77 -1.11
N ASP A 54 -5.21 10.22 -0.10
CA ASP A 54 -5.74 11.00 1.03
C ASP A 54 -4.66 11.17 2.14
N GLU A 55 -4.19 10.03 2.65
CA GLU A 55 -3.26 9.95 3.81
C GLU A 55 -1.88 10.56 3.48
N MET A 56 -1.21 10.01 2.45
CA MET A 56 0.14 10.44 2.02
C MET A 56 0.08 11.64 1.06
N GLY A 57 -1.05 11.81 0.35
CA GLY A 57 -1.19 12.81 -0.71
C GLY A 57 -0.48 12.39 -2.00
N VAL A 58 -0.39 11.08 -2.22
CA VAL A 58 0.34 10.48 -3.36
C VAL A 58 -0.60 9.56 -4.15
N SER A 59 -0.64 9.73 -5.48
CA SER A 59 -1.42 8.85 -6.37
C SER A 59 -0.46 7.89 -7.08
N ILE A 60 -0.75 6.59 -6.99
CA ILE A 60 -0.01 5.54 -7.70
C ILE A 60 -0.57 5.43 -9.14
N PRO A 61 0.30 5.48 -10.20
CA PRO A 61 -0.15 5.20 -11.58
C PRO A 61 -0.43 3.70 -11.82
N SER A 62 -1.36 3.42 -12.74
CA SER A 62 -1.84 2.05 -13.05
C SER A 62 -0.74 1.22 -13.76
N THR A 63 0.27 1.91 -14.32
CA THR A 63 1.45 1.26 -14.92
C THR A 63 2.41 0.69 -13.83
N HIS A 64 2.36 1.29 -12.62
CA HIS A 64 3.14 0.83 -11.44
C HIS A 64 2.39 -0.24 -10.63
N ILE A 65 1.16 -0.58 -11.04
CA ILE A 65 0.41 -1.71 -10.45
C ILE A 65 0.98 -3.00 -11.03
N THR A 66 2.02 -3.52 -10.37
CA THR A 66 2.66 -4.79 -10.68
C THR A 66 3.37 -5.32 -9.42
N GLY A 67 3.80 -6.59 -9.48
CA GLY A 67 4.21 -7.34 -8.30
C GLY A 67 5.64 -7.09 -7.82
N LYS A 68 6.25 -5.99 -8.27
CA LYS A 68 7.55 -5.53 -7.73
C LYS A 68 7.27 -4.68 -6.48
N TYR A 69 6.29 -3.78 -6.66
CA TYR A 69 5.99 -2.69 -5.73
C TYR A 69 4.98 -3.17 -4.68
N PHE A 70 3.85 -3.73 -5.12
CA PHE A 70 2.75 -4.14 -4.22
C PHE A 70 2.95 -5.56 -3.67
N LYS A 71 4.17 -6.10 -3.86
CA LYS A 71 4.62 -7.42 -3.38
C LYS A 71 4.42 -7.53 -1.86
N ASP A 72 4.96 -6.52 -1.17
CA ASP A 72 4.90 -6.38 0.28
C ASP A 72 4.98 -4.88 0.63
N LEU A 73 4.79 -4.54 1.92
CA LEU A 73 4.74 -3.14 2.40
C LEU A 73 6.06 -2.39 2.22
N ASN A 74 7.20 -3.07 2.43
CA ASN A 74 8.53 -2.42 2.28
C ASN A 74 8.76 -2.01 0.82
N ALA A 75 8.28 -2.88 -0.10
CA ALA A 75 8.33 -2.65 -1.55
C ALA A 75 7.35 -1.53 -1.98
N ILE A 76 6.20 -1.44 -1.31
CA ILE A 76 5.22 -0.36 -1.53
C ILE A 76 5.81 0.98 -1.05
N SER A 77 6.36 0.97 0.17
CA SER A 77 6.86 2.17 0.85
C SER A 77 7.98 2.82 0.05
N ARG A 78 8.89 1.98 -0.50
CA ARG A 78 10.09 2.45 -1.19
C ARG A 78 9.72 3.24 -2.46
N THR A 79 8.63 2.80 -3.14
CA THR A 79 8.14 3.48 -4.34
C THR A 79 7.24 4.68 -3.97
N VAL A 80 6.56 4.64 -2.79
CA VAL A 80 5.72 5.76 -2.31
C VAL A 80 6.59 6.97 -1.91
N GLU A 81 7.83 6.69 -1.46
CA GLU A 81 8.82 7.73 -1.14
C GLU A 81 9.35 8.43 -2.40
N GLN A 82 9.54 7.64 -3.48
CA GLN A 82 9.95 8.18 -4.79
C GLN A 82 8.77 8.99 -5.39
N LEU A 83 7.59 8.37 -5.40
CA LEU A 83 6.33 8.96 -5.84
C LEU A 83 5.90 10.15 -4.94
N LYS A 84 6.44 10.22 -3.71
CA LYS A 84 6.26 11.37 -2.80
C LYS A 84 7.00 12.57 -3.39
N ALA A 85 8.25 12.30 -3.83
CA ALA A 85 9.12 13.29 -4.47
C ALA A 85 8.48 13.76 -5.79
N GLU A 86 7.99 12.77 -6.57
CA GLU A 86 7.36 12.99 -7.88
C GLU A 86 6.08 13.83 -7.74
N SER A 87 5.25 13.49 -6.72
CA SER A 87 4.00 14.22 -6.40
C SER A 87 4.31 15.68 -5.96
N ALA A 88 5.43 15.85 -5.23
CA ALA A 88 5.87 17.15 -4.70
C ALA A 88 6.48 18.04 -5.80
N LEU A 89 7.20 17.41 -6.75
CA LEU A 89 7.86 18.11 -7.87
C LEU A 89 6.87 18.44 -8.99
N GLU A 90 5.82 17.61 -9.12
CA GLU A 90 4.81 17.72 -10.19
C GLU A 90 3.86 18.91 -9.92
N MET A 1 12.18 10.46 4.06
CA MET A 1 11.60 9.12 3.94
C MET A 1 10.74 8.82 5.19
N ASP A 2 9.44 8.58 4.95
CA ASP A 2 8.42 8.47 6.00
C ASP A 2 7.81 7.06 5.93
N GLY A 3 8.70 6.07 6.07
CA GLY A 3 8.35 4.66 5.92
C GLY A 3 7.25 4.23 6.87
N GLU A 4 7.40 4.59 8.15
CA GLU A 4 6.49 4.13 9.23
C GLU A 4 5.05 4.64 9.02
N GLU A 5 4.96 5.83 8.39
CA GLU A 5 3.70 6.49 8.08
C GLU A 5 2.97 5.73 6.98
N VAL A 6 3.63 5.61 5.82
CA VAL A 6 3.03 4.98 4.62
C VAL A 6 2.74 3.49 4.87
N LYS A 7 3.64 2.83 5.63
CA LYS A 7 3.49 1.40 5.93
C LYS A 7 2.24 1.13 6.78
N GLU A 8 2.20 1.68 8.00
CA GLU A 8 1.17 1.37 8.98
C GLU A 8 -0.22 1.85 8.52
N LYS A 9 -0.27 3.01 7.85
CA LYS A 9 -1.52 3.57 7.29
C LYS A 9 -2.16 2.61 6.28
N ILE A 10 -1.37 2.17 5.28
CA ILE A 10 -1.87 1.26 4.23
C ILE A 10 -2.28 -0.10 4.83
N ARG A 11 -1.38 -0.69 5.67
CA ARG A 11 -1.59 -2.03 6.27
C ARG A 11 -2.82 -2.03 7.19
N ARG A 12 -3.12 -0.85 7.76
CA ARG A 12 -4.31 -0.63 8.56
C ARG A 12 -5.54 -0.68 7.65
N TYR A 13 -5.51 0.09 6.54
CA TYR A 13 -6.65 0.21 5.61
C TYR A 13 -7.00 -1.13 4.96
N ILE A 14 -5.99 -2.00 4.81
CA ILE A 14 -6.19 -3.37 4.30
C ILE A 14 -7.04 -4.18 5.31
N MET A 15 -6.87 -3.90 6.62
CA MET A 15 -7.70 -4.52 7.68
C MET A 15 -9.10 -3.87 7.74
N GLU A 16 -9.16 -2.54 7.54
CA GLU A 16 -10.38 -1.73 7.72
C GLU A 16 -11.40 -2.03 6.59
N ASP A 17 -10.93 -1.88 5.35
CA ASP A 17 -11.79 -1.88 4.15
C ASP A 17 -11.75 -3.22 3.39
N LEU A 18 -10.52 -3.75 3.13
CA LEU A 18 -10.32 -4.90 2.20
C LEU A 18 -10.67 -6.23 2.88
N ILE A 19 -9.84 -6.67 3.83
CA ILE A 19 -10.01 -7.92 4.60
C ILE A 19 -10.96 -7.66 5.79
N GLY A 20 -11.52 -8.75 6.36
CA GLY A 20 -12.37 -8.66 7.54
C GLY A 20 -11.83 -9.51 8.69
N PRO A 21 -12.27 -10.80 8.84
CA PRO A 21 -11.94 -11.64 10.02
C PRO A 21 -10.47 -12.15 10.04
N SER A 22 -9.86 -12.27 8.85
CA SER A 22 -8.50 -12.84 8.68
C SER A 22 -7.45 -11.71 8.66
N ALA A 23 -7.63 -10.72 9.55
CA ALA A 23 -6.74 -9.58 9.68
C ALA A 23 -6.50 -9.34 11.18
N LYS A 24 -5.72 -10.25 11.76
CA LYS A 24 -5.23 -10.16 13.14
C LYS A 24 -4.13 -9.10 13.23
N GLU A 25 -3.80 -8.66 14.47
CA GLU A 25 -2.90 -7.50 14.72
C GLU A 25 -1.58 -7.57 13.93
N ASP A 26 -1.00 -8.78 13.88
CA ASP A 26 0.33 -9.02 13.27
C ASP A 26 0.21 -9.85 11.98
N GLU A 27 -0.98 -9.87 11.36
CA GLU A 27 -1.17 -10.49 10.04
C GLU A 27 -0.62 -9.57 8.96
N LEU A 28 -1.13 -8.33 8.91
CA LEU A 28 -0.65 -7.30 7.98
C LEU A 28 0.57 -6.61 8.60
N ASP A 29 1.68 -6.68 7.87
CA ASP A 29 2.97 -6.07 8.26
C ASP A 29 3.72 -5.58 7.01
N ASP A 30 4.89 -4.99 7.26
CA ASP A 30 5.79 -4.44 6.24
C ASP A 30 6.47 -5.53 5.41
N GLN A 31 6.59 -6.73 5.99
CA GLN A 31 7.29 -7.89 5.39
C GLN A 31 6.28 -8.99 5.04
N THR A 32 4.98 -8.69 5.15
CA THR A 32 3.90 -9.61 4.79
C THR A 32 3.79 -9.72 3.26
N PRO A 33 3.83 -10.97 2.69
CA PRO A 33 3.67 -11.20 1.24
C PRO A 33 2.19 -10.98 0.82
N LEU A 34 1.86 -9.72 0.54
CA LEU A 34 0.50 -9.23 0.29
C LEU A 34 -0.12 -9.88 -0.97
N LEU A 35 0.61 -9.83 -2.09
CA LEU A 35 0.13 -10.37 -3.38
C LEU A 35 0.13 -11.92 -3.38
N GLU A 36 0.95 -12.53 -2.49
CA GLU A 36 0.99 -14.00 -2.31
C GLU A 36 -0.26 -14.46 -1.53
N TRP A 37 -0.70 -13.61 -0.59
CA TRP A 37 -1.98 -13.79 0.11
C TRP A 37 -3.16 -13.49 -0.85
N GLY A 38 -2.86 -12.72 -1.93
CA GLY A 38 -3.83 -12.38 -2.97
C GLY A 38 -4.81 -11.30 -2.54
N ILE A 39 -4.56 -10.74 -1.35
CA ILE A 39 -5.45 -9.77 -0.69
C ILE A 39 -5.49 -8.42 -1.44
N LEU A 40 -4.50 -8.20 -2.35
CA LEU A 40 -4.43 -7.01 -3.21
C LEU A 40 -4.70 -7.42 -4.67
N ASN A 41 -5.98 -7.60 -4.99
CA ASN A 41 -6.45 -7.83 -6.38
C ASN A 41 -6.86 -6.48 -7.00
N SER A 42 -6.90 -6.45 -8.34
CA SER A 42 -7.22 -5.27 -9.19
C SER A 42 -8.37 -4.40 -8.64
N MET A 43 -9.49 -5.03 -8.28
CA MET A 43 -10.71 -4.31 -7.86
C MET A 43 -10.51 -3.62 -6.50
N ASN A 44 -9.84 -4.30 -5.54
CA ASN A 44 -9.65 -3.75 -4.17
C ASN A 44 -8.33 -2.94 -4.03
N ILE A 45 -7.40 -3.06 -4.99
CA ILE A 45 -6.07 -2.39 -4.88
C ILE A 45 -6.20 -0.88 -5.17
N VAL A 46 -7.23 -0.53 -5.96
CA VAL A 46 -7.56 0.86 -6.29
C VAL A 46 -8.09 1.62 -5.05
N LYS A 47 -8.66 0.84 -4.09
CA LYS A 47 -9.12 1.35 -2.77
C LYS A 47 -7.90 1.89 -2.00
N LEU A 48 -6.77 1.16 -2.11
CA LEU A 48 -5.49 1.60 -1.55
C LEU A 48 -5.00 2.86 -2.25
N MET A 49 -5.05 2.91 -3.59
CA MET A 49 -4.48 4.03 -4.35
C MET A 49 -5.20 5.38 -4.08
N VAL A 50 -6.53 5.35 -3.84
CA VAL A 50 -7.33 6.54 -3.47
C VAL A 50 -7.05 6.94 -2.01
N TYR A 51 -6.76 5.92 -1.17
CA TYR A 51 -6.38 6.09 0.24
C TYR A 51 -5.06 6.87 0.34
N ILE A 52 -4.05 6.34 -0.36
CA ILE A 52 -2.69 6.87 -0.42
C ILE A 52 -2.68 8.26 -1.08
N ARG A 53 -3.58 8.46 -2.06
CA ARG A 53 -3.77 9.77 -2.73
C ARG A 53 -4.18 10.85 -1.72
N ASP A 54 -4.95 10.47 -0.68
CA ASP A 54 -5.41 11.42 0.36
C ASP A 54 -4.36 11.53 1.49
N GLU A 55 -4.10 10.38 2.15
CA GLU A 55 -3.18 10.26 3.32
C GLU A 55 -1.74 10.70 2.98
N MET A 56 -1.12 9.95 2.06
CA MET A 56 0.27 10.20 1.61
C MET A 56 0.33 11.32 0.56
N GLY A 57 -0.85 11.69 -0.01
CA GLY A 57 -0.92 12.68 -1.08
C GLY A 57 -0.46 12.15 -2.43
N VAL A 58 -0.33 10.82 -2.54
CA VAL A 58 0.32 10.13 -3.67
C VAL A 58 -0.69 9.32 -4.51
N SER A 59 -0.89 9.75 -5.75
CA SER A 59 -1.67 9.01 -6.74
C SER A 59 -0.72 8.05 -7.47
N ILE A 60 -0.88 6.76 -7.20
CA ILE A 60 -0.06 5.70 -7.80
C ILE A 60 -0.54 5.41 -9.23
N PRO A 61 0.37 5.48 -10.26
CA PRO A 61 0.03 5.12 -11.67
C PRO A 61 -0.21 3.60 -11.81
N SER A 62 -1.16 3.22 -12.67
CA SER A 62 -1.59 1.83 -12.89
C SER A 62 -0.45 0.90 -13.38
N THR A 63 0.61 1.50 -13.95
CA THR A 63 1.82 0.79 -14.37
C THR A 63 2.60 0.19 -13.16
N HIS A 64 2.54 0.89 -12.02
CA HIS A 64 3.25 0.48 -10.77
C HIS A 64 2.51 -0.68 -10.06
N ILE A 65 1.26 -0.95 -10.45
CA ILE A 65 0.45 -2.03 -9.84
C ILE A 65 0.91 -3.35 -10.45
N THR A 66 1.92 -3.95 -9.81
CA THR A 66 2.49 -5.21 -10.21
C THR A 66 3.15 -5.89 -8.98
N GLY A 67 3.49 -7.17 -9.14
CA GLY A 67 3.96 -8.02 -8.02
C GLY A 67 5.38 -7.78 -7.56
N LYS A 68 6.08 -6.80 -8.16
CA LYS A 68 7.40 -6.34 -7.65
C LYS A 68 7.23 -5.27 -6.56
N TYR A 69 6.24 -4.38 -6.74
CA TYR A 69 5.96 -3.27 -5.80
C TYR A 69 4.97 -3.74 -4.72
N PHE A 70 3.86 -4.33 -5.15
CA PHE A 70 2.78 -4.77 -4.24
C PHE A 70 2.97 -6.22 -3.77
N LYS A 71 4.23 -6.69 -3.82
CA LYS A 71 4.65 -7.98 -3.25
C LYS A 71 4.49 -7.94 -1.73
N ASP A 72 5.07 -6.90 -1.15
CA ASP A 72 5.05 -6.63 0.28
C ASP A 72 5.03 -5.11 0.50
N LEU A 73 4.73 -4.72 1.73
CA LEU A 73 4.44 -3.33 2.11
C LEU A 73 5.73 -2.45 2.17
N ASN A 74 6.92 -3.08 2.29
CA ASN A 74 8.21 -2.37 2.17
C ASN A 74 8.49 -1.99 0.72
N ALA A 75 8.10 -2.89 -0.20
CA ALA A 75 8.21 -2.66 -1.65
C ALA A 75 7.16 -1.64 -2.13
N ILE A 76 6.04 -1.54 -1.39
CA ILE A 76 5.03 -0.50 -1.62
C ILE A 76 5.54 0.86 -1.10
N SER A 77 6.11 0.85 0.12
CA SER A 77 6.51 2.09 0.81
C SER A 77 7.61 2.80 0.03
N ARG A 78 8.58 2.00 -0.51
CA ARG A 78 9.74 2.54 -1.24
C ARG A 78 9.30 3.37 -2.48
N THR A 79 8.28 2.86 -3.22
CA THR A 79 7.80 3.50 -4.44
C THR A 79 6.95 4.73 -4.08
N VAL A 80 6.17 4.64 -2.98
CA VAL A 80 5.26 5.73 -2.56
C VAL A 80 6.06 6.94 -2.01
N GLU A 81 7.16 6.65 -1.28
CA GLU A 81 8.07 7.69 -0.74
C GLU A 81 8.76 8.44 -1.89
N GLN A 82 9.15 7.68 -2.94
CA GLN A 82 9.72 8.25 -4.17
C GLN A 82 8.67 9.11 -4.89
N LEU A 83 7.47 8.53 -5.06
CA LEU A 83 6.31 9.18 -5.72
C LEU A 83 5.81 10.41 -4.92
N LYS A 84 6.09 10.42 -3.61
CA LYS A 84 5.70 11.53 -2.72
C LYS A 84 6.69 12.69 -2.91
N ALA A 85 7.97 12.33 -3.14
CA ALA A 85 9.03 13.28 -3.51
C ALA A 85 8.73 13.90 -4.89
N GLU A 86 8.28 13.04 -5.83
CA GLU A 86 7.92 13.44 -7.21
C GLU A 86 6.68 14.35 -7.21
N SER A 87 5.70 14.03 -6.35
CA SER A 87 4.47 14.85 -6.18
C SER A 87 4.78 16.20 -5.49
N ALA A 88 5.93 16.28 -4.79
CA ALA A 88 6.44 17.52 -4.19
C ALA A 88 7.14 18.39 -5.26
N LEU A 89 7.82 17.71 -6.21
CA LEU A 89 8.52 18.36 -7.34
C LEU A 89 7.54 18.76 -8.46
N GLU A 90 6.43 18.03 -8.56
CA GLU A 90 5.42 18.18 -9.61
C GLU A 90 4.06 18.52 -8.95
N MET A 1 6.75 13.74 5.96
CA MET A 1 7.86 12.80 5.76
C MET A 1 8.03 11.93 7.02
N ASP A 2 7.21 10.86 7.10
CA ASP A 2 7.25 9.87 8.18
C ASP A 2 7.31 8.48 7.53
N GLY A 3 8.51 7.89 7.52
CA GLY A 3 8.75 6.61 6.85
C GLY A 3 7.87 5.49 7.40
N GLU A 4 8.07 5.17 8.70
CA GLU A 4 7.39 4.04 9.38
C GLU A 4 5.87 4.19 9.35
N GLU A 5 5.36 5.45 9.41
CA GLU A 5 3.93 5.71 9.44
C GLU A 5 3.29 5.41 8.07
N VAL A 6 3.96 5.73 6.94
CA VAL A 6 3.45 5.38 5.60
C VAL A 6 3.18 3.86 5.50
N LYS A 7 4.12 3.06 6.03
CA LYS A 7 3.97 1.61 6.09
C LYS A 7 2.73 1.20 6.93
N GLU A 8 2.72 1.61 8.21
CA GLU A 8 1.68 1.15 9.17
C GLU A 8 0.27 1.68 8.83
N LYS A 9 0.20 2.79 8.08
CA LYS A 9 -1.07 3.36 7.58
C LYS A 9 -1.65 2.49 6.45
N ILE A 10 -0.81 2.15 5.46
CA ILE A 10 -1.24 1.34 4.30
C ILE A 10 -1.66 -0.06 4.77
N ARG A 11 -0.83 -0.67 5.69
CA ARG A 11 -1.10 -2.02 6.22
C ARG A 11 -2.36 -2.01 7.06
N ARG A 12 -2.63 -0.86 7.68
CA ARG A 12 -3.80 -0.65 8.52
C ARG A 12 -5.05 -0.75 7.65
N TYR A 13 -5.05 -0.01 6.53
CA TYR A 13 -6.19 0.08 5.61
C TYR A 13 -6.51 -1.28 4.96
N ILE A 14 -5.49 -2.14 4.85
CA ILE A 14 -5.67 -3.51 4.34
C ILE A 14 -6.54 -4.32 5.34
N MET A 15 -6.35 -4.02 6.64
CA MET A 15 -7.13 -4.65 7.72
C MET A 15 -8.51 -3.95 7.90
N GLU A 16 -8.55 -2.62 7.65
CA GLU A 16 -9.76 -1.78 7.88
C GLU A 16 -10.83 -2.02 6.81
N ASP A 17 -10.43 -1.85 5.55
CA ASP A 17 -11.35 -1.83 4.40
C ASP A 17 -11.23 -3.11 3.55
N LEU A 18 -10.00 -3.44 3.11
CA LEU A 18 -9.75 -4.50 2.11
C LEU A 18 -10.17 -5.89 2.62
N ILE A 19 -9.75 -6.23 3.84
CA ILE A 19 -10.07 -7.51 4.49
C ILE A 19 -10.88 -7.23 5.77
N GLY A 20 -11.55 -8.27 6.29
CA GLY A 20 -12.27 -8.19 7.56
C GLY A 20 -11.68 -9.15 8.61
N PRO A 21 -12.28 -10.36 8.82
CA PRO A 21 -11.86 -11.28 9.92
C PRO A 21 -10.55 -12.05 9.62
N SER A 22 -10.15 -12.10 8.33
CA SER A 22 -8.92 -12.79 7.87
C SER A 22 -7.67 -11.88 8.02
N ALA A 23 -7.88 -10.66 8.53
CA ALA A 23 -6.83 -9.70 8.82
C ALA A 23 -6.71 -9.58 10.33
N LYS A 24 -6.16 -10.63 10.93
CA LYS A 24 -5.94 -10.72 12.37
C LYS A 24 -4.87 -9.67 12.81
N GLU A 25 -4.84 -9.34 14.11
CA GLU A 25 -4.15 -8.14 14.67
C GLU A 25 -2.67 -8.00 14.24
N ASP A 26 -1.99 -9.13 14.01
CA ASP A 26 -0.53 -9.14 13.73
C ASP A 26 -0.21 -9.70 12.33
N GLU A 27 -1.26 -9.91 11.53
CA GLU A 27 -1.15 -10.55 10.20
C GLU A 27 -0.54 -9.61 9.17
N LEU A 28 -1.06 -8.39 9.08
CA LEU A 28 -0.52 -7.38 8.15
C LEU A 28 0.66 -6.66 8.81
N ASP A 29 1.82 -6.83 8.17
CA ASP A 29 3.12 -6.32 8.62
C ASP A 29 3.91 -5.80 7.39
N ASP A 30 5.14 -5.30 7.60
CA ASP A 30 5.94 -4.66 6.54
C ASP A 30 6.47 -5.69 5.52
N GLN A 31 6.80 -6.88 6.02
CA GLN A 31 7.47 -7.95 5.24
C GLN A 31 6.51 -9.12 5.01
N THR A 32 5.23 -8.92 5.33
CA THR A 32 4.13 -9.82 4.96
C THR A 32 4.05 -9.97 3.41
N PRO A 33 3.95 -11.23 2.88
CA PRO A 33 3.73 -11.46 1.44
C PRO A 33 2.23 -11.25 1.06
N LEU A 34 1.88 -10.01 0.67
CA LEU A 34 0.50 -9.59 0.36
C LEU A 34 -0.11 -10.38 -0.83
N LEU A 35 0.65 -10.49 -1.94
CA LEU A 35 0.16 -11.18 -3.15
C LEU A 35 0.12 -12.71 -2.97
N GLU A 36 0.99 -13.26 -2.11
CA GLU A 36 1.02 -14.70 -1.79
C GLU A 36 -0.25 -15.10 -1.03
N TRP A 37 -0.72 -14.16 -0.19
CA TRP A 37 -2.00 -14.26 0.53
C TRP A 37 -3.20 -14.00 -0.41
N GLY A 38 -2.93 -13.36 -1.57
CA GLY A 38 -3.94 -13.10 -2.60
C GLY A 38 -4.99 -12.09 -2.18
N ILE A 39 -4.60 -11.21 -1.25
CA ILE A 39 -5.48 -10.22 -0.62
C ILE A 39 -5.66 -8.96 -1.48
N LEU A 40 -4.81 -8.81 -2.54
CA LEU A 40 -4.82 -7.62 -3.40
C LEU A 40 -5.36 -7.97 -4.81
N ASN A 41 -6.69 -8.00 -4.93
CA ASN A 41 -7.40 -8.01 -6.24
C ASN A 41 -7.24 -6.61 -6.88
N SER A 42 -7.55 -6.47 -8.17
CA SER A 42 -7.42 -5.19 -8.89
C SER A 42 -8.52 -4.19 -8.47
N MET A 43 -9.73 -4.71 -8.18
CA MET A 43 -10.82 -3.90 -7.60
C MET A 43 -10.52 -3.56 -6.13
N ASN A 44 -9.60 -4.31 -5.52
CA ASN A 44 -9.14 -4.09 -4.14
C ASN A 44 -7.96 -3.09 -4.13
N ILE A 45 -7.12 -3.12 -5.20
CA ILE A 45 -5.85 -2.34 -5.29
C ILE A 45 -6.14 -0.82 -5.37
N VAL A 46 -7.28 -0.48 -6.00
CA VAL A 46 -7.69 0.90 -6.24
C VAL A 46 -8.01 1.64 -4.92
N LYS A 47 -8.49 0.89 -3.90
CA LYS A 47 -8.77 1.45 -2.57
C LYS A 47 -7.46 1.86 -1.86
N LEU A 48 -6.37 1.09 -2.09
CA LEU A 48 -5.02 1.48 -1.62
C LEU A 48 -4.58 2.77 -2.30
N MET A 49 -4.77 2.87 -3.62
CA MET A 49 -4.33 4.04 -4.40
C MET A 49 -5.05 5.34 -3.99
N VAL A 50 -6.36 5.24 -3.65
CA VAL A 50 -7.18 6.40 -3.21
C VAL A 50 -6.86 6.75 -1.74
N TYR A 51 -6.43 5.74 -0.97
CA TYR A 51 -5.97 5.92 0.42
C TYR A 51 -4.71 6.78 0.45
N ILE A 52 -3.69 6.29 -0.23
CA ILE A 52 -2.37 6.92 -0.37
C ILE A 52 -2.48 8.32 -1.05
N ARG A 53 -3.43 8.44 -1.98
CA ARG A 53 -3.79 9.71 -2.66
C ARG A 53 -4.11 10.85 -1.66
N ASP A 54 -4.83 10.51 -0.57
CA ASP A 54 -5.29 11.48 0.45
C ASP A 54 -4.28 11.60 1.61
N GLU A 55 -3.96 10.43 2.18
CA GLU A 55 -3.17 10.31 3.42
C GLU A 55 -1.69 10.67 3.19
N MET A 56 -1.08 10.03 2.17
CA MET A 56 0.30 10.32 1.79
C MET A 56 0.37 11.54 0.84
N GLY A 57 -0.74 11.79 0.12
CA GLY A 57 -0.80 12.81 -0.91
C GLY A 57 -0.07 12.39 -2.17
N VAL A 58 -0.10 11.06 -2.45
CA VAL A 58 0.67 10.43 -3.53
C VAL A 58 -0.28 9.59 -4.41
N SER A 59 -0.33 9.91 -5.71
CA SER A 59 -1.14 9.17 -6.70
C SER A 59 -0.28 8.06 -7.36
N ILE A 60 -0.78 6.81 -7.35
CA ILE A 60 -0.10 5.68 -7.98
C ILE A 60 -0.71 5.42 -9.37
N PRO A 61 0.12 5.40 -10.46
CA PRO A 61 -0.36 5.02 -11.80
C PRO A 61 -0.62 3.49 -11.95
N SER A 62 -1.48 3.15 -12.93
CA SER A 62 -1.93 1.76 -13.18
C SER A 62 -0.79 0.89 -13.74
N THR A 63 0.23 1.54 -14.35
CA THR A 63 1.44 0.86 -14.82
C THR A 63 2.28 0.34 -13.62
N HIS A 64 2.20 1.07 -12.48
CA HIS A 64 2.92 0.70 -11.24
C HIS A 64 2.18 -0.40 -10.47
N ILE A 65 0.93 -0.71 -10.87
CA ILE A 65 0.17 -1.84 -10.31
C ILE A 65 0.76 -3.13 -10.90
N THR A 66 1.77 -3.64 -10.20
CA THR A 66 2.53 -4.82 -10.63
C THR A 66 2.94 -5.63 -9.41
N GLY A 67 3.31 -6.89 -9.68
CA GLY A 67 3.73 -7.81 -8.63
C GLY A 67 5.07 -7.45 -7.99
N LYS A 68 5.91 -6.73 -8.75
CA LYS A 68 7.23 -6.26 -8.28
C LYS A 68 7.11 -5.18 -7.17
N TYR A 69 5.97 -4.47 -7.18
CA TYR A 69 5.66 -3.35 -6.26
C TYR A 69 4.74 -3.80 -5.10
N PHE A 70 3.59 -4.43 -5.43
CA PHE A 70 2.52 -4.71 -4.43
C PHE A 70 2.62 -6.13 -3.84
N LYS A 71 3.81 -6.72 -3.96
CA LYS A 71 4.17 -8.02 -3.37
C LYS A 71 4.15 -7.97 -1.84
N ASP A 72 4.68 -6.87 -1.29
CA ASP A 72 4.75 -6.65 0.16
C ASP A 72 4.80 -5.15 0.44
N LEU A 73 4.63 -4.81 1.70
CA LEU A 73 4.47 -3.42 2.15
C LEU A 73 5.76 -2.57 2.00
N ASN A 74 6.96 -3.22 2.04
CA ASN A 74 8.26 -2.54 1.78
C ASN A 74 8.30 -2.01 0.34
N ALA A 75 7.95 -2.90 -0.60
CA ALA A 75 7.96 -2.61 -2.04
C ALA A 75 6.82 -1.64 -2.44
N ILE A 76 5.69 -1.67 -1.69
CA ILE A 76 4.60 -0.68 -1.84
C ILE A 76 5.06 0.72 -1.41
N SER A 77 5.65 0.78 -0.22
CA SER A 77 6.01 2.07 0.41
C SER A 77 7.19 2.72 -0.33
N ARG A 78 8.07 1.88 -0.92
CA ARG A 78 9.27 2.36 -1.64
C ARG A 78 8.84 3.21 -2.86
N THR A 79 7.77 2.77 -3.55
CA THR A 79 7.25 3.47 -4.72
C THR A 79 6.45 4.70 -4.27
N VAL A 80 5.88 4.66 -3.06
CA VAL A 80 5.18 5.82 -2.48
C VAL A 80 6.21 6.92 -2.12
N GLU A 81 7.43 6.50 -1.71
CA GLU A 81 8.53 7.45 -1.39
C GLU A 81 9.10 8.08 -2.67
N GLN A 82 9.28 7.26 -3.71
CA GLN A 82 9.81 7.70 -5.01
C GLN A 82 8.81 8.63 -5.71
N LEU A 83 7.55 8.22 -5.69
CA LEU A 83 6.44 8.97 -6.31
C LEU A 83 6.14 10.26 -5.52
N LYS A 84 6.35 10.24 -4.17
CA LYS A 84 6.20 11.44 -3.32
C LYS A 84 7.33 12.44 -3.63
N ALA A 85 8.53 11.89 -3.89
CA ALA A 85 9.73 12.69 -4.25
C ALA A 85 9.46 13.46 -5.56
N GLU A 86 8.88 12.76 -6.54
CA GLU A 86 8.49 13.33 -7.84
C GLU A 86 7.32 14.31 -7.69
N SER A 87 6.31 13.92 -6.89
CA SER A 87 5.05 14.67 -6.67
C SER A 87 5.28 15.93 -5.80
N ALA A 88 6.39 15.94 -5.03
CA ALA A 88 6.75 17.09 -4.18
C ALA A 88 7.16 18.28 -5.07
N LEU A 89 7.94 17.97 -6.12
CA LEU A 89 8.41 18.97 -7.10
C LEU A 89 7.36 19.18 -8.21
N GLU A 90 6.51 18.17 -8.46
CA GLU A 90 5.45 18.25 -9.48
C GLU A 90 4.08 18.33 -8.75
N MET A 1 10.39 12.09 6.21
CA MET A 1 10.37 10.69 5.76
C MET A 1 10.31 9.76 6.97
N ASP A 2 9.10 9.30 7.31
CA ASP A 2 8.88 8.32 8.39
C ASP A 2 9.02 6.89 7.83
N GLY A 3 8.28 6.59 6.74
CA GLY A 3 8.31 5.29 6.07
C GLY A 3 7.42 4.25 6.77
N GLU A 4 7.67 4.05 8.08
CA GLU A 4 7.02 3.00 8.89
C GLU A 4 5.55 3.33 9.17
N GLU A 5 5.29 4.62 9.43
CA GLU A 5 3.94 5.12 9.76
C GLU A 5 3.08 5.09 8.47
N VAL A 6 3.71 5.45 7.33
CA VAL A 6 3.14 5.28 5.96
C VAL A 6 2.67 3.85 5.73
N LYS A 7 3.57 2.89 6.00
CA LYS A 7 3.27 1.46 5.84
C LYS A 7 2.11 1.03 6.75
N GLU A 8 2.19 1.41 8.02
CA GLU A 8 1.21 1.03 9.04
C GLU A 8 -0.20 1.57 8.72
N LYS A 9 -0.27 2.77 8.09
CA LYS A 9 -1.51 3.32 7.52
C LYS A 9 -2.17 2.29 6.58
N ILE A 10 -1.39 1.88 5.58
CA ILE A 10 -1.85 1.04 4.47
C ILE A 10 -2.23 -0.36 4.97
N ARG A 11 -1.35 -0.98 5.80
CA ARG A 11 -1.54 -2.35 6.32
C ARG A 11 -2.76 -2.43 7.24
N ARG A 12 -3.02 -1.32 7.95
CA ARG A 12 -4.21 -1.20 8.81
C ARG A 12 -5.45 -1.16 7.94
N TYR A 13 -5.40 -0.37 6.85
CA TYR A 13 -6.53 -0.22 5.90
C TYR A 13 -6.85 -1.57 5.20
N ILE A 14 -5.81 -2.41 5.04
CA ILE A 14 -5.98 -3.78 4.51
C ILE A 14 -6.77 -4.65 5.52
N MET A 15 -6.58 -4.37 6.82
CA MET A 15 -7.31 -5.04 7.91
C MET A 15 -8.72 -4.46 8.11
N GLU A 16 -8.87 -3.13 7.84
CA GLU A 16 -10.13 -2.39 8.07
C GLU A 16 -11.15 -2.73 6.97
N ASP A 17 -10.78 -2.45 5.72
CA ASP A 17 -11.70 -2.52 4.58
C ASP A 17 -11.54 -3.84 3.80
N LEU A 18 -10.30 -4.16 3.41
CA LEU A 18 -10.01 -5.19 2.39
C LEU A 18 -10.28 -6.61 2.93
N ILE A 19 -9.82 -6.89 4.15
CA ILE A 19 -10.05 -8.17 4.86
C ILE A 19 -10.95 -7.90 6.09
N GLY A 20 -11.62 -8.94 6.60
CA GLY A 20 -12.53 -8.83 7.74
C GLY A 20 -12.03 -9.62 8.96
N PRO A 21 -12.59 -10.86 9.23
CA PRO A 21 -12.28 -11.63 10.47
C PRO A 21 -10.94 -12.42 10.38
N SER A 22 -10.35 -12.46 9.18
CA SER A 22 -9.06 -13.12 8.92
C SER A 22 -7.89 -12.13 9.06
N ALA A 23 -8.19 -10.91 9.55
CA ALA A 23 -7.24 -9.83 9.70
C ALA A 23 -6.96 -9.63 11.17
N LYS A 24 -6.24 -10.61 11.75
CA LYS A 24 -5.83 -10.57 13.15
C LYS A 24 -4.88 -9.37 13.36
N GLU A 25 -4.83 -8.87 14.61
CA GLU A 25 -4.09 -7.63 14.98
C GLU A 25 -2.63 -7.57 14.46
N ASP A 26 -2.01 -8.74 14.24
CA ASP A 26 -0.60 -8.85 13.81
C ASP A 26 -0.44 -9.80 12.60
N GLU A 27 -1.55 -10.02 11.85
CA GLU A 27 -1.52 -10.79 10.59
C GLU A 27 -0.84 -9.94 9.52
N LEU A 28 -1.33 -8.71 9.37
CA LEU A 28 -0.79 -7.74 8.43
C LEU A 28 0.39 -7.01 9.09
N ASP A 29 1.53 -7.14 8.42
CA ASP A 29 2.78 -6.47 8.77
C ASP A 29 3.26 -5.76 7.48
N ASP A 30 4.35 -5.01 7.59
CA ASP A 30 4.95 -4.28 6.46
C ASP A 30 5.84 -5.20 5.59
N GLN A 31 6.23 -6.33 6.17
CA GLN A 31 7.05 -7.35 5.49
C GLN A 31 6.20 -8.59 5.16
N THR A 32 4.87 -8.48 5.38
CA THR A 32 3.91 -9.50 4.97
C THR A 32 3.86 -9.59 3.43
N PRO A 33 3.92 -10.83 2.86
CA PRO A 33 3.78 -11.05 1.42
C PRO A 33 2.30 -10.87 1.00
N LEU A 34 1.94 -9.59 0.80
CA LEU A 34 0.54 -9.14 0.61
C LEU A 34 -0.09 -9.81 -0.63
N LEU A 35 0.57 -9.61 -1.77
CA LEU A 35 0.08 -10.09 -3.07
C LEU A 35 0.17 -11.63 -3.18
N GLU A 36 1.12 -12.20 -2.43
CA GLU A 36 1.33 -13.67 -2.35
C GLU A 36 0.11 -14.33 -1.66
N TRP A 37 -0.45 -13.65 -0.65
CA TRP A 37 -1.70 -14.05 0.01
C TRP A 37 -2.91 -13.83 -0.93
N GLY A 38 -2.74 -12.92 -1.92
CA GLY A 38 -3.81 -12.58 -2.87
C GLY A 38 -4.89 -11.69 -2.27
N ILE A 39 -4.55 -11.05 -1.14
CA ILE A 39 -5.44 -10.10 -0.43
C ILE A 39 -5.53 -8.77 -1.20
N LEU A 40 -4.55 -8.54 -2.11
CA LEU A 40 -4.54 -7.38 -3.01
C LEU A 40 -4.79 -7.88 -4.44
N ASN A 41 -5.62 -7.13 -5.19
CA ASN A 41 -5.91 -7.42 -6.60
C ASN A 41 -6.33 -6.12 -7.33
N SER A 42 -6.66 -6.22 -8.62
CA SER A 42 -7.01 -5.05 -9.47
C SER A 42 -8.33 -4.40 -9.03
N MET A 43 -9.24 -5.20 -8.44
CA MET A 43 -10.52 -4.69 -7.89
C MET A 43 -10.26 -3.90 -6.59
N ASN A 44 -9.27 -4.38 -5.84
CA ASN A 44 -8.88 -3.86 -4.54
C ASN A 44 -8.00 -2.61 -4.68
N ILE A 45 -7.19 -2.59 -5.76
CA ILE A 45 -6.05 -1.67 -5.92
C ILE A 45 -6.46 -0.18 -5.79
N VAL A 46 -7.67 0.12 -6.29
CA VAL A 46 -8.20 1.50 -6.35
C VAL A 46 -8.42 2.08 -4.94
N LYS A 47 -8.88 1.24 -3.98
CA LYS A 47 -9.14 1.67 -2.60
C LYS A 47 -7.83 2.03 -1.89
N LEU A 48 -6.77 1.25 -2.18
CA LEU A 48 -5.43 1.54 -1.68
C LEU A 48 -4.90 2.84 -2.29
N MET A 49 -4.97 2.98 -3.62
CA MET A 49 -4.33 4.12 -4.32
C MET A 49 -4.96 5.48 -3.95
N VAL A 50 -6.27 5.48 -3.65
CA VAL A 50 -6.97 6.69 -3.17
C VAL A 50 -6.62 6.96 -1.69
N TYR A 51 -6.36 5.87 -0.92
CA TYR A 51 -5.96 5.95 0.49
C TYR A 51 -4.54 6.57 0.61
N ILE A 52 -3.61 6.15 -0.27
CA ILE A 52 -2.23 6.68 -0.33
C ILE A 52 -2.28 8.14 -0.88
N ARG A 53 -3.19 8.39 -1.83
CA ARG A 53 -3.42 9.74 -2.42
C ARG A 53 -3.96 10.73 -1.38
N ASP A 54 -4.65 10.19 -0.37
CA ASP A 54 -5.25 11.00 0.70
C ASP A 54 -4.23 11.22 1.85
N GLU A 55 -3.74 10.11 2.42
CA GLU A 55 -2.85 10.08 3.59
C GLU A 55 -1.45 10.62 3.26
N MET A 56 -0.76 9.93 2.34
CA MET A 56 0.61 10.29 1.90
C MET A 56 0.58 11.49 0.94
N GLY A 57 -0.56 11.67 0.24
CA GLY A 57 -0.71 12.71 -0.78
C GLY A 57 -0.06 12.30 -2.10
N VAL A 58 -0.08 10.98 -2.40
CA VAL A 58 0.62 10.38 -3.55
C VAL A 58 -0.39 9.65 -4.46
N SER A 59 -0.57 10.16 -5.69
CA SER A 59 -1.42 9.51 -6.70
C SER A 59 -0.56 8.54 -7.52
N ILE A 60 -0.79 7.25 -7.31
CA ILE A 60 0.00 6.17 -7.92
C ILE A 60 -0.47 5.92 -9.37
N PRO A 61 0.42 6.11 -10.41
CA PRO A 61 0.06 5.80 -11.82
C PRO A 61 -0.06 4.27 -12.05
N SER A 62 -0.98 3.85 -12.95
CA SER A 62 -1.37 2.44 -13.16
C SER A 62 -0.19 1.55 -13.59
N THR A 63 0.77 2.13 -14.32
CA THR A 63 1.99 1.45 -14.75
C THR A 63 2.88 1.05 -13.53
N HIS A 64 2.82 1.84 -12.44
CA HIS A 64 3.60 1.60 -11.21
C HIS A 64 2.95 0.55 -10.30
N ILE A 65 1.71 0.12 -10.65
CA ILE A 65 1.11 -1.08 -10.03
C ILE A 65 1.65 -2.29 -10.79
N THR A 66 2.36 -3.13 -10.05
CA THR A 66 2.93 -4.38 -10.54
C THR A 66 3.14 -5.33 -9.35
N GLY A 67 3.36 -6.62 -9.67
CA GLY A 67 3.55 -7.66 -8.64
C GLY A 67 4.92 -7.63 -7.98
N LYS A 68 5.75 -6.67 -8.40
CA LYS A 68 7.05 -6.37 -7.81
C LYS A 68 6.91 -5.43 -6.59
N TYR A 69 6.11 -4.35 -6.76
CA TYR A 69 5.91 -3.32 -5.71
C TYR A 69 4.86 -3.77 -4.69
N PHE A 70 3.70 -4.25 -5.16
CA PHE A 70 2.57 -4.63 -4.27
C PHE A 70 2.71 -6.06 -3.70
N LYS A 71 3.92 -6.62 -3.87
CA LYS A 71 4.34 -7.91 -3.34
C LYS A 71 4.46 -7.84 -1.80
N ASP A 72 5.19 -6.81 -1.32
CA ASP A 72 5.37 -6.50 0.11
C ASP A 72 5.15 -5.01 0.29
N LEU A 73 4.81 -4.62 1.51
CA LEU A 73 4.44 -3.23 1.84
C LEU A 73 5.69 -2.32 1.94
N ASN A 74 6.87 -2.90 2.16
CA ASN A 74 8.15 -2.17 2.04
C ASN A 74 8.42 -1.77 0.58
N ALA A 75 8.03 -2.64 -0.35
CA ALA A 75 8.15 -2.38 -1.79
C ALA A 75 7.07 -1.38 -2.25
N ILE A 76 5.91 -1.39 -1.57
CA ILE A 76 4.86 -0.36 -1.77
C ILE A 76 5.33 1.00 -1.23
N SER A 77 6.05 0.97 -0.09
CA SER A 77 6.50 2.19 0.59
C SER A 77 7.53 2.92 -0.26
N ARG A 78 8.47 2.17 -0.87
CA ARG A 78 9.59 2.74 -1.61
C ARG A 78 9.13 3.39 -2.92
N THR A 79 8.05 2.83 -3.54
CA THR A 79 7.45 3.45 -4.72
C THR A 79 6.63 4.68 -4.28
N VAL A 80 6.02 4.66 -3.08
CA VAL A 80 5.29 5.83 -2.52
C VAL A 80 6.27 6.97 -2.21
N GLU A 81 7.48 6.61 -1.73
CA GLU A 81 8.54 7.57 -1.40
C GLU A 81 8.99 8.33 -2.65
N GLN A 82 9.22 7.57 -3.72
CA GLN A 82 9.68 8.12 -5.01
C GLN A 82 8.55 8.88 -5.74
N LEU A 83 7.35 8.28 -5.79
CA LEU A 83 6.15 8.86 -6.44
C LEU A 83 5.70 10.16 -5.72
N LYS A 84 6.01 10.26 -4.41
CA LYS A 84 5.73 11.46 -3.62
C LYS A 84 6.65 12.61 -4.06
N ALA A 85 7.92 12.25 -4.33
CA ALA A 85 8.94 13.20 -4.78
C ALA A 85 8.64 13.67 -6.21
N GLU A 86 8.20 12.73 -7.06
CA GLU A 86 7.86 13.02 -8.46
C GLU A 86 6.62 13.92 -8.55
N SER A 87 5.62 13.63 -7.69
CA SER A 87 4.37 14.42 -7.62
C SER A 87 4.54 15.73 -6.82
N ALA A 88 5.64 15.84 -6.07
CA ALA A 88 6.02 17.09 -5.39
C ALA A 88 6.67 18.07 -6.38
N LEU A 89 7.47 17.51 -7.31
CA LEU A 89 8.24 18.29 -8.30
C LEU A 89 7.47 18.49 -9.65
N GLU A 90 6.40 17.69 -9.90
CA GLU A 90 5.61 17.83 -11.17
C GLU A 90 4.81 19.16 -11.18
N MET A 1 4.00 11.01 11.19
CA MET A 1 4.25 10.39 9.88
C MET A 1 5.75 9.99 9.78
N ASP A 2 6.07 8.84 10.39
CA ASP A 2 7.41 8.23 10.34
C ASP A 2 7.50 7.26 9.15
N GLY A 3 8.70 6.74 8.87
CA GLY A 3 8.90 5.69 7.88
C GLY A 3 8.06 4.45 8.18
N GLU A 4 8.22 3.88 9.40
CA GLU A 4 7.48 2.67 9.85
C GLU A 4 5.97 2.94 9.90
N GLU A 5 5.59 4.20 10.24
CA GLU A 5 4.20 4.65 10.24
C GLU A 5 3.59 4.48 8.85
N VAL A 6 4.24 5.03 7.80
CA VAL A 6 3.75 4.95 6.39
C VAL A 6 3.35 3.50 6.02
N LYS A 7 4.27 2.56 6.27
CA LYS A 7 4.05 1.13 6.00
C LYS A 7 2.85 0.59 6.78
N GLU A 8 2.89 0.73 8.12
CA GLU A 8 1.91 0.10 8.99
C GLU A 8 0.49 0.69 8.78
N LYS A 9 0.41 1.99 8.44
CA LYS A 9 -0.85 2.71 8.12
C LYS A 9 -1.59 1.97 7.00
N ILE A 10 -0.82 1.69 5.93
CA ILE A 10 -1.32 0.97 4.76
C ILE A 10 -1.83 -0.42 5.16
N ARG A 11 -1.06 -1.18 5.99
CA ARG A 11 -1.47 -2.55 6.39
C ARG A 11 -2.75 -2.57 7.21
N ARG A 12 -3.00 -1.49 7.98
CA ARG A 12 -4.20 -1.37 8.80
C ARG A 12 -5.43 -1.20 7.92
N TYR A 13 -5.30 -0.40 6.85
CA TYR A 13 -6.38 -0.18 5.90
C TYR A 13 -6.70 -1.46 5.11
N ILE A 14 -5.67 -2.30 4.92
CA ILE A 14 -5.82 -3.64 4.33
C ILE A 14 -6.65 -4.55 5.27
N MET A 15 -6.50 -4.34 6.58
CA MET A 15 -7.28 -5.06 7.61
C MET A 15 -8.74 -4.55 7.66
N GLU A 16 -8.90 -3.22 7.53
CA GLU A 16 -10.21 -2.53 7.64
C GLU A 16 -11.06 -2.80 6.39
N ASP A 17 -10.64 -2.21 5.27
CA ASP A 17 -11.40 -2.18 4.02
C ASP A 17 -11.25 -3.50 3.23
N LEU A 18 -9.99 -3.83 2.89
CA LEU A 18 -9.66 -4.89 1.89
C LEU A 18 -10.12 -6.28 2.37
N ILE A 19 -9.62 -6.72 3.53
CA ILE A 19 -9.91 -8.06 4.08
C ILE A 19 -11.10 -8.00 5.03
N GLY A 20 -10.83 -7.74 6.33
CA GLY A 20 -11.88 -7.72 7.36
C GLY A 20 -11.69 -8.84 8.40
N PRO A 21 -12.18 -10.09 8.12
CA PRO A 21 -12.22 -11.20 9.09
C PRO A 21 -10.88 -11.94 9.26
N SER A 22 -10.20 -12.24 8.13
CA SER A 22 -8.91 -12.99 8.14
C SER A 22 -7.71 -12.05 8.40
N ALA A 23 -7.99 -10.86 8.95
CA ALA A 23 -7.02 -9.82 9.23
C ALA A 23 -7.04 -9.57 10.74
N LYS A 24 -6.36 -10.47 11.47
CA LYS A 24 -6.26 -10.41 12.93
C LYS A 24 -5.42 -9.21 13.35
N GLU A 25 -5.41 -8.94 14.67
CA GLU A 25 -4.72 -7.79 15.29
C GLU A 25 -3.21 -7.73 14.94
N ASP A 26 -2.64 -8.86 14.45
CA ASP A 26 -1.20 -8.96 14.15
C ASP A 26 -0.98 -9.92 12.94
N GLU A 27 -1.90 -9.87 11.96
CA GLU A 27 -1.78 -10.65 10.70
C GLU A 27 -0.99 -9.86 9.65
N LEU A 28 -1.51 -8.66 9.31
CA LEU A 28 -0.89 -7.76 8.34
C LEU A 28 0.28 -7.05 9.03
N ASP A 29 1.43 -7.10 8.37
CA ASP A 29 2.71 -6.61 8.92
C ASP A 29 3.58 -5.99 7.82
N ASP A 30 4.73 -5.48 8.25
CA ASP A 30 5.68 -4.71 7.41
C ASP A 30 6.25 -5.54 6.25
N GLN A 31 6.47 -6.83 6.52
CA GLN A 31 7.09 -7.77 5.57
C GLN A 31 6.10 -8.89 5.23
N THR A 32 4.80 -8.57 5.34
CA THR A 32 3.72 -9.42 4.85
C THR A 32 3.67 -9.35 3.29
N PRO A 33 3.78 -10.52 2.60
CA PRO A 33 3.68 -10.59 1.12
C PRO A 33 2.23 -10.42 0.63
N LEU A 34 1.89 -9.21 0.17
CA LEU A 34 0.52 -8.85 -0.25
C LEU A 34 0.02 -9.73 -1.44
N LEU A 35 0.93 -10.07 -2.41
CA LEU A 35 0.56 -10.92 -3.56
C LEU A 35 0.35 -12.39 -3.15
N GLU A 36 1.19 -12.87 -2.21
CA GLU A 36 1.12 -14.27 -1.72
C GLU A 36 -0.20 -14.51 -0.97
N TRP A 37 -0.70 -13.47 -0.32
CA TRP A 37 -2.02 -13.45 0.33
C TRP A 37 -3.16 -13.33 -0.72
N GLY A 38 -2.83 -12.81 -1.93
CA GLY A 38 -3.80 -12.70 -3.03
C GLY A 38 -4.88 -11.67 -2.79
N ILE A 39 -4.57 -10.71 -1.90
CA ILE A 39 -5.50 -9.71 -1.38
C ILE A 39 -5.52 -8.44 -2.26
N LEU A 40 -4.59 -8.34 -3.23
CA LEU A 40 -4.48 -7.14 -4.10
C LEU A 40 -5.01 -7.46 -5.53
N ASN A 41 -6.26 -7.00 -5.75
CA ASN A 41 -7.02 -7.18 -6.99
C ASN A 41 -7.61 -5.82 -7.43
N SER A 42 -8.17 -5.74 -8.66
CA SER A 42 -8.70 -4.49 -9.27
C SER A 42 -9.76 -3.80 -8.40
N MET A 43 -10.50 -4.60 -7.61
CA MET A 43 -11.57 -4.09 -6.75
C MET A 43 -11.01 -3.20 -5.62
N ASN A 44 -10.06 -3.76 -4.88
CA ASN A 44 -9.50 -3.13 -3.67
C ASN A 44 -8.28 -2.22 -3.97
N ILE A 45 -7.70 -2.36 -5.18
CA ILE A 45 -6.45 -1.65 -5.56
C ILE A 45 -6.66 -0.12 -5.50
N VAL A 46 -7.84 0.35 -5.98
CA VAL A 46 -8.17 1.77 -6.07
C VAL A 46 -8.28 2.40 -4.67
N LYS A 47 -8.73 1.59 -3.68
CA LYS A 47 -8.84 2.05 -2.27
C LYS A 47 -7.44 2.26 -1.65
N LEU A 48 -6.43 1.49 -2.08
CA LEU A 48 -5.03 1.73 -1.67
C LEU A 48 -4.48 2.97 -2.38
N MET A 49 -4.72 3.07 -3.70
CA MET A 49 -4.22 4.16 -4.55
C MET A 49 -4.75 5.55 -4.09
N VAL A 50 -5.96 5.58 -3.51
CA VAL A 50 -6.56 6.81 -2.91
C VAL A 50 -6.08 7.00 -1.45
N TYR A 51 -5.79 5.88 -0.75
CA TYR A 51 -5.36 5.90 0.65
C TYR A 51 -3.96 6.55 0.75
N ILE A 52 -3.02 6.02 -0.03
CA ILE A 52 -1.66 6.57 -0.19
C ILE A 52 -1.74 8.02 -0.75
N ARG A 53 -2.73 8.29 -1.63
CA ARG A 53 -2.97 9.64 -2.21
C ARG A 53 -3.32 10.69 -1.13
N ASP A 54 -3.98 10.26 -0.05
CA ASP A 54 -4.41 11.18 1.02
C ASP A 54 -3.42 11.18 2.20
N GLU A 55 -3.13 9.98 2.72
CA GLU A 55 -2.23 9.77 3.87
C GLU A 55 -0.77 10.15 3.55
N MET A 56 -0.15 9.45 2.57
CA MET A 56 1.22 9.76 2.12
C MET A 56 1.23 11.04 1.24
N GLY A 57 0.06 11.36 0.64
CA GLY A 57 -0.08 12.49 -0.29
C GLY A 57 0.56 12.18 -1.64
N VAL A 58 0.40 10.92 -2.10
CA VAL A 58 1.11 10.39 -3.28
C VAL A 58 0.16 9.55 -4.16
N SER A 59 0.05 9.90 -5.44
CA SER A 59 -0.77 9.13 -6.40
C SER A 59 0.06 8.03 -7.07
N ILE A 60 -0.47 6.78 -7.06
CA ILE A 60 0.13 5.63 -7.76
C ILE A 60 -0.57 5.47 -9.13
N PRO A 61 0.16 5.62 -10.28
CA PRO A 61 -0.43 5.36 -11.62
C PRO A 61 -0.68 3.86 -11.89
N SER A 62 -1.55 3.59 -12.88
CA SER A 62 -1.92 2.22 -13.31
C SER A 62 -0.74 1.52 -14.02
N THR A 63 0.22 2.33 -14.53
CA THR A 63 1.45 1.83 -15.16
C THR A 63 2.49 1.38 -14.08
N HIS A 64 2.17 1.59 -12.78
CA HIS A 64 3.02 1.17 -11.64
C HIS A 64 2.29 0.18 -10.72
N ILE A 65 1.08 -0.28 -11.15
CA ILE A 65 0.37 -1.36 -10.44
C ILE A 65 0.98 -2.71 -10.88
N THR A 66 2.04 -3.12 -10.15
CA THR A 66 2.84 -4.30 -10.49
C THR A 66 3.49 -4.91 -9.23
N GLY A 67 3.66 -6.25 -9.27
CA GLY A 67 3.97 -7.06 -8.08
C GLY A 67 5.35 -6.82 -7.46
N LYS A 68 6.27 -6.23 -8.24
CA LYS A 68 7.61 -5.84 -7.75
C LYS A 68 7.51 -4.72 -6.68
N TYR A 69 6.53 -3.81 -6.87
CA TYR A 69 6.30 -2.65 -5.98
C TYR A 69 5.28 -3.00 -4.88
N PHE A 70 4.35 -3.91 -5.18
CA PHE A 70 3.25 -4.28 -4.27
C PHE A 70 3.55 -5.56 -3.48
N LYS A 71 4.82 -5.99 -3.53
CA LYS A 71 5.32 -7.26 -2.95
C LYS A 71 5.11 -7.29 -1.43
N ASP A 72 5.60 -6.24 -0.78
CA ASP A 72 5.50 -6.03 0.67
C ASP A 72 5.49 -4.53 0.95
N LEU A 73 5.26 -4.13 2.20
CA LEU A 73 5.10 -2.72 2.59
C LEU A 73 6.37 -1.91 2.40
N ASN A 74 7.54 -2.55 2.53
CA ASN A 74 8.81 -1.87 2.31
C ASN A 74 8.94 -1.48 0.82
N ALA A 75 8.49 -2.41 -0.04
CA ALA A 75 8.43 -2.21 -1.51
C ALA A 75 7.35 -1.18 -1.90
N ILE A 76 6.24 -1.14 -1.13
CA ILE A 76 5.17 -0.13 -1.28
C ILE A 76 5.75 1.27 -1.03
N SER A 77 6.33 1.44 0.17
CA SER A 77 6.76 2.75 0.68
C SER A 77 7.91 3.32 -0.16
N ARG A 78 8.81 2.44 -0.65
CA ARG A 78 9.99 2.86 -1.43
C ARG A 78 9.56 3.43 -2.79
N THR A 79 8.54 2.79 -3.44
CA THR A 79 8.02 3.25 -4.72
C THR A 79 7.15 4.50 -4.52
N VAL A 80 6.51 4.61 -3.34
CA VAL A 80 5.68 5.78 -2.95
C VAL A 80 6.57 7.03 -2.75
N GLU A 81 7.78 6.84 -2.20
CA GLU A 81 8.78 7.92 -2.05
C GLU A 81 9.22 8.43 -3.44
N GLN A 82 9.38 7.49 -4.37
CA GLN A 82 9.74 7.79 -5.77
C GLN A 82 8.57 8.51 -6.46
N LEU A 83 7.35 7.97 -6.27
CA LEU A 83 6.11 8.48 -6.86
C LEU A 83 5.72 9.85 -6.26
N LYS A 84 6.25 10.16 -5.07
CA LYS A 84 6.08 11.47 -4.41
C LYS A 84 6.92 12.52 -5.14
N ALA A 85 8.11 12.08 -5.61
CA ALA A 85 9.02 12.90 -6.43
C ALA A 85 8.43 13.12 -7.84
N GLU A 86 7.73 12.09 -8.33
CA GLU A 86 7.08 12.10 -9.66
C GLU A 86 5.82 13.00 -9.64
N SER A 87 5.06 12.94 -8.54
CA SER A 87 3.91 13.82 -8.31
C SER A 87 4.38 15.28 -8.12
N ALA A 88 5.59 15.45 -7.53
CA ALA A 88 6.20 16.77 -7.29
C ALA A 88 6.62 17.45 -8.62
N LEU A 89 6.88 16.62 -9.67
CA LEU A 89 7.17 17.11 -11.04
C LEU A 89 5.93 17.81 -11.65
N GLU A 90 4.74 17.38 -11.21
CA GLU A 90 3.44 17.85 -11.72
C GLU A 90 2.87 18.94 -10.78
N MET A 1 10.60 11.93 7.69
CA MET A 1 11.64 10.86 7.75
C MET A 1 11.10 9.58 8.38
N ASP A 2 9.90 9.65 8.97
CA ASP A 2 9.18 8.48 9.50
C ASP A 2 8.57 7.71 8.32
N GLY A 3 9.39 6.82 7.71
CA GLY A 3 8.93 5.99 6.59
C GLY A 3 7.84 5.00 7.01
N GLU A 4 7.86 4.64 8.30
CA GLU A 4 6.90 3.72 8.94
C GLU A 4 5.45 4.26 8.92
N GLU A 5 5.29 5.60 8.77
CA GLU A 5 3.97 6.24 8.77
C GLU A 5 3.14 5.71 7.59
N VAL A 6 3.81 5.54 6.45
CA VAL A 6 3.22 5.04 5.21
C VAL A 6 2.87 3.56 5.38
N LYS A 7 3.85 2.80 5.91
CA LYS A 7 3.73 1.35 6.11
C LYS A 7 2.55 0.99 7.03
N GLU A 8 2.47 1.63 8.20
CA GLU A 8 1.51 1.27 9.25
C GLU A 8 0.07 1.71 8.87
N LYS A 9 -0.05 2.83 8.17
CA LYS A 9 -1.34 3.34 7.68
C LYS A 9 -1.93 2.39 6.63
N ILE A 10 -1.14 2.09 5.59
CA ILE A 10 -1.58 1.23 4.48
C ILE A 10 -1.91 -0.17 5.00
N ARG A 11 -1.06 -0.73 5.90
CA ARG A 11 -1.22 -2.11 6.39
C ARG A 11 -2.53 -2.24 7.17
N ARG A 12 -2.89 -1.16 7.89
CA ARG A 12 -4.09 -1.12 8.73
C ARG A 12 -5.35 -1.01 7.87
N TYR A 13 -5.24 -0.27 6.74
CA TYR A 13 -6.36 -0.12 5.78
C TYR A 13 -6.63 -1.44 5.03
N ILE A 14 -5.56 -2.20 4.77
CA ILE A 14 -5.66 -3.54 4.18
C ILE A 14 -6.46 -4.46 5.11
N MET A 15 -6.21 -4.31 6.42
CA MET A 15 -6.89 -5.09 7.47
C MET A 15 -8.39 -4.76 7.57
N GLU A 16 -8.73 -3.48 7.35
CA GLU A 16 -10.11 -2.98 7.41
C GLU A 16 -10.89 -3.29 6.13
N ASP A 17 -10.53 -2.58 5.06
CA ASP A 17 -11.33 -2.50 3.83
C ASP A 17 -11.13 -3.72 2.92
N LEU A 18 -9.85 -4.05 2.63
CA LEU A 18 -9.49 -5.09 1.67
C LEU A 18 -9.85 -6.49 2.21
N ILE A 19 -9.36 -6.80 3.42
CA ILE A 19 -9.59 -8.10 4.07
C ILE A 19 -10.88 -8.01 4.91
N GLY A 20 -10.75 -7.55 6.17
CA GLY A 20 -11.87 -7.42 7.07
C GLY A 20 -11.72 -8.27 8.33
N PRO A 21 -12.12 -9.59 8.28
CA PRO A 21 -12.26 -10.44 9.47
C PRO A 21 -10.94 -11.12 9.92
N SER A 22 -10.28 -11.89 9.02
CA SER A 22 -9.01 -12.57 9.33
C SER A 22 -7.84 -11.59 9.13
N ALA A 23 -7.79 -10.58 10.01
CA ALA A 23 -6.78 -9.53 9.97
C ALA A 23 -6.48 -9.03 11.39
N LYS A 24 -5.70 -9.84 12.14
CA LYS A 24 -5.29 -9.51 13.51
C LYS A 24 -4.23 -8.38 13.50
N GLU A 25 -4.02 -7.71 14.65
CA GLU A 25 -3.33 -6.40 14.76
C GLU A 25 -1.96 -6.34 14.04
N ASP A 26 -1.25 -7.48 14.03
CA ASP A 26 0.12 -7.57 13.47
C ASP A 26 0.22 -8.70 12.43
N GLU A 27 -0.90 -9.02 11.78
CA GLU A 27 -0.94 -9.99 10.67
C GLU A 27 -0.43 -9.34 9.38
N LEU A 28 -0.73 -8.04 9.21
CA LEU A 28 -0.23 -7.24 8.09
C LEU A 28 1.00 -6.47 8.56
N ASP A 29 2.14 -6.88 8.00
CA ASP A 29 3.48 -6.32 8.32
C ASP A 29 4.15 -5.83 7.05
N ASP A 30 5.37 -5.32 7.20
CA ASP A 30 6.18 -4.82 6.10
C ASP A 30 6.56 -5.96 5.16
N GLN A 31 6.81 -7.16 5.72
CA GLN A 31 7.36 -8.29 4.96
C GLN A 31 6.29 -9.37 4.73
N THR A 32 5.01 -8.98 4.94
CA THR A 32 3.84 -9.80 4.63
C THR A 32 3.61 -9.80 3.10
N PRO A 33 3.58 -11.01 2.46
CA PRO A 33 3.38 -11.15 1.01
C PRO A 33 1.91 -10.83 0.59
N LEU A 34 1.66 -9.54 0.33
CA LEU A 34 0.32 -9.01 0.03
C LEU A 34 -0.30 -9.67 -1.22
N LEU A 35 0.45 -9.61 -2.33
CA LEU A 35 -0.01 -10.11 -3.64
C LEU A 35 -0.22 -11.63 -3.59
N GLU A 36 0.64 -12.30 -2.83
CA GLU A 36 0.60 -13.76 -2.61
C GLU A 36 -0.69 -14.11 -1.83
N TRP A 37 -1.07 -13.25 -0.87
CA TRP A 37 -2.30 -13.42 -0.07
C TRP A 37 -3.57 -13.23 -0.94
N GLY A 38 -3.40 -12.59 -2.10
CA GLY A 38 -4.50 -12.31 -3.03
C GLY A 38 -5.46 -11.26 -2.47
N ILE A 39 -4.93 -10.42 -1.59
CA ILE A 39 -5.67 -9.30 -0.97
C ILE A 39 -5.60 -8.05 -1.86
N LEU A 40 -4.70 -8.09 -2.87
CA LEU A 40 -4.53 -7.01 -3.85
C LEU A 40 -5.10 -7.48 -5.20
N ASN A 41 -6.29 -6.97 -5.52
CA ASN A 41 -7.00 -7.26 -6.78
C ASN A 41 -7.32 -5.95 -7.49
N SER A 42 -7.59 -6.05 -8.80
CA SER A 42 -7.79 -4.89 -9.71
C SER A 42 -8.93 -3.93 -9.26
N MET A 43 -9.90 -4.46 -8.51
CA MET A 43 -11.02 -3.65 -8.00
C MET A 43 -10.65 -2.97 -6.66
N ASN A 44 -10.00 -3.70 -5.74
CA ASN A 44 -9.70 -3.17 -4.38
C ASN A 44 -8.36 -2.39 -4.32
N ILE A 45 -7.55 -2.50 -5.38
CA ILE A 45 -6.24 -1.82 -5.44
C ILE A 45 -6.43 -0.28 -5.54
N VAL A 46 -7.52 0.14 -6.22
CA VAL A 46 -7.87 1.57 -6.35
C VAL A 46 -8.25 2.17 -4.98
N LYS A 47 -8.69 1.30 -4.05
CA LYS A 47 -9.01 1.69 -2.68
C LYS A 47 -7.72 2.11 -1.95
N LEU A 48 -6.63 1.36 -2.20
CA LEU A 48 -5.30 1.73 -1.72
C LEU A 48 -4.86 3.06 -2.36
N MET A 49 -4.98 3.17 -3.70
CA MET A 49 -4.54 4.37 -4.45
C MET A 49 -5.16 5.67 -3.89
N VAL A 50 -6.48 5.62 -3.62
CA VAL A 50 -7.23 6.78 -3.09
C VAL A 50 -6.88 7.04 -1.61
N TYR A 51 -6.62 5.96 -0.84
CA TYR A 51 -6.23 6.04 0.58
C TYR A 51 -4.91 6.81 0.71
N ILE A 52 -3.91 6.34 -0.04
CA ILE A 52 -2.54 6.84 -0.05
C ILE A 52 -2.49 8.27 -0.63
N ARG A 53 -3.39 8.54 -1.59
CA ARG A 53 -3.54 9.87 -2.20
C ARG A 53 -4.07 10.90 -1.17
N ASP A 54 -4.84 10.44 -0.18
CA ASP A 54 -5.41 11.30 0.87
C ASP A 54 -4.42 11.46 2.05
N GLU A 55 -3.92 10.31 2.53
CA GLU A 55 -3.01 10.22 3.68
C GLU A 55 -1.59 10.72 3.31
N MET A 56 -0.88 9.96 2.44
CA MET A 56 0.52 10.28 2.09
C MET A 56 0.58 11.44 1.06
N GLY A 57 -0.50 11.57 0.26
CA GLY A 57 -0.56 12.55 -0.82
C GLY A 57 0.12 12.09 -2.11
N VAL A 58 0.02 10.78 -2.42
CA VAL A 58 0.64 10.17 -3.62
C VAL A 58 -0.42 9.45 -4.47
N SER A 59 -0.46 9.78 -5.76
CA SER A 59 -1.20 9.01 -6.76
C SER A 59 -0.24 7.98 -7.37
N ILE A 60 -0.59 6.70 -7.31
CA ILE A 60 0.23 5.62 -7.89
C ILE A 60 -0.19 5.42 -9.37
N PRO A 61 0.74 5.64 -10.36
CA PRO A 61 0.44 5.40 -11.79
C PRO A 61 0.39 3.88 -12.10
N SER A 62 -0.47 3.49 -13.07
CA SER A 62 -0.72 2.07 -13.43
C SER A 62 0.55 1.32 -13.88
N THR A 63 1.52 2.08 -14.44
CA THR A 63 2.84 1.56 -14.86
C THR A 63 3.62 0.98 -13.65
N HIS A 64 3.38 1.56 -12.47
CA HIS A 64 4.09 1.22 -11.22
C HIS A 64 3.42 0.03 -10.51
N ILE A 65 2.20 -0.33 -10.97
CA ILE A 65 1.50 -1.53 -10.48
C ILE A 65 2.14 -2.76 -11.13
N THR A 66 2.96 -3.45 -10.35
CA THR A 66 3.61 -4.71 -10.74
C THR A 66 3.93 -5.49 -9.46
N GLY A 67 4.06 -6.83 -9.62
CA GLY A 67 4.31 -7.73 -8.49
C GLY A 67 5.60 -7.43 -7.73
N LYS A 68 6.54 -6.74 -8.39
CA LYS A 68 7.80 -6.30 -7.78
C LYS A 68 7.56 -5.34 -6.60
N TYR A 69 6.65 -4.37 -6.79
CA TYR A 69 6.32 -3.37 -5.76
C TYR A 69 5.12 -3.82 -4.90
N PHE A 70 4.29 -4.73 -5.43
CA PHE A 70 3.04 -5.13 -4.76
C PHE A 70 3.16 -6.50 -4.09
N LYS A 71 4.40 -7.03 -4.00
CA LYS A 71 4.68 -8.30 -3.31
C LYS A 71 4.50 -8.15 -1.79
N ASP A 72 5.04 -7.06 -1.22
CA ASP A 72 5.08 -6.80 0.23
C ASP A 72 4.74 -5.34 0.50
N LEU A 73 4.31 -5.05 1.74
CA LEU A 73 4.09 -3.67 2.23
C LEU A 73 5.39 -2.85 2.21
N ASN A 74 6.52 -3.57 2.35
CA ASN A 74 7.87 -3.00 2.30
C ASN A 74 8.09 -2.33 0.94
N ALA A 75 7.72 -3.09 -0.09
CA ALA A 75 7.87 -2.72 -1.49
C ALA A 75 6.81 -1.69 -1.91
N ILE A 76 5.59 -1.79 -1.30
CA ILE A 76 4.49 -0.80 -1.49
C ILE A 76 4.94 0.58 -1.01
N SER A 77 5.48 0.62 0.19
CA SER A 77 5.82 1.87 0.87
C SER A 77 7.09 2.47 0.27
N ARG A 78 8.09 1.62 -0.03
CA ARG A 78 9.40 2.10 -0.51
C ARG A 78 9.26 2.78 -1.88
N THR A 79 8.26 2.34 -2.67
CA THR A 79 7.95 2.97 -3.95
C THR A 79 7.08 4.22 -3.73
N VAL A 80 6.16 4.18 -2.74
CA VAL A 80 5.25 5.32 -2.41
C VAL A 80 6.02 6.51 -1.83
N GLU A 81 7.09 6.22 -1.10
CA GLU A 81 7.98 7.24 -0.52
C GLU A 81 8.76 7.99 -1.64
N GLN A 82 8.95 7.27 -2.75
CA GLN A 82 9.49 7.83 -4.01
C GLN A 82 8.36 8.52 -4.81
N LEU A 83 7.19 7.86 -4.88
CA LEU A 83 6.02 8.31 -5.68
C LEU A 83 5.38 9.54 -5.07
N LYS A 84 5.62 9.77 -3.77
CA LYS A 84 5.13 10.96 -3.07
C LYS A 84 5.88 12.18 -3.58
N ALA A 85 7.19 12.00 -3.80
CA ALA A 85 8.07 13.02 -4.37
C ALA A 85 7.66 13.31 -5.83
N GLU A 86 7.45 12.22 -6.58
CA GLU A 86 7.12 12.29 -8.02
C GLU A 86 5.71 12.87 -8.24
N SER A 87 4.79 12.61 -7.30
CA SER A 87 3.41 13.12 -7.37
C SER A 87 3.32 14.54 -6.80
N ALA A 88 4.30 14.92 -5.93
CA ALA A 88 4.41 16.28 -5.36
C ALA A 88 4.92 17.25 -6.42
N LEU A 89 5.90 16.78 -7.22
CA LEU A 89 6.46 17.53 -8.38
C LEU A 89 5.52 17.44 -9.61
N GLU A 90 4.41 16.72 -9.49
CA GLU A 90 3.37 16.65 -10.52
C GLU A 90 2.23 17.60 -10.13
#